data_2DLE
#
_entry.id   2DLE
#
_entity_poly.entity_id   1
_entity_poly.type   'polypeptide(L)'
_entity_poly.pdbx_seq_one_letter_code
;GSSGSSGAIQVFDVTAVNISATSLTLIWKVSDNESSSNYTYKIHVAGETDSSNLNVSEPRAVIPGLRSSTFYNITVCPVL
GDIEGTPGFLQVHTPPVPSGPSSG
;
_entity_poly.pdbx_strand_id   A
#
# COMPACT_ATOMS: atom_id res chain seq x y z
N GLY A 1 -8.32 10.98 -30.79
CA GLY A 1 -6.87 10.97 -30.70
C GLY A 1 -6.28 9.61 -31.05
N SER A 2 -6.21 8.73 -30.05
CA SER A 2 -5.67 7.40 -30.26
C SER A 2 -6.25 6.41 -29.25
N SER A 3 -5.92 5.13 -29.42
CA SER A 3 -6.41 4.09 -28.52
C SER A 3 -5.38 2.98 -28.38
N GLY A 4 -4.79 2.87 -27.19
CA GLY A 4 -3.79 1.84 -26.95
C GLY A 4 -3.53 1.64 -25.47
N SER A 5 -2.88 2.61 -24.84
CA SER A 5 -2.56 2.54 -23.42
C SER A 5 -3.69 3.12 -22.57
N SER A 6 -4.15 4.30 -22.94
CA SER A 6 -5.23 4.97 -22.22
C SER A 6 -6.44 4.05 -22.08
N GLY A 7 -6.98 3.97 -20.87
CA GLY A 7 -8.13 3.13 -20.62
C GLY A 7 -7.79 1.90 -19.80
N ALA A 8 -7.40 2.11 -18.55
CA ALA A 8 -7.04 1.01 -17.66
C ALA A 8 -6.89 1.50 -16.22
N ILE A 9 -7.24 0.64 -15.28
CA ILE A 9 -7.15 0.97 -13.86
C ILE A 9 -5.74 0.71 -13.33
N GLN A 10 -5.04 1.79 -12.99
CA GLN A 10 -3.68 1.67 -12.47
C GLN A 10 -3.49 2.56 -11.23
N VAL A 11 -2.89 2.00 -10.19
CA VAL A 11 -2.65 2.73 -8.96
C VAL A 11 -1.36 3.53 -9.03
N PHE A 12 -1.50 4.86 -9.10
CA PHE A 12 -0.33 5.73 -9.18
C PHE A 12 -0.33 6.74 -8.03
N ASP A 13 0.81 7.38 -7.81
CA ASP A 13 0.94 8.37 -6.75
C ASP A 13 0.94 7.69 -5.38
N VAL A 14 1.50 6.48 -5.33
CA VAL A 14 1.57 5.73 -4.08
C VAL A 14 2.64 6.30 -3.15
N THR A 15 2.20 6.85 -2.03
CA THR A 15 3.12 7.44 -1.05
C THR A 15 2.64 7.18 0.37
N ALA A 16 3.56 7.30 1.33
CA ALA A 16 3.23 7.08 2.73
C ALA A 16 3.00 8.40 3.45
N VAL A 17 1.77 8.64 3.87
CA VAL A 17 1.41 9.87 4.57
C VAL A 17 2.07 9.92 5.94
N ASN A 18 2.24 8.76 6.55
CA ASN A 18 2.85 8.66 7.87
C ASN A 18 3.56 7.32 8.06
N ILE A 19 4.81 7.38 8.50
CA ILE A 19 5.60 6.17 8.72
C ILE A 19 6.12 6.11 10.15
N SER A 20 5.44 5.32 10.98
CA SER A 20 5.84 5.18 12.38
C SER A 20 6.73 3.95 12.56
N ALA A 21 7.08 3.66 13.81
CA ALA A 21 7.93 2.52 14.13
C ALA A 21 7.13 1.22 14.09
N THR A 22 5.91 1.27 14.61
CA THR A 22 5.05 0.09 14.64
C THR A 22 3.74 0.35 13.89
N SER A 23 3.80 1.23 12.90
CA SER A 23 2.62 1.56 12.10
C SER A 23 3.00 2.48 10.95
N LEU A 24 2.19 2.45 9.89
CA LEU A 24 2.43 3.28 8.72
C LEU A 24 1.19 3.35 7.84
N THR A 25 0.78 4.57 7.51
CA THR A 25 -0.41 4.78 6.67
C THR A 25 -0.02 4.92 5.20
N LEU A 26 -0.59 4.08 4.36
CA LEU A 26 -0.32 4.11 2.93
C LEU A 26 -1.41 4.83 2.17
N ILE A 27 -1.03 5.52 1.10
CA ILE A 27 -1.99 6.26 0.29
C ILE A 27 -1.61 6.22 -1.18
N TRP A 28 -2.61 6.30 -2.05
CA TRP A 28 -2.37 6.28 -3.49
C TRP A 28 -3.50 6.99 -4.25
N LYS A 29 -3.25 7.32 -5.51
CA LYS A 29 -4.25 8.00 -6.33
C LYS A 29 -4.72 7.09 -7.46
N VAL A 30 -6.03 6.87 -7.53
CA VAL A 30 -6.61 6.03 -8.58
C VAL A 30 -7.10 6.86 -9.75
N SER A 31 -6.94 6.32 -10.96
CA SER A 31 -7.37 7.01 -12.16
C SER A 31 -8.85 6.78 -12.44
N ASP A 32 -9.66 6.84 -11.38
CA ASP A 32 -11.09 6.63 -11.51
C ASP A 32 -11.81 7.05 -10.23
N ASN A 33 -12.54 8.16 -10.30
CA ASN A 33 -13.28 8.67 -9.15
C ASN A 33 -14.78 8.62 -9.40
N GLU A 34 -15.16 8.79 -10.66
CA GLU A 34 -16.57 8.77 -11.04
C GLU A 34 -17.20 7.41 -10.72
N SER A 35 -16.62 6.36 -11.27
CA SER A 35 -17.12 5.01 -11.05
C SER A 35 -16.28 4.27 -10.01
N SER A 36 -15.85 5.00 -8.98
CA SER A 36 -15.03 4.42 -7.92
C SER A 36 -15.88 3.56 -6.99
N SER A 37 -16.68 2.68 -7.58
CA SER A 37 -17.56 1.80 -6.79
C SER A 37 -17.05 0.36 -6.84
N ASN A 38 -17.26 -0.37 -5.74
CA ASN A 38 -16.82 -1.76 -5.66
C ASN A 38 -15.30 -1.86 -5.82
N TYR A 39 -14.60 -0.79 -5.48
CA TYR A 39 -13.15 -0.75 -5.59
C TYR A 39 -12.50 -1.41 -4.38
N THR A 40 -11.61 -2.37 -4.64
CA THR A 40 -10.91 -3.08 -3.57
C THR A 40 -9.41 -3.07 -3.80
N TYR A 41 -8.65 -2.97 -2.71
CA TYR A 41 -7.19 -2.95 -2.79
C TYR A 41 -6.59 -4.09 -1.98
N LYS A 42 -5.85 -4.97 -2.66
CA LYS A 42 -5.21 -6.10 -2.01
C LYS A 42 -3.78 -5.77 -1.61
N ILE A 43 -3.56 -5.52 -0.34
CA ILE A 43 -2.23 -5.19 0.17
C ILE A 43 -1.44 -6.45 0.49
N HIS A 44 -0.17 -6.47 0.08
CA HIS A 44 0.69 -7.62 0.32
C HIS A 44 2.03 -7.17 0.90
N VAL A 45 2.15 -7.22 2.22
CA VAL A 45 3.37 -6.82 2.91
C VAL A 45 4.36 -7.97 2.97
N ALA A 46 5.63 -7.68 2.73
CA ALA A 46 6.68 -8.70 2.77
C ALA A 46 7.88 -8.22 3.58
N GLY A 47 8.01 -8.73 4.80
CA GLY A 47 9.11 -8.34 5.65
C GLY A 47 10.32 -9.25 5.48
N GLU A 48 10.97 -9.57 6.60
CA GLU A 48 12.14 -10.43 6.57
C GLU A 48 11.84 -11.79 7.20
N THR A 49 11.17 -11.76 8.34
CA THR A 49 10.81 -12.99 9.05
C THR A 49 9.54 -13.60 8.48
N ASP A 50 8.54 -12.76 8.24
CA ASP A 50 7.26 -13.21 7.71
C ASP A 50 6.61 -12.12 6.85
N SER A 51 5.53 -12.48 6.18
CA SER A 51 4.82 -11.53 5.33
C SER A 51 3.38 -11.35 5.80
N SER A 52 2.77 -10.25 5.38
CA SER A 52 1.38 -9.95 5.76
C SER A 52 0.57 -9.48 4.57
N ASN A 53 -0.71 -9.23 4.78
CA ASN A 53 -1.60 -8.77 3.72
C ASN A 53 -2.92 -8.28 4.29
N LEU A 54 -3.56 -7.37 3.57
CA LEU A 54 -4.84 -6.81 4.00
C LEU A 54 -5.60 -6.21 2.82
N ASN A 55 -6.92 -6.41 2.80
CA ASN A 55 -7.75 -5.88 1.72
C ASN A 55 -8.65 -4.77 2.25
N VAL A 56 -8.68 -3.65 1.54
CA VAL A 56 -9.50 -2.51 1.93
C VAL A 56 -10.29 -1.97 0.74
N SER A 57 -11.25 -1.09 1.01
CA SER A 57 -12.07 -0.51 -0.04
C SER A 57 -11.69 0.95 -0.27
N GLU A 58 -10.77 1.45 0.54
CA GLU A 58 -10.31 2.83 0.42
C GLU A 58 -8.89 2.89 -0.15
N PRO A 59 -8.53 4.05 -0.73
CA PRO A 59 -7.20 4.25 -1.31
C PRO A 59 -6.10 4.33 -0.26
N ARG A 60 -6.48 4.11 1.00
CA ARG A 60 -5.54 4.15 2.10
C ARG A 60 -5.58 2.86 2.91
N ALA A 61 -4.46 2.52 3.54
CA ALA A 61 -4.38 1.31 4.34
C ALA A 61 -3.17 1.35 5.27
N VAL A 62 -3.44 1.39 6.57
CA VAL A 62 -2.37 1.43 7.57
C VAL A 62 -1.93 0.03 7.97
N ILE A 63 -0.63 -0.14 8.20
CA ILE A 63 -0.09 -1.43 8.59
C ILE A 63 0.35 -1.42 10.05
N PRO A 64 -0.51 -1.97 10.93
CA PRO A 64 -0.23 -2.03 12.37
C PRO A 64 0.88 -3.02 12.70
N GLY A 65 1.26 -3.07 13.97
CA GLY A 65 2.32 -3.98 14.40
C GLY A 65 3.44 -4.08 13.38
N LEU A 66 4.12 -2.97 13.14
CA LEU A 66 5.22 -2.93 12.19
C LEU A 66 6.57 -3.00 12.91
N ARG A 67 7.64 -3.12 12.14
CA ARG A 67 8.99 -3.18 12.69
C ARG A 67 9.79 -1.94 12.33
N SER A 68 10.66 -1.50 13.24
CA SER A 68 11.48 -0.33 13.01
C SER A 68 12.85 -0.72 12.47
N SER A 69 13.38 0.12 11.59
CA SER A 69 14.69 -0.14 10.98
C SER A 69 14.67 -1.44 10.16
N THR A 70 13.68 -1.56 9.29
CA THR A 70 13.53 -2.74 8.45
C THR A 70 12.87 -2.40 7.12
N PHE A 71 13.40 -2.95 6.04
CA PHE A 71 12.86 -2.71 4.71
C PHE A 71 11.54 -3.44 4.52
N TYR A 72 10.59 -2.79 3.84
CA TYR A 72 9.29 -3.38 3.59
C TYR A 72 8.85 -3.16 2.14
N ASN A 73 8.16 -4.15 1.59
CA ASN A 73 7.69 -4.05 0.20
C ASN A 73 6.18 -4.25 0.13
N ILE A 74 5.45 -3.15 -0.04
CA ILE A 74 4.00 -3.20 -0.12
C ILE A 74 3.53 -3.17 -1.56
N THR A 75 2.53 -3.98 -1.87
CA THR A 75 1.98 -4.04 -3.23
C THR A 75 0.47 -3.86 -3.23
N VAL A 76 0.03 -2.66 -3.61
CA VAL A 76 -1.40 -2.35 -3.65
C VAL A 76 -1.99 -2.63 -5.04
N CYS A 77 -2.73 -3.73 -5.14
CA CYS A 77 -3.34 -4.11 -6.41
C CYS A 77 -4.83 -3.75 -6.42
N PRO A 78 -5.21 -2.87 -7.36
CA PRO A 78 -6.61 -2.43 -7.50
C PRO A 78 -7.52 -3.53 -8.02
N VAL A 79 -8.77 -3.52 -7.57
CA VAL A 79 -9.74 -4.52 -7.99
C VAL A 79 -11.15 -3.97 -7.94
N LEU A 80 -11.72 -3.66 -9.11
CA LEU A 80 -13.06 -3.12 -9.20
C LEU A 80 -14.09 -4.24 -9.28
N GLY A 81 -14.01 -5.18 -8.34
CA GLY A 81 -14.94 -6.29 -8.32
C GLY A 81 -14.39 -7.53 -9.01
N ASP A 82 -14.54 -7.57 -10.33
CA ASP A 82 -14.05 -8.70 -11.12
C ASP A 82 -13.00 -8.25 -12.12
N ILE A 83 -12.28 -7.18 -11.78
CA ILE A 83 -11.23 -6.65 -12.64
C ILE A 83 -9.88 -6.67 -11.95
N GLU A 84 -8.81 -6.52 -12.74
CA GLU A 84 -7.46 -6.51 -12.19
C GLU A 84 -6.59 -5.51 -12.92
N GLY A 85 -6.09 -4.51 -12.18
CA GLY A 85 -5.24 -3.50 -12.77
C GLY A 85 -3.77 -3.73 -12.50
N THR A 86 -3.00 -2.65 -12.41
CA THR A 86 -1.58 -2.75 -12.15
C THR A 86 -1.26 -2.50 -10.68
N PRO A 87 -0.47 -3.41 -10.07
CA PRO A 87 -0.10 -3.30 -8.67
C PRO A 87 0.88 -2.16 -8.41
N GLY A 88 0.54 -1.31 -7.45
CA GLY A 88 1.39 -0.18 -7.13
C GLY A 88 2.43 -0.51 -6.08
N PHE A 89 3.71 -0.42 -6.45
CA PHE A 89 4.79 -0.72 -5.54
C PHE A 89 5.36 0.56 -4.93
N LEU A 90 5.72 0.49 -3.65
CA LEU A 90 6.28 1.64 -2.95
C LEU A 90 7.22 1.19 -1.83
N GLN A 91 8.49 1.53 -1.97
CA GLN A 91 9.49 1.16 -0.96
C GLN A 91 9.40 2.07 0.25
N VAL A 92 9.28 1.47 1.43
CA VAL A 92 9.19 2.23 2.67
C VAL A 92 10.30 1.85 3.63
N HIS A 93 10.74 2.82 4.43
CA HIS A 93 11.80 2.59 5.40
C HIS A 93 11.42 3.11 6.78
N THR A 94 11.03 2.19 7.66
CA THR A 94 10.63 2.55 9.02
C THR A 94 11.78 3.21 9.77
N PRO A 95 11.44 4.21 10.61
CA PRO A 95 12.44 4.94 11.40
C PRO A 95 13.02 4.08 12.52
N PRO A 96 14.23 4.44 12.97
CA PRO A 96 14.92 3.72 14.05
C PRO A 96 14.24 3.90 15.40
N VAL A 97 13.93 2.79 16.06
CA VAL A 97 13.28 2.83 17.36
C VAL A 97 14.24 3.32 18.43
N PRO A 98 13.84 4.40 19.14
CA PRO A 98 14.64 5.00 20.20
C PRO A 98 14.73 4.10 21.43
N SER A 99 14.13 2.92 21.35
CA SER A 99 14.14 1.97 22.46
C SER A 99 14.83 0.67 22.05
N GLY A 100 15.77 0.22 22.87
CA GLY A 100 16.47 -1.01 22.59
C GLY A 100 16.34 -2.03 23.70
N PRO A 101 16.15 -3.31 23.32
CA PRO A 101 16.00 -4.41 24.27
C PRO A 101 17.30 -4.72 25.00
N SER A 102 17.22 -4.82 26.33
CA SER A 102 18.39 -5.11 27.15
C SER A 102 18.36 -6.55 27.66
N SER A 103 19.27 -7.37 27.15
CA SER A 103 19.34 -8.77 27.55
C SER A 103 20.18 -8.94 28.82
N GLY A 104 19.50 -9.18 29.94
CA GLY A 104 20.20 -9.35 31.19
C GLY A 104 20.10 -8.13 32.09
N GLY A 1 -10.50 -8.47 -28.30
CA GLY A 1 -9.28 -7.71 -28.52
C GLY A 1 -9.50 -6.50 -29.42
N SER A 2 -8.97 -5.36 -29.00
CA SER A 2 -9.12 -4.13 -29.77
C SER A 2 -8.02 -3.13 -29.41
N SER A 3 -7.62 -2.32 -30.39
CA SER A 3 -6.58 -1.33 -30.18
C SER A 3 -6.99 -0.33 -29.11
N GLY A 4 -6.07 -0.06 -28.18
CA GLY A 4 -6.35 0.88 -27.12
C GLY A 4 -5.70 0.50 -25.81
N SER A 5 -4.54 1.07 -25.54
CA SER A 5 -3.80 0.78 -24.32
C SER A 5 -4.38 1.56 -23.14
N SER A 6 -4.53 2.86 -23.32
CA SER A 6 -5.07 3.72 -22.27
C SER A 6 -6.53 3.39 -21.99
N GLY A 7 -6.81 2.95 -20.76
CA GLY A 7 -8.16 2.61 -20.39
C GLY A 7 -8.23 1.41 -19.46
N ALA A 8 -7.82 1.63 -18.20
CA ALA A 8 -7.83 0.57 -17.20
C ALA A 8 -7.54 1.13 -15.81
N ILE A 9 -7.74 0.29 -14.80
CA ILE A 9 -7.51 0.71 -13.41
C ILE A 9 -6.04 0.56 -13.04
N GLN A 10 -5.37 1.69 -12.87
CA GLN A 10 -3.96 1.69 -12.49
C GLN A 10 -3.71 2.54 -11.26
N VAL A 11 -2.82 2.07 -10.38
CA VAL A 11 -2.49 2.78 -9.16
C VAL A 11 -1.24 3.62 -9.33
N PHE A 12 -1.37 4.92 -9.07
CA PHE A 12 -0.24 5.84 -9.20
C PHE A 12 -0.24 6.87 -8.06
N ASP A 13 0.88 7.55 -7.90
CA ASP A 13 1.01 8.57 -6.87
C ASP A 13 1.11 7.92 -5.48
N VAL A 14 1.63 6.70 -5.44
CA VAL A 14 1.79 5.97 -4.19
C VAL A 14 2.88 6.59 -3.33
N THR A 15 2.51 7.07 -2.15
CA THR A 15 3.45 7.69 -1.23
C THR A 15 3.08 7.41 0.21
N ALA A 16 4.10 7.28 1.07
CA ALA A 16 3.87 7.02 2.49
C ALA A 16 3.46 8.28 3.23
N VAL A 17 2.15 8.49 3.36
CA VAL A 17 1.63 9.66 4.05
C VAL A 17 2.20 9.77 5.46
N ASN A 18 2.53 8.63 6.06
CA ASN A 18 3.08 8.59 7.40
C ASN A 18 3.76 7.25 7.68
N ILE A 19 4.92 7.30 8.33
CA ILE A 19 5.66 6.10 8.66
C ILE A 19 6.08 6.08 10.13
N SER A 20 5.50 5.17 10.90
CA SER A 20 5.81 5.06 12.32
C SER A 20 6.63 3.80 12.60
N ALA A 21 6.88 3.54 13.87
CA ALA A 21 7.65 2.37 14.27
C ALA A 21 6.84 1.10 14.12
N THR A 22 5.68 1.06 14.75
CA THR A 22 4.81 -0.11 14.68
C THR A 22 3.55 0.20 13.87
N SER A 23 3.67 1.07 12.89
CA SER A 23 2.54 1.47 12.05
C SER A 23 2.98 2.38 10.91
N LEU A 24 2.21 2.40 9.85
CA LEU A 24 2.52 3.23 8.69
C LEU A 24 1.30 3.38 7.77
N THR A 25 0.92 4.62 7.52
CA THR A 25 -0.23 4.90 6.66
C THR A 25 0.19 5.08 5.21
N LEU A 26 -0.58 4.51 4.30
CA LEU A 26 -0.27 4.60 2.87
C LEU A 26 -1.38 5.34 2.13
N ILE A 27 -1.05 5.87 0.95
CA ILE A 27 -2.02 6.60 0.15
C ILE A 27 -1.64 6.56 -1.33
N TRP A 28 -2.63 6.38 -2.18
CA TRP A 28 -2.40 6.32 -3.63
C TRP A 28 -3.57 6.95 -4.38
N LYS A 29 -3.32 7.32 -5.63
CA LYS A 29 -4.34 7.94 -6.47
C LYS A 29 -4.74 7.01 -7.61
N VAL A 30 -6.03 6.70 -7.71
CA VAL A 30 -6.54 5.83 -8.76
C VAL A 30 -7.05 6.63 -9.95
N SER A 31 -6.96 6.04 -11.14
CA SER A 31 -7.40 6.71 -12.36
C SER A 31 -8.89 6.46 -12.60
N ASP A 32 -9.65 6.32 -11.51
CA ASP A 32 -11.08 6.08 -11.60
C ASP A 32 -11.80 6.61 -10.38
N ASN A 33 -12.70 7.56 -10.60
CA ASN A 33 -13.46 8.17 -9.50
C ASN A 33 -14.96 8.02 -9.74
N GLU A 34 -15.33 7.71 -10.98
CA GLU A 34 -16.74 7.53 -11.33
C GLU A 34 -17.35 6.35 -10.58
N SER A 35 -16.82 5.16 -10.85
CA SER A 35 -17.32 3.94 -10.21
C SER A 35 -16.36 3.48 -9.12
N SER A 36 -15.73 4.44 -8.45
CA SER A 36 -14.78 4.12 -7.39
C SER A 36 -15.50 3.84 -6.08
N SER A 37 -16.56 3.04 -6.16
CA SER A 37 -17.34 2.69 -4.97
C SER A 37 -16.96 1.31 -4.45
N ASN A 38 -17.24 0.29 -5.24
CA ASN A 38 -16.92 -1.09 -4.86
C ASN A 38 -15.48 -1.43 -5.23
N TYR A 39 -14.59 -0.47 -5.06
CA TYR A 39 -13.18 -0.67 -5.38
C TYR A 39 -12.42 -1.20 -4.17
N THR A 40 -11.66 -2.27 -4.38
CA THR A 40 -10.87 -2.87 -3.31
C THR A 40 -9.38 -2.70 -3.55
N TYR A 41 -8.59 -2.90 -2.49
CA TYR A 41 -7.14 -2.76 -2.59
C TYR A 41 -6.43 -3.73 -1.65
N LYS A 42 -5.68 -4.66 -2.23
CA LYS A 42 -4.95 -5.65 -1.45
C LYS A 42 -3.50 -5.23 -1.25
N ILE A 43 -3.16 -4.81 -0.04
CA ILE A 43 -1.79 -4.39 0.26
C ILE A 43 -0.94 -5.57 0.72
N HIS A 44 0.01 -5.95 -0.13
CA HIS A 44 0.90 -7.07 0.19
C HIS A 44 2.16 -6.58 0.89
N VAL A 45 2.25 -6.87 2.19
CA VAL A 45 3.41 -6.46 2.99
C VAL A 45 4.47 -7.55 3.03
N ALA A 46 5.71 -7.18 2.73
CA ALA A 46 6.81 -8.14 2.73
C ALA A 46 7.93 -7.66 3.64
N GLY A 47 8.11 -8.34 4.77
CA GLY A 47 9.15 -7.99 5.71
C GLY A 47 10.52 -8.43 5.25
N GLU A 48 11.16 -9.30 6.04
CA GLU A 48 12.47 -9.81 5.71
C GLU A 48 12.41 -11.24 5.19
N THR A 49 11.61 -12.07 5.86
CA THR A 49 11.46 -13.47 5.47
C THR A 49 9.98 -13.83 5.33
N ASP A 50 9.15 -13.27 6.20
CA ASP A 50 7.72 -13.54 6.17
C ASP A 50 6.98 -12.47 5.38
N SER A 51 5.68 -12.68 5.17
CA SER A 51 4.87 -11.73 4.42
C SER A 51 3.45 -11.69 4.99
N SER A 52 2.70 -10.65 4.61
CA SER A 52 1.33 -10.47 5.07
C SER A 52 0.44 -9.92 3.96
N ASN A 53 -0.86 -9.90 4.21
CA ASN A 53 -1.82 -9.40 3.23
C ASN A 53 -3.02 -8.76 3.92
N LEU A 54 -3.62 -7.78 3.26
CA LEU A 54 -4.78 -7.09 3.82
C LEU A 54 -5.75 -6.68 2.71
N ASN A 55 -7.00 -6.45 3.08
CA ASN A 55 -8.02 -6.06 2.12
C ASN A 55 -8.75 -4.80 2.59
N VAL A 56 -8.84 -3.81 1.71
CA VAL A 56 -9.52 -2.56 2.03
C VAL A 56 -10.30 -2.03 0.83
N SER A 57 -11.31 -1.21 1.11
CA SER A 57 -12.13 -0.64 0.05
C SER A 57 -11.85 0.86 -0.10
N GLU A 58 -10.66 1.27 0.28
CA GLU A 58 -10.25 2.67 0.17
C GLU A 58 -8.83 2.80 -0.36
N PRO A 59 -8.52 3.97 -0.93
CA PRO A 59 -7.19 4.24 -1.50
C PRO A 59 -6.12 4.37 -0.41
N ARG A 60 -6.52 4.15 0.83
CA ARG A 60 -5.60 4.24 1.95
C ARG A 60 -5.64 2.97 2.80
N ALA A 61 -4.53 2.66 3.46
CA ALA A 61 -4.43 1.48 4.30
C ALA A 61 -3.21 1.54 5.20
N VAL A 62 -3.42 1.41 6.51
CA VAL A 62 -2.33 1.45 7.48
C VAL A 62 -1.91 0.04 7.88
N ILE A 63 -0.60 -0.15 8.02
CA ILE A 63 -0.05 -1.45 8.40
C ILE A 63 0.35 -1.47 9.86
N PRO A 64 -0.52 -2.03 10.72
CA PRO A 64 -0.28 -2.12 12.16
C PRO A 64 0.83 -3.12 12.49
N GLY A 65 1.17 -3.20 13.77
CA GLY A 65 2.22 -4.12 14.20
C GLY A 65 3.33 -4.25 13.19
N LEU A 66 4.06 -3.16 12.96
CA LEU A 66 5.15 -3.15 11.99
C LEU A 66 6.50 -3.25 12.71
N ARG A 67 7.55 -3.51 11.94
CA ARG A 67 8.89 -3.63 12.50
C ARG A 67 9.70 -2.37 12.24
N SER A 68 10.47 -1.95 13.24
CA SER A 68 11.30 -0.76 13.12
C SER A 68 12.67 -1.09 12.56
N SER A 69 13.26 -0.14 11.84
CA SER A 69 14.58 -0.34 11.24
C SER A 69 14.61 -1.60 10.39
N THR A 70 13.61 -1.73 9.52
CA THR A 70 13.51 -2.89 8.63
C THR A 70 12.87 -2.52 7.30
N PHE A 71 13.38 -3.11 6.22
CA PHE A 71 12.87 -2.84 4.89
C PHE A 71 11.51 -3.52 4.69
N TYR A 72 10.66 -2.88 3.89
CA TYR A 72 9.33 -3.42 3.60
C TYR A 72 8.93 -3.15 2.16
N ASN A 73 8.09 -4.03 1.61
CA ASN A 73 7.62 -3.88 0.24
C ASN A 73 6.09 -3.97 0.17
N ILE A 74 5.45 -2.82 0.00
CA ILE A 74 3.99 -2.76 -0.08
C ILE A 74 3.53 -2.79 -1.54
N THR A 75 2.42 -3.49 -1.79
CA THR A 75 1.87 -3.58 -3.13
C THR A 75 0.36 -3.39 -3.12
N VAL A 76 -0.08 -2.26 -3.67
CA VAL A 76 -1.50 -1.96 -3.73
C VAL A 76 -2.12 -2.44 -5.04
N CYS A 77 -2.95 -3.48 -4.95
CA CYS A 77 -3.61 -4.04 -6.12
C CYS A 77 -5.10 -3.76 -6.10
N PRO A 78 -5.55 -2.87 -6.99
CA PRO A 78 -6.96 -2.48 -7.10
C PRO A 78 -7.82 -3.61 -7.64
N VAL A 79 -8.97 -3.84 -7.00
CA VAL A 79 -9.89 -4.88 -7.41
C VAL A 79 -11.33 -4.43 -7.28
N LEU A 80 -12.00 -4.24 -8.43
CA LEU A 80 -13.39 -3.80 -8.44
C LEU A 80 -14.32 -4.96 -8.17
N GLY A 81 -13.94 -6.15 -8.61
CA GLY A 81 -14.76 -7.33 -8.40
C GLY A 81 -14.21 -8.56 -9.10
N ASP A 82 -14.08 -8.48 -10.43
CA ASP A 82 -13.56 -9.59 -11.21
C ASP A 82 -12.43 -9.13 -12.12
N ILE A 83 -11.89 -7.95 -11.84
CA ILE A 83 -10.81 -7.40 -12.64
C ILE A 83 -9.62 -6.99 -11.76
N GLU A 84 -8.42 -7.23 -12.26
CA GLU A 84 -7.20 -6.89 -11.51
C GLU A 84 -6.40 -5.82 -12.23
N GLY A 85 -6.14 -4.71 -11.55
CA GLY A 85 -5.38 -3.63 -12.15
C GLY A 85 -3.89 -3.76 -11.91
N THR A 86 -3.15 -2.68 -12.14
CA THR A 86 -1.70 -2.68 -11.96
C THR A 86 -1.34 -2.43 -10.50
N PRO A 87 -0.58 -3.35 -9.91
CA PRO A 87 -0.14 -3.25 -8.51
C PRO A 87 0.87 -2.12 -8.30
N GLY A 88 0.56 -1.20 -7.41
CA GLY A 88 1.45 -0.09 -7.13
C GLY A 88 2.48 -0.42 -6.07
N PHE A 89 3.75 -0.44 -6.46
CA PHE A 89 4.84 -0.75 -5.54
C PHE A 89 5.48 0.53 -5.01
N LEU A 90 5.90 0.49 -3.75
CA LEU A 90 6.54 1.64 -3.12
C LEU A 90 7.43 1.20 -1.97
N GLN A 91 8.72 1.55 -2.06
CA GLN A 91 9.68 1.20 -1.03
C GLN A 91 9.53 2.10 0.19
N VAL A 92 9.54 1.50 1.37
CA VAL A 92 9.39 2.24 2.62
C VAL A 92 10.45 1.82 3.64
N HIS A 93 10.78 2.72 4.55
CA HIS A 93 11.77 2.44 5.58
C HIS A 93 11.30 2.94 6.94
N THR A 94 10.98 2.01 7.83
CA THR A 94 10.51 2.35 9.17
C THR A 94 11.60 3.05 9.98
N PRO A 95 11.21 4.05 10.77
CA PRO A 95 12.13 4.81 11.60
C PRO A 95 12.69 3.98 12.76
N PRO A 96 13.94 4.28 13.15
CA PRO A 96 14.61 3.58 14.24
C PRO A 96 14.01 3.91 15.60
N VAL A 97 13.51 2.89 16.28
CA VAL A 97 12.90 3.06 17.60
C VAL A 97 13.80 3.89 18.51
N PRO A 98 13.19 4.85 19.23
CA PRO A 98 13.92 5.72 20.15
C PRO A 98 14.42 4.98 21.38
N SER A 99 15.69 5.19 21.73
CA SER A 99 16.29 4.54 22.89
C SER A 99 17.20 5.50 23.65
N GLY A 100 17.13 5.45 24.97
CA GLY A 100 17.94 6.33 25.80
C GLY A 100 17.14 7.06 26.85
N PRO A 101 17.75 7.28 28.01
CA PRO A 101 17.10 7.99 29.13
C PRO A 101 16.88 9.46 28.85
N SER A 102 16.34 10.17 29.83
CA SER A 102 16.07 11.60 29.67
C SER A 102 15.59 12.21 31.00
N SER A 103 15.61 13.54 31.07
CA SER A 103 15.19 14.24 32.27
C SER A 103 16.04 13.84 33.47
N GLY A 104 17.36 13.77 33.24
CA GLY A 104 18.27 13.40 34.31
C GLY A 104 19.55 14.21 34.28
N GLY A 1 6.83 3.45 -29.21
CA GLY A 1 6.26 3.11 -27.92
C GLY A 1 5.18 2.05 -28.01
N SER A 2 5.51 0.83 -27.60
CA SER A 2 4.55 -0.27 -27.64
C SER A 2 3.69 -0.30 -26.38
N SER A 3 4.36 -0.35 -25.22
CA SER A 3 3.65 -0.39 -23.95
C SER A 3 2.68 0.79 -23.83
N GLY A 4 1.38 0.47 -23.82
CA GLY A 4 0.37 1.51 -23.71
C GLY A 4 -1.02 0.99 -24.00
N SER A 5 -1.90 1.06 -23.01
CA SER A 5 -3.28 0.59 -23.17
C SER A 5 -4.27 1.72 -22.90
N SER A 6 -5.56 1.41 -23.07
CA SER A 6 -6.61 2.39 -22.84
C SER A 6 -7.66 1.85 -21.87
N GLY A 7 -8.15 2.72 -20.99
CA GLY A 7 -9.16 2.31 -20.03
C GLY A 7 -8.68 1.17 -19.15
N ALA A 8 -7.75 1.46 -18.25
CA ALA A 8 -7.21 0.45 -17.34
C ALA A 8 -7.01 1.02 -15.95
N ILE A 9 -7.59 0.34 -14.95
CA ILE A 9 -7.48 0.78 -13.57
C ILE A 9 -6.05 0.61 -13.05
N GLN A 10 -5.36 1.73 -12.87
CA GLN A 10 -3.98 1.70 -12.38
C GLN A 10 -3.84 2.55 -11.13
N VAL A 11 -2.95 2.12 -10.23
CA VAL A 11 -2.71 2.84 -8.98
C VAL A 11 -1.39 3.57 -9.02
N PHE A 12 -1.45 4.91 -9.04
CA PHE A 12 -0.25 5.72 -9.07
C PHE A 12 -0.21 6.68 -7.88
N ASP A 13 0.80 7.54 -7.86
CA ASP A 13 0.95 8.52 -6.78
C ASP A 13 0.95 7.82 -5.42
N VAL A 14 1.63 6.68 -5.34
CA VAL A 14 1.71 5.92 -4.11
C VAL A 14 2.75 6.51 -3.17
N THR A 15 2.32 6.88 -1.96
CA THR A 15 3.21 7.46 -0.97
C THR A 15 2.70 7.20 0.45
N ALA A 16 3.60 7.33 1.42
CA ALA A 16 3.23 7.11 2.82
C ALA A 16 3.00 8.43 3.53
N VAL A 17 1.73 8.79 3.69
CA VAL A 17 1.38 10.04 4.37
C VAL A 17 2.04 10.14 5.74
N ASN A 18 2.27 8.99 6.36
CA ASN A 18 2.90 8.94 7.67
C ASN A 18 3.55 7.59 7.93
N ILE A 19 4.78 7.60 8.42
CA ILE A 19 5.50 6.36 8.71
C ILE A 19 5.98 6.33 10.15
N SER A 20 5.58 5.28 10.87
CA SER A 20 5.96 5.13 12.28
C SER A 20 6.78 3.86 12.47
N ALA A 21 7.10 3.56 13.73
CA ALA A 21 7.88 2.38 14.06
C ALA A 21 7.01 1.11 13.99
N THR A 22 5.81 1.19 14.56
CA THR A 22 4.89 0.06 14.56
C THR A 22 3.59 0.42 13.88
N SER A 23 3.66 1.34 12.91
CA SER A 23 2.47 1.77 12.19
C SER A 23 2.84 2.70 11.04
N LEU A 24 2.10 2.60 9.94
CA LEU A 24 2.35 3.44 8.77
C LEU A 24 1.12 3.52 7.89
N THR A 25 0.78 4.74 7.47
CA THR A 25 -0.38 4.96 6.61
C THR A 25 0.02 5.03 5.15
N LEU A 26 -0.67 4.27 4.31
CA LEU A 26 -0.39 4.25 2.88
C LEU A 26 -1.50 4.94 2.10
N ILE A 27 -1.12 5.64 1.04
CA ILE A 27 -2.09 6.34 0.20
C ILE A 27 -1.69 6.27 -1.28
N TRP A 28 -2.67 6.45 -2.15
CA TRP A 28 -2.42 6.42 -3.59
C TRP A 28 -3.57 7.07 -4.36
N LYS A 29 -3.30 7.45 -5.60
CA LYS A 29 -4.31 8.09 -6.44
C LYS A 29 -4.72 7.17 -7.58
N VAL A 30 -6.03 7.07 -7.81
CA VAL A 30 -6.55 6.23 -8.88
C VAL A 30 -6.86 7.05 -10.13
N SER A 31 -6.71 6.42 -11.29
CA SER A 31 -6.97 7.09 -12.56
C SER A 31 -8.37 6.79 -13.07
N ASP A 32 -9.35 6.85 -12.17
CA ASP A 32 -10.73 6.57 -12.53
C ASP A 32 -11.66 6.91 -11.35
N ASN A 33 -12.59 7.84 -11.58
CA ASN A 33 -13.53 8.25 -10.56
C ASN A 33 -14.94 7.74 -10.88
N GLU A 34 -15.20 7.49 -12.16
CA GLU A 34 -16.49 7.01 -12.60
C GLU A 34 -16.66 5.52 -12.27
N SER A 35 -17.68 5.21 -11.49
CA SER A 35 -17.95 3.83 -11.10
C SER A 35 -16.89 3.33 -10.13
N SER A 36 -16.27 4.25 -9.41
CA SER A 36 -15.23 3.91 -8.44
C SER A 36 -15.81 3.77 -7.04
N SER A 37 -16.68 2.79 -6.86
CA SER A 37 -17.31 2.55 -5.56
C SER A 37 -16.85 1.21 -4.97
N ASN A 38 -17.12 0.14 -5.69
CA ASN A 38 -16.74 -1.20 -5.24
C ASN A 38 -15.28 -1.49 -5.56
N TYR A 39 -14.43 -0.48 -5.35
CA TYR A 39 -13.00 -0.63 -5.61
C TYR A 39 -12.28 -1.18 -4.39
N THR A 40 -11.48 -2.22 -4.61
CA THR A 40 -10.73 -2.85 -3.53
C THR A 40 -9.23 -2.65 -3.72
N TYR A 41 -8.48 -2.84 -2.63
CA TYR A 41 -7.03 -2.68 -2.68
C TYR A 41 -6.35 -3.70 -1.76
N LYS A 42 -5.57 -4.59 -2.36
CA LYS A 42 -4.86 -5.61 -1.60
C LYS A 42 -3.41 -5.19 -1.36
N ILE A 43 -3.11 -4.77 -0.14
CA ILE A 43 -1.76 -4.35 0.22
C ILE A 43 -0.94 -5.52 0.74
N HIS A 44 -0.10 -6.08 -0.13
CA HIS A 44 0.75 -7.20 0.25
C HIS A 44 2.05 -6.72 0.88
N VAL A 45 2.15 -6.85 2.19
CA VAL A 45 3.34 -6.44 2.93
C VAL A 45 4.35 -7.56 3.02
N ALA A 46 5.61 -7.23 2.79
CA ALA A 46 6.69 -8.22 2.85
C ALA A 46 7.86 -7.70 3.68
N GLY A 47 8.01 -8.26 4.88
CA GLY A 47 9.10 -7.85 5.75
C GLY A 47 10.44 -8.40 5.32
N GLU A 48 11.04 -9.24 6.15
CA GLU A 48 12.33 -9.83 5.85
C GLU A 48 12.25 -11.36 5.87
N THR A 49 11.42 -11.89 6.76
CA THR A 49 11.25 -13.33 6.87
C THR A 49 9.78 -13.73 6.74
N ASP A 50 8.90 -12.91 7.32
CA ASP A 50 7.47 -13.17 7.27
C ASP A 50 6.74 -12.06 6.49
N SER A 51 5.72 -12.46 5.74
CA SER A 51 4.95 -11.51 4.94
C SER A 51 3.46 -11.62 5.26
N SER A 52 2.70 -10.62 4.84
CA SER A 52 1.26 -10.60 5.08
C SER A 52 0.54 -9.79 3.99
N ASN A 53 -0.77 -9.96 3.92
CA ASN A 53 -1.58 -9.26 2.94
C ASN A 53 -2.72 -8.49 3.61
N LEU A 54 -3.03 -7.32 3.07
CA LEU A 54 -4.10 -6.48 3.62
C LEU A 54 -5.27 -6.38 2.64
N ASN A 55 -6.48 -6.30 3.18
CA ASN A 55 -7.67 -6.21 2.37
C ASN A 55 -8.50 -4.98 2.75
N VAL A 56 -8.49 -3.97 1.89
CA VAL A 56 -9.24 -2.74 2.14
C VAL A 56 -10.02 -2.31 0.91
N SER A 57 -11.04 -1.49 1.12
CA SER A 57 -11.87 -1.01 0.02
C SER A 57 -11.64 0.48 -0.23
N GLU A 58 -10.64 1.03 0.45
CA GLU A 58 -10.31 2.45 0.31
C GLU A 58 -8.90 2.64 -0.25
N PRO A 59 -8.64 3.82 -0.83
CA PRO A 59 -7.33 4.15 -1.40
C PRO A 59 -6.26 4.32 -0.33
N ARG A 60 -6.63 4.08 0.92
CA ARG A 60 -5.70 4.21 2.03
C ARG A 60 -5.77 3.00 2.96
N ALA A 61 -4.64 2.61 3.52
CA ALA A 61 -4.58 1.47 4.43
C ALA A 61 -3.34 1.54 5.32
N VAL A 62 -3.56 1.48 6.63
CA VAL A 62 -2.46 1.53 7.59
C VAL A 62 -2.02 0.13 7.99
N ILE A 63 -0.73 -0.01 8.31
CA ILE A 63 -0.18 -1.29 8.71
C ILE A 63 0.28 -1.26 10.17
N PRO A 64 -0.56 -1.80 11.06
CA PRO A 64 -0.26 -1.83 12.50
C PRO A 64 0.86 -2.82 12.83
N GLY A 65 1.24 -2.87 14.10
CA GLY A 65 2.30 -3.77 14.52
C GLY A 65 3.39 -3.92 13.47
N LEU A 66 4.08 -2.82 13.18
CA LEU A 66 5.15 -2.84 12.19
C LEU A 66 6.51 -2.99 12.85
N ARG A 67 7.53 -3.27 12.04
CA ARG A 67 8.88 -3.43 12.56
C ARG A 67 9.72 -2.17 12.32
N SER A 68 10.63 -1.89 13.23
CA SER A 68 11.49 -0.72 13.12
C SER A 68 12.85 -1.09 12.54
N SER A 69 13.39 -0.21 11.69
CA SER A 69 14.68 -0.44 11.06
C SER A 69 14.66 -1.73 10.24
N THR A 70 13.70 -1.82 9.32
CA THR A 70 13.56 -2.99 8.48
C THR A 70 12.93 -2.63 7.14
N PHE A 71 13.43 -3.23 6.06
CA PHE A 71 12.91 -2.97 4.73
C PHE A 71 11.54 -3.60 4.56
N TYR A 72 10.69 -2.96 3.75
CA TYR A 72 9.35 -3.46 3.50
C TYR A 72 8.94 -3.22 2.04
N ASN A 73 8.07 -4.08 1.54
CA ASN A 73 7.59 -3.95 0.16
C ASN A 73 6.07 -4.03 0.10
N ILE A 74 5.43 -2.89 -0.06
CA ILE A 74 3.97 -2.82 -0.13
C ILE A 74 3.50 -2.85 -1.58
N THR A 75 2.43 -3.61 -1.84
CA THR A 75 1.88 -3.72 -3.17
C THR A 75 0.36 -3.52 -3.16
N VAL A 76 -0.10 -2.40 -3.73
CA VAL A 76 -1.52 -2.10 -3.79
C VAL A 76 -2.14 -2.61 -5.08
N CYS A 77 -2.88 -3.71 -4.99
CA CYS A 77 -3.54 -4.30 -6.14
C CYS A 77 -5.01 -3.90 -6.20
N PRO A 78 -5.35 -3.01 -7.15
CA PRO A 78 -6.73 -2.53 -7.33
C PRO A 78 -7.64 -3.62 -7.88
N VAL A 79 -8.78 -3.82 -7.21
CA VAL A 79 -9.75 -4.82 -7.64
C VAL A 79 -11.18 -4.30 -7.48
N LEU A 80 -11.83 -4.03 -8.61
CA LEU A 80 -13.19 -3.53 -8.61
C LEU A 80 -14.18 -4.64 -8.27
N GLY A 81 -13.89 -5.84 -8.76
CA GLY A 81 -14.76 -6.97 -8.49
C GLY A 81 -14.28 -8.24 -9.16
N ASP A 82 -14.23 -8.24 -10.49
CA ASP A 82 -13.78 -9.40 -11.24
C ASP A 82 -12.62 -9.04 -12.15
N ILE A 83 -12.12 -7.82 -12.01
CA ILE A 83 -11.00 -7.34 -12.83
C ILE A 83 -9.78 -7.06 -11.97
N GLU A 84 -8.62 -7.08 -12.61
CA GLU A 84 -7.36 -6.82 -11.91
C GLU A 84 -6.50 -5.81 -12.66
N GLY A 85 -6.23 -4.68 -12.03
CA GLY A 85 -5.42 -3.66 -12.66
C GLY A 85 -3.93 -3.86 -12.43
N THR A 86 -3.21 -2.77 -12.22
CA THR A 86 -1.77 -2.84 -11.99
C THR A 86 -1.44 -2.59 -10.52
N PRO A 87 -0.67 -3.50 -9.92
CA PRO A 87 -0.26 -3.39 -8.52
C PRO A 87 0.75 -2.27 -8.29
N GLY A 88 0.40 -1.34 -7.42
CA GLY A 88 1.29 -0.23 -7.12
C GLY A 88 2.34 -0.59 -6.09
N PHE A 89 3.61 -0.52 -6.50
CA PHE A 89 4.72 -0.85 -5.61
C PHE A 89 5.31 0.42 -5.01
N LEU A 90 5.69 0.35 -3.74
CA LEU A 90 6.27 1.48 -3.04
C LEU A 90 7.11 1.03 -1.85
N GLN A 91 8.42 1.22 -1.95
CA GLN A 91 9.34 0.83 -0.88
C GLN A 91 9.30 1.84 0.26
N VAL A 92 9.40 1.35 1.49
CA VAL A 92 9.38 2.20 2.66
C VAL A 92 10.39 1.72 3.72
N HIS A 93 11.02 2.67 4.40
CA HIS A 93 12.00 2.35 5.42
C HIS A 93 11.54 2.83 6.79
N THR A 94 11.13 1.89 7.64
CA THR A 94 10.66 2.23 8.98
C THR A 94 11.78 2.83 9.82
N PRO A 95 11.45 3.86 10.61
CA PRO A 95 12.41 4.55 11.47
C PRO A 95 12.85 3.68 12.64
N PRO A 96 14.10 3.88 13.10
CA PRO A 96 14.66 3.13 14.22
C PRO A 96 14.02 3.48 15.55
N VAL A 97 13.72 2.47 16.36
CA VAL A 97 13.10 2.67 17.66
C VAL A 97 13.81 3.78 18.43
N PRO A 98 13.01 4.65 19.08
CA PRO A 98 13.54 5.76 19.87
C PRO A 98 14.24 5.30 21.14
N SER A 99 15.52 5.63 21.26
CA SER A 99 16.31 5.24 22.42
C SER A 99 16.31 6.34 23.48
N GLY A 100 15.78 6.02 24.66
CA GLY A 100 15.72 7.00 25.73
C GLY A 100 14.30 7.40 26.07
N PRO A 101 14.11 7.95 27.28
CA PRO A 101 12.79 8.39 27.75
C PRO A 101 12.28 9.62 26.99
N SER A 102 13.14 10.62 26.85
CA SER A 102 12.77 11.84 26.14
C SER A 102 11.99 11.53 24.87
N SER A 103 10.67 11.76 24.91
CA SER A 103 9.81 11.50 23.76
C SER A 103 10.54 11.81 22.46
N GLY A 104 10.89 10.76 21.72
CA GLY A 104 11.59 10.94 20.47
C GLY A 104 13.04 10.51 20.53
N GLY A 1 -16.09 -2.75 -30.60
CA GLY A 1 -15.43 -1.88 -29.63
C GLY A 1 -14.63 -0.79 -30.30
N SER A 2 -13.67 -0.22 -29.57
CA SER A 2 -12.84 0.85 -30.09
C SER A 2 -11.46 0.84 -29.44
N SER A 3 -10.54 1.64 -29.99
CA SER A 3 -9.19 1.72 -29.45
C SER A 3 -8.87 3.13 -28.96
N GLY A 4 -7.70 3.29 -28.38
CA GLY A 4 -7.29 4.60 -27.88
C GLY A 4 -5.89 4.60 -27.34
N SER A 5 -5.75 4.80 -26.03
CA SER A 5 -4.46 4.83 -25.38
C SER A 5 -4.35 3.75 -24.31
N SER A 6 -5.32 3.73 -23.40
CA SER A 6 -5.33 2.75 -22.32
C SER A 6 -6.65 2.81 -21.56
N GLY A 7 -7.02 1.68 -20.94
CA GLY A 7 -8.26 1.63 -20.19
C GLY A 7 -8.26 0.51 -19.17
N ALA A 8 -7.31 0.55 -18.24
CA ALA A 8 -7.21 -0.46 -17.19
C ALA A 8 -6.85 0.15 -15.85
N ILE A 9 -7.62 -0.16 -14.83
CA ILE A 9 -7.39 0.37 -13.49
C ILE A 9 -5.89 0.34 -13.15
N GLN A 10 -5.33 1.53 -12.94
CA GLN A 10 -3.91 1.64 -12.62
C GLN A 10 -3.70 2.55 -11.41
N VAL A 11 -3.12 2.01 -10.34
CA VAL A 11 -2.86 2.77 -9.14
C VAL A 11 -1.55 3.53 -9.23
N PHE A 12 -1.62 4.85 -9.08
CA PHE A 12 -0.43 5.69 -9.15
C PHE A 12 -0.44 6.73 -8.03
N ASP A 13 0.70 7.38 -7.83
CA ASP A 13 0.84 8.39 -6.79
C ASP A 13 0.89 7.75 -5.41
N VAL A 14 1.40 6.53 -5.34
CA VAL A 14 1.51 5.81 -4.08
C VAL A 14 2.59 6.41 -3.20
N THR A 15 2.20 6.88 -2.02
CA THR A 15 3.14 7.49 -1.08
C THR A 15 2.69 7.26 0.37
N ALA A 16 3.62 7.37 1.29
CA ALA A 16 3.33 7.18 2.70
C ALA A 16 3.11 8.52 3.41
N VAL A 17 1.88 8.78 3.82
CA VAL A 17 1.54 10.01 4.50
C VAL A 17 2.18 10.06 5.89
N ASN A 18 2.28 8.91 6.52
CA ASN A 18 2.87 8.82 7.86
C ASN A 18 3.50 7.45 8.09
N ILE A 19 4.74 7.46 8.57
CA ILE A 19 5.46 6.21 8.84
C ILE A 19 5.96 6.16 10.28
N SER A 20 5.31 5.34 11.09
CA SER A 20 5.69 5.19 12.49
C SER A 20 6.58 3.98 12.70
N ALA A 21 6.93 3.70 13.96
CA ALA A 21 7.77 2.56 14.28
C ALA A 21 7.01 1.26 14.16
N THR A 22 5.84 1.19 14.80
CA THR A 22 5.01 -0.01 14.77
C THR A 22 3.72 0.24 14.00
N SER A 23 3.78 1.14 13.02
CA SER A 23 2.61 1.47 12.21
C SER A 23 2.98 2.44 11.09
N LEU A 24 2.19 2.42 10.03
CA LEU A 24 2.43 3.30 8.88
C LEU A 24 1.19 3.38 7.99
N THR A 25 0.82 4.60 7.62
CA THR A 25 -0.35 4.82 6.77
C THR A 25 0.06 4.93 5.30
N LEU A 26 -0.54 4.11 4.46
CA LEU A 26 -0.25 4.12 3.03
C LEU A 26 -1.37 4.80 2.24
N ILE A 27 -1.00 5.50 1.19
CA ILE A 27 -1.98 6.20 0.35
C ILE A 27 -1.63 6.07 -1.13
N TRP A 28 -2.62 6.22 -1.98
CA TRP A 28 -2.41 6.12 -3.43
C TRP A 28 -3.56 6.77 -4.19
N LYS A 29 -3.29 7.22 -5.41
CA LYS A 29 -4.29 7.86 -6.24
C LYS A 29 -4.69 6.97 -7.41
N VAL A 30 -5.99 6.75 -7.58
CA VAL A 30 -6.50 5.91 -8.66
C VAL A 30 -6.95 6.75 -9.84
N SER A 31 -6.73 6.23 -11.05
CA SER A 31 -7.11 6.94 -12.27
C SER A 31 -8.56 7.40 -12.19
N ASP A 32 -8.77 8.62 -11.70
CA ASP A 32 -10.11 9.18 -11.58
C ASP A 32 -11.00 8.71 -12.73
N ASN A 33 -12.26 8.42 -12.42
CA ASN A 33 -13.20 7.97 -13.42
C ASN A 33 -14.62 7.88 -12.84
N GLU A 34 -15.59 7.60 -13.70
CA GLU A 34 -16.98 7.48 -13.27
C GLU A 34 -17.29 6.06 -12.80
N SER A 35 -16.45 5.11 -13.20
CA SER A 35 -16.64 3.72 -12.82
C SER A 35 -16.32 3.50 -11.34
N SER A 36 -15.36 4.28 -10.84
CA SER A 36 -14.96 4.18 -9.44
C SER A 36 -16.18 4.09 -8.52
N SER A 37 -16.54 2.87 -8.13
CA SER A 37 -17.69 2.66 -7.26
C SER A 37 -17.33 1.72 -6.11
N ASN A 38 -17.14 0.45 -6.43
CA ASN A 38 -16.80 -0.55 -5.43
C ASN A 38 -15.34 -0.99 -5.57
N TYR A 39 -14.50 -0.07 -6.01
CA TYR A 39 -13.08 -0.36 -6.20
C TYR A 39 -12.46 -0.90 -4.91
N THR A 40 -11.71 -2.00 -5.03
CA THR A 40 -11.06 -2.61 -3.88
C THR A 40 -9.55 -2.41 -3.93
N TYR A 41 -8.88 -2.71 -2.82
CA TYR A 41 -7.43 -2.57 -2.74
C TYR A 41 -6.84 -3.58 -1.77
N LYS A 42 -5.87 -4.35 -2.25
CA LYS A 42 -5.21 -5.36 -1.43
C LYS A 42 -3.74 -5.02 -1.23
N ILE A 43 -3.36 -4.74 0.02
CA ILE A 43 -1.98 -4.40 0.33
C ILE A 43 -1.22 -5.63 0.83
N HIS A 44 -0.13 -5.96 0.15
CA HIS A 44 0.70 -7.11 0.51
C HIS A 44 2.02 -6.66 1.14
N VAL A 45 2.14 -6.84 2.45
CA VAL A 45 3.35 -6.46 3.16
C VAL A 45 4.36 -7.60 3.19
N ALA A 46 5.54 -7.35 2.67
CA ALA A 46 6.60 -8.36 2.66
C ALA A 46 7.79 -7.93 3.49
N GLY A 47 7.99 -8.60 4.62
CA GLY A 47 9.11 -8.27 5.50
C GLY A 47 10.33 -9.12 5.21
N GLU A 48 11.07 -9.44 6.27
CA GLU A 48 12.28 -10.25 6.13
C GLU A 48 11.94 -11.71 5.85
N THR A 49 11.47 -12.40 6.88
CA THR A 49 11.10 -13.81 6.75
C THR A 49 9.61 -14.02 7.03
N ASP A 50 8.79 -13.08 6.57
CA ASP A 50 7.35 -13.17 6.77
C ASP A 50 6.63 -12.06 6.00
N SER A 51 5.35 -12.28 5.72
CA SER A 51 4.55 -11.31 5.00
C SER A 51 3.11 -11.30 5.49
N SER A 52 2.41 -10.19 5.27
CA SER A 52 1.02 -10.05 5.70
C SER A 52 0.12 -9.72 4.52
N ASN A 53 -1.19 -9.80 4.75
CA ASN A 53 -2.17 -9.51 3.70
C ASN A 53 -3.19 -8.49 4.17
N LEU A 54 -3.59 -7.60 3.27
CA LEU A 54 -4.57 -6.57 3.59
C LEU A 54 -5.64 -6.48 2.52
N ASN A 55 -6.86 -6.13 2.94
CA ASN A 55 -7.97 -6.01 2.00
C ASN A 55 -8.90 -4.86 2.41
N VAL A 56 -8.81 -3.75 1.67
CA VAL A 56 -9.63 -2.59 1.95
C VAL A 56 -10.24 -2.02 0.67
N SER A 57 -11.31 -1.24 0.82
CA SER A 57 -11.98 -0.63 -0.32
C SER A 57 -11.64 0.85 -0.43
N GLU A 58 -10.73 1.31 0.41
CA GLU A 58 -10.31 2.71 0.41
C GLU A 58 -8.91 2.86 -0.15
N PRO A 59 -8.61 4.05 -0.70
CA PRO A 59 -7.30 4.36 -1.28
C PRO A 59 -6.21 4.46 -0.22
N ARG A 60 -6.57 4.19 1.02
CA ARG A 60 -5.62 4.26 2.14
C ARG A 60 -5.72 3.02 3.02
N ALA A 61 -4.62 2.66 3.66
CA ALA A 61 -4.58 1.50 4.53
C ALA A 61 -3.34 1.51 5.41
N VAL A 62 -3.53 1.43 6.72
CA VAL A 62 -2.42 1.44 7.67
C VAL A 62 -1.93 0.02 7.94
N ILE A 63 -0.67 -0.10 8.34
CA ILE A 63 -0.09 -1.40 8.63
C ILE A 63 0.44 -1.46 10.06
N PRO A 64 -0.35 -2.07 10.96
CA PRO A 64 0.00 -2.20 12.37
C PRO A 64 1.16 -3.18 12.59
N GLY A 65 1.54 -3.37 13.84
CA GLY A 65 2.62 -4.29 14.15
C GLY A 65 3.70 -4.28 13.10
N LEU A 66 4.39 -3.15 12.94
CA LEU A 66 5.45 -3.03 11.95
C LEU A 66 6.82 -3.12 12.61
N ARG A 67 7.79 -3.65 11.87
CA ARG A 67 9.16 -3.78 12.39
C ARG A 67 10.00 -2.58 11.99
N SER A 68 10.47 -1.85 12.99
CA SER A 68 11.31 -0.67 12.75
C SER A 68 12.68 -1.06 12.23
N SER A 69 13.38 -0.11 11.62
CA SER A 69 14.70 -0.36 11.08
C SER A 69 14.71 -1.64 10.24
N THR A 70 13.73 -1.76 9.35
CA THR A 70 13.62 -2.93 8.48
C THR A 70 12.98 -2.56 7.15
N PHE A 71 13.55 -3.08 6.07
CA PHE A 71 13.02 -2.82 4.72
C PHE A 71 11.69 -3.53 4.51
N TYR A 72 10.78 -2.88 3.80
CA TYR A 72 9.48 -3.45 3.52
C TYR A 72 9.08 -3.21 2.06
N ASN A 73 8.24 -4.11 1.53
CA ASN A 73 7.78 -3.99 0.15
C ASN A 73 6.26 -4.13 0.07
N ILE A 74 5.57 -3.01 -0.09
CA ILE A 74 4.12 -3.01 -0.19
C ILE A 74 3.66 -3.04 -1.64
N THR A 75 2.47 -3.57 -1.87
CA THR A 75 1.92 -3.66 -3.22
C THR A 75 0.40 -3.51 -3.20
N VAL A 76 -0.08 -2.38 -3.69
CA VAL A 76 -1.52 -2.12 -3.73
C VAL A 76 -2.12 -2.56 -5.06
N CYS A 77 -2.76 -3.72 -5.06
CA CYS A 77 -3.36 -4.26 -6.27
C CYS A 77 -4.85 -3.88 -6.34
N PRO A 78 -5.20 -3.05 -7.33
CA PRO A 78 -6.58 -2.60 -7.52
C PRO A 78 -7.50 -3.71 -8.00
N VAL A 79 -8.69 -3.79 -7.43
CA VAL A 79 -9.66 -4.82 -7.80
C VAL A 79 -11.08 -4.26 -7.78
N LEU A 80 -11.65 -4.07 -8.96
CA LEU A 80 -13.00 -3.55 -9.08
C LEU A 80 -14.04 -4.64 -8.79
N GLY A 81 -13.69 -5.88 -9.14
CA GLY A 81 -14.61 -6.98 -8.90
C GLY A 81 -14.04 -8.30 -9.41
N ASP A 82 -13.81 -8.37 -10.71
CA ASP A 82 -13.27 -9.59 -11.32
C ASP A 82 -12.07 -9.27 -12.19
N ILE A 83 -11.54 -8.06 -12.05
CA ILE A 83 -10.37 -7.64 -12.83
C ILE A 83 -9.24 -7.18 -11.91
N GLU A 84 -8.01 -7.47 -12.32
CA GLU A 84 -6.84 -7.09 -11.55
C GLU A 84 -5.97 -6.10 -12.33
N GLY A 85 -6.06 -4.83 -11.94
CA GLY A 85 -5.28 -3.80 -12.61
C GLY A 85 -3.80 -3.89 -12.28
N THR A 86 -3.08 -2.78 -12.48
CA THR A 86 -1.65 -2.74 -12.21
C THR A 86 -1.38 -2.44 -10.74
N PRO A 87 -0.62 -3.32 -10.08
CA PRO A 87 -0.27 -3.17 -8.67
C PRO A 87 0.70 -2.01 -8.44
N GLY A 88 0.43 -1.20 -7.42
CA GLY A 88 1.29 -0.08 -7.11
C GLY A 88 2.33 -0.42 -6.07
N PHE A 89 3.61 -0.36 -6.47
CA PHE A 89 4.70 -0.66 -5.56
C PHE A 89 5.30 0.62 -4.98
N LEU A 90 5.79 0.53 -3.74
CA LEU A 90 6.38 1.68 -3.07
C LEU A 90 7.29 1.23 -1.94
N GLN A 91 8.58 1.55 -2.06
CA GLN A 91 9.56 1.18 -1.03
C GLN A 91 9.45 2.10 0.19
N VAL A 92 9.42 1.49 1.36
CA VAL A 92 9.32 2.24 2.60
C VAL A 92 10.37 1.80 3.61
N HIS A 93 10.86 2.74 4.41
CA HIS A 93 11.87 2.45 5.42
C HIS A 93 11.45 2.99 6.79
N THR A 94 11.12 2.08 7.69
CA THR A 94 10.71 2.45 9.04
C THR A 94 11.85 3.13 9.79
N PRO A 95 11.49 4.13 10.62
CA PRO A 95 12.46 4.88 11.42
C PRO A 95 13.07 4.03 12.54
N PRO A 96 14.25 4.44 13.02
CA PRO A 96 14.96 3.73 14.09
C PRO A 96 14.25 3.89 15.44
N VAL A 97 13.83 2.77 16.02
CA VAL A 97 13.14 2.79 17.31
C VAL A 97 13.68 3.90 18.20
N PRO A 98 12.78 4.65 18.82
CA PRO A 98 13.14 5.75 19.72
C PRO A 98 13.77 5.26 21.02
N SER A 99 13.99 3.96 21.11
CA SER A 99 14.58 3.35 22.30
C SER A 99 15.91 2.68 21.96
N GLY A 100 16.70 2.40 22.99
CA GLY A 100 17.99 1.76 22.79
C GLY A 100 19.05 2.25 23.75
N PRO A 101 20.06 1.42 24.01
CA PRO A 101 21.15 1.75 24.93
C PRO A 101 22.07 2.83 24.35
N SER A 102 23.16 3.11 25.06
CA SER A 102 24.12 4.11 24.62
C SER A 102 25.05 3.56 23.55
N SER A 103 25.45 4.41 22.62
CA SER A 103 26.34 4.00 21.53
C SER A 103 27.80 4.13 21.95
N GLY A 104 28.15 5.27 22.54
CA GLY A 104 29.51 5.50 22.98
C GLY A 104 29.58 5.97 24.42
N GLY A 1 -12.80 -6.20 -35.50
CA GLY A 1 -13.72 -5.22 -34.95
C GLY A 1 -13.01 -4.02 -34.37
N SER A 2 -13.65 -3.38 -33.39
CA SER A 2 -13.08 -2.19 -32.75
C SER A 2 -12.18 -2.59 -31.60
N SER A 3 -11.21 -1.73 -31.27
CA SER A 3 -10.29 -1.99 -30.17
C SER A 3 -11.02 -2.53 -28.95
N GLY A 4 -10.30 -3.27 -28.12
CA GLY A 4 -10.90 -3.83 -26.91
C GLY A 4 -11.40 -2.75 -25.97
N SER A 5 -10.79 -2.69 -24.78
CA SER A 5 -11.18 -1.71 -23.78
C SER A 5 -10.11 -0.63 -23.62
N SER A 6 -10.53 0.62 -23.60
CA SER A 6 -9.61 1.74 -23.47
C SER A 6 -9.45 2.13 -22.00
N GLY A 7 -8.21 2.42 -21.60
CA GLY A 7 -7.94 2.79 -20.23
C GLY A 7 -7.95 1.61 -19.28
N ALA A 8 -6.79 1.26 -18.76
CA ALA A 8 -6.67 0.14 -17.84
C ALA A 8 -6.39 0.61 -16.41
N ILE A 9 -7.31 0.31 -15.51
CA ILE A 9 -7.16 0.71 -14.11
C ILE A 9 -5.71 0.62 -13.66
N GLN A 10 -5.18 1.72 -13.13
CA GLN A 10 -3.80 1.75 -12.67
C GLN A 10 -3.66 2.65 -11.44
N VAL A 11 -2.82 2.23 -10.50
CA VAL A 11 -2.60 2.99 -9.28
C VAL A 11 -1.32 3.82 -9.36
N PHE A 12 -1.44 5.11 -9.07
CA PHE A 12 -0.28 6.01 -9.13
C PHE A 12 -0.30 6.97 -7.94
N ASP A 13 0.82 7.67 -7.74
CA ASP A 13 0.94 8.61 -6.65
C ASP A 13 1.03 7.89 -5.30
N VAL A 14 1.54 6.67 -5.34
CA VAL A 14 1.69 5.87 -4.12
C VAL A 14 2.79 6.42 -3.23
N THR A 15 2.39 6.99 -2.09
CA THR A 15 3.33 7.57 -1.14
C THR A 15 2.92 7.28 0.29
N ALA A 16 3.90 7.18 1.19
CA ALA A 16 3.64 6.91 2.59
C ALA A 16 3.24 8.19 3.32
N VAL A 17 1.94 8.42 3.44
CA VAL A 17 1.43 9.60 4.12
C VAL A 17 1.96 9.69 5.54
N ASN A 18 2.07 8.54 6.20
CA ASN A 18 2.57 8.49 7.57
C ASN A 18 3.36 7.21 7.81
N ILE A 19 4.44 7.32 8.59
CA ILE A 19 5.27 6.17 8.90
C ILE A 19 5.70 6.18 10.36
N SER A 20 5.47 5.07 11.05
CA SER A 20 5.84 4.96 12.46
C SER A 20 6.72 3.74 12.70
N ALA A 21 7.06 3.49 13.96
CA ALA A 21 7.89 2.35 14.31
C ALA A 21 7.08 1.07 14.38
N THR A 22 5.79 1.21 14.67
CA THR A 22 4.89 0.06 14.76
C THR A 22 3.60 0.30 13.99
N SER A 23 3.65 1.23 13.04
CA SER A 23 2.48 1.56 12.23
C SER A 23 2.84 2.57 11.14
N LEU A 24 2.27 2.38 9.96
CA LEU A 24 2.52 3.26 8.83
C LEU A 24 1.32 3.35 7.91
N THR A 25 0.95 4.57 7.53
CA THR A 25 -0.20 4.78 6.65
C THR A 25 0.25 4.95 5.20
N LEU A 26 -0.57 4.46 4.27
CA LEU A 26 -0.25 4.57 2.85
C LEU A 26 -1.41 5.21 2.09
N ILE A 27 -1.08 5.96 1.04
CA ILE A 27 -2.08 6.62 0.22
C ILE A 27 -1.72 6.57 -1.26
N TRP A 28 -2.71 6.28 -2.10
CA TRP A 28 -2.49 6.20 -3.53
C TRP A 28 -3.65 6.83 -4.29
N LYS A 29 -3.36 7.30 -5.51
CA LYS A 29 -4.38 7.93 -6.34
C LYS A 29 -4.76 7.04 -7.51
N VAL A 30 -6.05 6.76 -7.66
CA VAL A 30 -6.53 5.92 -8.75
C VAL A 30 -7.00 6.77 -9.93
N SER A 31 -6.91 6.19 -11.13
CA SER A 31 -7.32 6.89 -12.34
C SER A 31 -8.82 6.74 -12.57
N ASP A 32 -9.58 7.80 -12.26
CA ASP A 32 -11.02 7.80 -12.44
C ASP A 32 -11.41 7.02 -13.70
N ASN A 33 -11.72 5.74 -13.53
CA ASN A 33 -12.11 4.90 -14.65
C ASN A 33 -13.62 4.94 -14.88
N GLU A 34 -14.07 4.35 -15.96
CA GLU A 34 -15.49 4.32 -16.30
C GLU A 34 -16.34 4.17 -15.04
N SER A 35 -15.77 3.51 -14.03
CA SER A 35 -16.47 3.29 -12.77
C SER A 35 -15.50 2.93 -11.66
N SER A 36 -15.60 3.64 -10.53
CA SER A 36 -14.72 3.41 -9.40
C SER A 36 -15.52 2.92 -8.19
N SER A 37 -16.67 2.29 -8.46
CA SER A 37 -17.52 1.78 -7.40
C SER A 37 -17.12 0.36 -7.01
N ASN A 38 -17.24 0.05 -5.72
CA ASN A 38 -16.90 -1.27 -5.21
C ASN A 38 -15.43 -1.60 -5.49
N TYR A 39 -14.58 -0.58 -5.40
CA TYR A 39 -13.15 -0.76 -5.65
C TYR A 39 -12.43 -1.17 -4.37
N THR A 40 -11.64 -2.24 -4.47
CA THR A 40 -10.90 -2.74 -3.32
C THR A 40 -9.40 -2.54 -3.51
N TYR A 41 -8.63 -2.76 -2.46
CA TYR A 41 -7.19 -2.61 -2.51
C TYR A 41 -6.50 -3.64 -1.61
N LYS A 42 -5.73 -4.53 -2.24
CA LYS A 42 -5.00 -5.56 -1.50
C LYS A 42 -3.55 -5.17 -1.29
N ILE A 43 -3.21 -4.81 -0.06
CA ILE A 43 -1.85 -4.41 0.28
C ILE A 43 -1.02 -5.61 0.73
N HIS A 44 -0.18 -6.12 -0.16
CA HIS A 44 0.67 -7.26 0.15
C HIS A 44 1.95 -6.81 0.84
N VAL A 45 2.05 -7.10 2.13
CA VAL A 45 3.24 -6.73 2.90
C VAL A 45 4.30 -7.82 2.84
N ALA A 46 5.55 -7.40 2.69
CA ALA A 46 6.66 -8.35 2.62
C ALA A 46 7.83 -7.88 3.50
N GLY A 47 7.98 -8.53 4.65
CA GLY A 47 9.05 -8.17 5.56
C GLY A 47 10.35 -8.88 5.23
N GLU A 48 11.03 -9.37 6.26
CA GLU A 48 12.29 -10.07 6.09
C GLU A 48 12.07 -11.58 6.03
N THR A 49 11.40 -12.11 7.06
CA THR A 49 11.13 -13.54 7.14
C THR A 49 9.64 -13.80 7.39
N ASP A 50 8.80 -12.96 6.82
CA ASP A 50 7.36 -13.10 7.00
C ASP A 50 6.61 -12.14 6.08
N SER A 51 5.31 -12.38 5.91
CA SER A 51 4.47 -11.54 5.06
C SER A 51 3.03 -11.53 5.54
N SER A 52 2.26 -10.56 5.07
CA SER A 52 0.86 -10.44 5.46
C SER A 52 0.02 -9.88 4.31
N ASN A 53 -1.26 -10.21 4.31
CA ASN A 53 -2.18 -9.74 3.28
C ASN A 53 -3.18 -8.74 3.84
N LEU A 54 -3.55 -7.75 3.03
CA LEU A 54 -4.50 -6.74 3.45
C LEU A 54 -5.65 -6.62 2.45
N ASN A 55 -6.80 -6.18 2.94
CA ASN A 55 -7.98 -6.02 2.08
C ASN A 55 -8.83 -4.85 2.55
N VAL A 56 -8.76 -3.74 1.82
CA VAL A 56 -9.54 -2.56 2.15
C VAL A 56 -10.26 -2.00 0.92
N SER A 57 -11.32 -1.23 1.16
CA SER A 57 -12.10 -0.65 0.08
C SER A 57 -11.72 0.81 -0.13
N GLU A 58 -10.80 1.30 0.70
CA GLU A 58 -10.35 2.69 0.60
C GLU A 58 -8.94 2.76 0.01
N PRO A 59 -8.62 3.91 -0.60
CA PRO A 59 -7.31 4.14 -1.21
C PRO A 59 -6.20 4.25 -0.18
N ARG A 60 -6.54 4.05 1.09
CA ARG A 60 -5.57 4.14 2.17
C ARG A 60 -5.58 2.86 3.00
N ALA A 61 -4.44 2.55 3.61
CA ALA A 61 -4.33 1.35 4.44
C ALA A 61 -3.11 1.44 5.36
N VAL A 62 -3.32 1.26 6.65
CA VAL A 62 -2.24 1.31 7.63
C VAL A 62 -1.78 -0.09 8.01
N ILE A 63 -0.48 -0.25 8.22
CA ILE A 63 0.09 -1.54 8.60
C ILE A 63 0.56 -1.52 10.06
N PRO A 64 -0.27 -2.08 10.95
CA PRO A 64 0.03 -2.16 12.38
C PRO A 64 1.17 -3.13 12.68
N GLY A 65 1.50 -3.27 13.96
CA GLY A 65 2.56 -4.16 14.37
C GLY A 65 3.69 -4.21 13.35
N LEU A 66 4.38 -3.09 13.20
CA LEU A 66 5.50 -3.00 12.25
C LEU A 66 6.84 -3.04 12.98
N ARG A 67 7.88 -3.45 12.27
CA ARG A 67 9.22 -3.53 12.85
C ARG A 67 10.04 -2.29 12.51
N SER A 68 10.87 -1.85 13.45
CA SER A 68 11.70 -0.68 13.24
C SER A 68 12.95 -1.03 12.46
N SER A 69 13.53 -0.04 11.79
CA SER A 69 14.73 -0.24 11.00
C SER A 69 14.66 -1.56 10.23
N THR A 70 13.59 -1.73 9.46
CA THR A 70 13.41 -2.94 8.67
C THR A 70 12.78 -2.63 7.32
N PHE A 71 13.35 -3.23 6.26
CA PHE A 71 12.84 -3.00 4.91
C PHE A 71 11.50 -3.70 4.71
N TYR A 72 10.66 -3.11 3.87
CA TYR A 72 9.34 -3.66 3.59
C TYR A 72 8.96 -3.46 2.13
N ASN A 73 8.05 -4.29 1.64
CA ASN A 73 7.61 -4.21 0.25
C ASN A 73 6.08 -4.30 0.17
N ILE A 74 5.43 -3.15 -0.05
CA ILE A 74 3.98 -3.11 -0.15
C ILE A 74 3.54 -3.16 -1.61
N THR A 75 2.34 -3.71 -1.84
CA THR A 75 1.79 -3.82 -3.18
C THR A 75 0.30 -3.58 -3.19
N VAL A 76 -0.12 -2.45 -3.75
CA VAL A 76 -1.54 -2.10 -3.82
C VAL A 76 -2.13 -2.52 -5.16
N CYS A 77 -2.95 -3.57 -5.14
CA CYS A 77 -3.58 -4.08 -6.35
C CYS A 77 -5.08 -3.78 -6.33
N PRO A 78 -5.52 -2.88 -7.21
CA PRO A 78 -6.92 -2.49 -7.32
C PRO A 78 -7.79 -3.60 -7.89
N VAL A 79 -8.95 -3.82 -7.28
CA VAL A 79 -9.87 -4.86 -7.74
C VAL A 79 -11.32 -4.37 -7.67
N LEU A 80 -11.93 -4.20 -8.84
CA LEU A 80 -13.32 -3.74 -8.92
C LEU A 80 -14.29 -4.89 -8.69
N GLY A 81 -13.92 -6.08 -9.19
CA GLY A 81 -14.77 -7.25 -9.01
C GLY A 81 -14.18 -8.48 -9.66
N ASP A 82 -13.95 -8.41 -10.97
CA ASP A 82 -13.40 -9.53 -11.71
C ASP A 82 -12.21 -9.08 -12.56
N ILE A 83 -11.72 -7.88 -12.30
CA ILE A 83 -10.58 -7.33 -13.04
C ILE A 83 -9.44 -6.96 -12.10
N GLU A 84 -8.22 -7.02 -12.61
CA GLU A 84 -7.05 -6.68 -11.81
C GLU A 84 -6.22 -5.60 -12.50
N GLY A 85 -6.06 -4.46 -11.83
CA GLY A 85 -5.29 -3.37 -12.39
C GLY A 85 -3.80 -3.52 -12.13
N THR A 86 -3.07 -2.42 -12.29
CA THR A 86 -1.63 -2.43 -12.07
C THR A 86 -1.30 -2.20 -10.60
N PRO A 87 -0.57 -3.15 -10.00
CA PRO A 87 -0.16 -3.08 -8.59
C PRO A 87 0.88 -1.99 -8.34
N GLY A 88 0.55 -1.05 -7.48
CA GLY A 88 1.47 0.03 -7.17
C GLY A 88 2.48 -0.35 -6.11
N PHE A 89 3.76 -0.38 -6.50
CA PHE A 89 4.83 -0.74 -5.58
C PHE A 89 5.49 0.51 -5.00
N LEU A 90 5.95 0.41 -3.76
CA LEU A 90 6.61 1.52 -3.09
C LEU A 90 7.48 1.04 -1.94
N GLN A 91 8.78 1.32 -2.03
CA GLN A 91 9.72 0.91 -1.00
C GLN A 91 9.61 1.80 0.23
N VAL A 92 9.45 1.19 1.39
CA VAL A 92 9.33 1.94 2.64
C VAL A 92 10.36 1.45 3.67
N HIS A 93 10.79 2.36 4.54
CA HIS A 93 11.76 2.04 5.57
C HIS A 93 11.36 2.63 6.91
N THR A 94 10.89 1.77 7.82
CA THR A 94 10.47 2.21 9.14
C THR A 94 11.53 3.09 9.79
N PRO A 95 11.08 4.12 10.53
CA PRO A 95 11.98 5.05 11.22
C PRO A 95 12.70 4.40 12.40
N PRO A 96 13.93 4.85 12.66
CA PRO A 96 14.75 4.33 13.76
C PRO A 96 14.21 4.72 15.13
N VAL A 97 13.87 3.71 15.94
CA VAL A 97 13.33 3.94 17.27
C VAL A 97 13.95 5.19 17.90
N PRO A 98 13.10 6.02 18.52
CA PRO A 98 13.55 7.26 19.18
C PRO A 98 14.36 6.99 20.44
N SER A 99 14.61 5.71 20.71
CA SER A 99 15.38 5.31 21.89
C SER A 99 16.73 6.00 21.91
N GLY A 100 17.09 6.57 23.06
CA GLY A 100 18.36 7.25 23.20
C GLY A 100 18.51 7.96 24.52
N PRO A 101 19.73 8.44 24.81
CA PRO A 101 20.01 9.15 26.06
C PRO A 101 19.34 10.52 26.14
N SER A 102 18.72 10.92 25.03
CA SER A 102 18.04 12.21 24.96
C SER A 102 17.01 12.33 26.08
N SER A 103 17.41 12.93 27.19
CA SER A 103 16.53 13.10 28.34
C SER A 103 16.22 14.58 28.57
N GLY A 104 15.13 15.06 27.98
CA GLY A 104 14.76 16.45 28.13
C GLY A 104 15.95 17.38 28.17
N GLY A 1 -19.91 -0.83 -31.28
CA GLY A 1 -19.76 0.50 -30.72
C GLY A 1 -18.34 1.02 -30.82
N SER A 2 -18.11 1.95 -31.73
CA SER A 2 -16.79 2.52 -31.94
C SER A 2 -16.16 2.91 -30.61
N SER A 3 -14.98 2.36 -30.34
CA SER A 3 -14.26 2.64 -29.10
C SER A 3 -13.47 3.94 -29.21
N GLY A 4 -13.67 4.83 -28.24
CA GLY A 4 -12.97 6.09 -28.24
C GLY A 4 -11.78 6.11 -27.31
N SER A 5 -12.01 6.47 -26.06
CA SER A 5 -10.94 6.53 -25.06
C SER A 5 -11.19 5.51 -23.94
N SER A 6 -10.48 4.39 -24.01
CA SER A 6 -10.63 3.34 -23.02
C SER A 6 -9.31 3.11 -22.28
N GLY A 7 -9.26 3.53 -21.02
CA GLY A 7 -8.04 3.36 -20.24
C GLY A 7 -8.06 2.07 -19.42
N ALA A 8 -7.31 2.06 -18.33
CA ALA A 8 -7.23 0.88 -17.47
C ALA A 8 -6.98 1.28 -16.02
N ILE A 9 -7.37 0.41 -15.10
CA ILE A 9 -7.19 0.67 -13.68
C ILE A 9 -5.71 0.60 -13.30
N GLN A 10 -5.10 1.76 -13.09
CA GLN A 10 -3.70 1.83 -12.72
C GLN A 10 -3.50 2.70 -11.48
N VAL A 11 -2.87 2.13 -10.46
CA VAL A 11 -2.63 2.85 -9.21
C VAL A 11 -1.30 3.61 -9.27
N PHE A 12 -1.38 4.92 -9.07
CA PHE A 12 -0.19 5.77 -9.11
C PHE A 12 -0.16 6.72 -7.92
N ASP A 13 0.86 7.58 -7.88
CA ASP A 13 0.99 8.55 -6.79
C ASP A 13 0.98 7.85 -5.44
N VAL A 14 1.64 6.69 -5.37
CA VAL A 14 1.70 5.93 -4.13
C VAL A 14 2.78 6.46 -3.20
N THR A 15 2.38 6.88 -2.01
CA THR A 15 3.32 7.42 -1.03
C THR A 15 2.83 7.19 0.39
N ALA A 16 3.73 7.34 1.36
CA ALA A 16 3.38 7.15 2.76
C ALA A 16 3.18 8.49 3.46
N VAL A 17 1.92 8.83 3.72
CA VAL A 17 1.59 10.09 4.37
C VAL A 17 2.17 10.14 5.79
N ASN A 18 2.45 8.96 6.34
CA ASN A 18 3.01 8.86 7.68
C ASN A 18 3.67 7.51 7.90
N ILE A 19 4.85 7.52 8.51
CA ILE A 19 5.59 6.30 8.77
C ILE A 19 6.08 6.26 10.21
N SER A 20 5.45 5.40 11.03
CA SER A 20 5.82 5.27 12.43
C SER A 20 6.66 4.02 12.64
N ALA A 21 6.98 3.74 13.91
CA ALA A 21 7.78 2.57 14.26
C ALA A 21 6.97 1.29 14.15
N THR A 22 5.79 1.28 14.77
CA THR A 22 4.91 0.12 14.74
C THR A 22 3.64 0.41 13.98
N SER A 23 3.74 1.27 12.96
CA SER A 23 2.58 1.64 12.15
C SER A 23 2.99 2.52 10.98
N LEU A 24 2.24 2.46 9.89
CA LEU A 24 2.52 3.26 8.71
C LEU A 24 1.29 3.39 7.83
N THR A 25 0.95 4.63 7.49
CA THR A 25 -0.21 4.89 6.64
C THR A 25 0.18 4.98 5.18
N LEU A 26 -0.50 4.20 4.34
CA LEU A 26 -0.22 4.18 2.91
C LEU A 26 -1.34 4.85 2.13
N ILE A 27 -0.98 5.57 1.06
CA ILE A 27 -1.96 6.25 0.23
C ILE A 27 -1.60 6.13 -1.24
N TRP A 28 -2.62 6.23 -2.10
CA TRP A 28 -2.40 6.14 -3.54
C TRP A 28 -3.57 6.77 -4.30
N LYS A 29 -3.32 7.14 -5.55
CA LYS A 29 -4.34 7.75 -6.38
C LYS A 29 -4.74 6.82 -7.54
N VAL A 30 -6.03 6.50 -7.62
CA VAL A 30 -6.52 5.62 -8.67
C VAL A 30 -7.08 6.43 -9.83
N SER A 31 -6.93 5.90 -11.04
CA SER A 31 -7.41 6.57 -12.24
C SER A 31 -8.90 6.32 -12.45
N ASP A 32 -9.66 6.39 -11.36
CA ASP A 32 -11.11 6.18 -11.41
C ASP A 32 -11.74 6.46 -10.06
N ASN A 33 -12.56 7.51 -10.00
CA ASN A 33 -13.24 7.88 -8.76
C ASN A 33 -14.75 7.76 -8.91
N GLU A 34 -15.24 8.00 -10.13
CA GLU A 34 -16.67 7.91 -10.40
C GLU A 34 -17.16 6.48 -10.28
N SER A 35 -16.40 5.55 -10.84
CA SER A 35 -16.76 4.14 -10.80
C SER A 35 -15.91 3.39 -9.77
N SER A 36 -15.58 4.08 -8.68
CA SER A 36 -14.78 3.48 -7.63
C SER A 36 -15.66 2.98 -6.49
N SER A 37 -16.80 2.40 -6.85
CA SER A 37 -17.73 1.88 -5.85
C SER A 37 -17.26 0.54 -5.32
N ASN A 38 -17.31 -0.49 -6.16
CA ASN A 38 -16.89 -1.82 -5.76
C ASN A 38 -15.39 -1.99 -5.93
N TYR A 39 -14.66 -0.88 -5.82
CA TYR A 39 -13.21 -0.90 -5.96
C TYR A 39 -12.54 -1.27 -4.63
N THR A 40 -11.69 -2.29 -4.68
CA THR A 40 -10.99 -2.74 -3.49
C THR A 40 -9.47 -2.54 -3.62
N TYR A 41 -8.73 -2.97 -2.61
CA TYR A 41 -7.28 -2.83 -2.63
C TYR A 41 -6.62 -3.92 -1.77
N LYS A 42 -5.71 -4.66 -2.39
CA LYS A 42 -5.01 -5.74 -1.70
C LYS A 42 -3.55 -5.36 -1.46
N ILE A 43 -3.24 -4.94 -0.24
CA ILE A 43 -1.89 -4.56 0.12
C ILE A 43 -1.07 -5.76 0.57
N HIS A 44 -0.06 -6.12 -0.22
CA HIS A 44 0.80 -7.26 0.11
C HIS A 44 2.10 -6.79 0.77
N VAL A 45 2.19 -7.01 2.08
CA VAL A 45 3.38 -6.61 2.82
C VAL A 45 4.44 -7.71 2.79
N ALA A 46 5.62 -7.35 2.27
CA ALA A 46 6.72 -8.31 2.18
C ALA A 46 7.95 -7.79 2.93
N GLY A 47 8.16 -8.31 4.13
CA GLY A 47 9.30 -7.89 4.92
C GLY A 47 10.42 -8.92 4.91
N GLU A 48 10.94 -9.23 6.09
CA GLU A 48 12.03 -10.20 6.21
C GLU A 48 11.51 -11.53 6.75
N THR A 49 11.75 -12.61 5.99
CA THR A 49 11.31 -13.93 6.38
C THR A 49 9.88 -13.91 6.89
N ASP A 50 9.07 -13.03 6.31
CA ASP A 50 7.67 -12.91 6.72
C ASP A 50 6.92 -11.96 5.79
N SER A 51 5.59 -12.08 5.76
CA SER A 51 4.77 -11.24 4.91
C SER A 51 3.32 -11.26 5.38
N SER A 52 2.53 -10.29 4.91
CA SER A 52 1.13 -10.19 5.28
C SER A 52 0.30 -9.62 4.14
N ASN A 53 -1.00 -9.83 4.19
CA ASN A 53 -1.91 -9.34 3.16
C ASN A 53 -3.03 -8.49 3.77
N LEU A 54 -3.30 -7.36 3.15
CA LEU A 54 -4.35 -6.45 3.63
C LEU A 54 -5.52 -6.42 2.66
N ASN A 55 -6.70 -6.09 3.18
CA ASN A 55 -7.91 -6.02 2.36
C ASN A 55 -8.77 -4.83 2.77
N VAL A 56 -8.76 -3.78 1.94
CA VAL A 56 -9.55 -2.59 2.21
C VAL A 56 -10.26 -2.10 0.97
N SER A 57 -11.16 -1.15 1.13
CA SER A 57 -11.92 -0.60 0.02
C SER A 57 -11.52 0.85 -0.25
N GLU A 58 -10.73 1.42 0.65
CA GLU A 58 -10.28 2.80 0.51
C GLU A 58 -8.87 2.84 -0.09
N PRO A 59 -8.53 4.00 -0.71
CA PRO A 59 -7.22 4.20 -1.33
C PRO A 59 -6.10 4.29 -0.30
N ARG A 60 -6.44 4.09 0.96
CA ARG A 60 -5.46 4.16 2.05
C ARG A 60 -5.56 2.92 2.94
N ALA A 61 -4.47 2.61 3.62
CA ALA A 61 -4.42 1.46 4.51
C ALA A 61 -3.20 1.51 5.43
N VAL A 62 -3.46 1.49 6.74
CA VAL A 62 -2.39 1.54 7.72
C VAL A 62 -1.96 0.14 8.15
N ILE A 63 -0.66 -0.07 8.28
CA ILE A 63 -0.13 -1.37 8.68
C ILE A 63 0.38 -1.33 10.12
N PRO A 64 -0.45 -1.82 11.05
CA PRO A 64 -0.10 -1.85 12.47
C PRO A 64 1.01 -2.87 12.78
N GLY A 65 1.39 -2.94 14.05
CA GLY A 65 2.44 -3.87 14.44
C GLY A 65 3.52 -4.01 13.40
N LEU A 66 4.23 -2.91 13.14
CA LEU A 66 5.31 -2.92 12.15
C LEU A 66 6.67 -3.07 12.82
N ARG A 67 7.70 -3.31 12.01
CA ARG A 67 9.05 -3.48 12.53
C ARG A 67 9.87 -2.21 12.32
N SER A 68 10.63 -1.83 13.34
CA SER A 68 11.46 -0.63 13.27
C SER A 68 12.73 -0.90 12.48
N SER A 69 13.23 0.13 11.80
CA SER A 69 14.44 0.01 11.01
C SER A 69 14.46 -1.31 10.24
N THR A 70 13.39 -1.58 9.50
CA THR A 70 13.28 -2.82 8.74
C THR A 70 12.70 -2.55 7.35
N PHE A 71 13.29 -3.17 6.34
CA PHE A 71 12.83 -3.00 4.97
C PHE A 71 11.50 -3.70 4.75
N TYR A 72 10.64 -3.11 3.93
CA TYR A 72 9.33 -3.67 3.64
C TYR A 72 8.95 -3.43 2.18
N ASN A 73 8.01 -4.24 1.68
CA ASN A 73 7.55 -4.12 0.31
C ASN A 73 6.03 -4.16 0.24
N ILE A 74 5.42 -3.00 0.00
CA ILE A 74 3.96 -2.91 -0.10
C ILE A 74 3.51 -2.85 -1.55
N THR A 75 2.41 -3.53 -1.85
CA THR A 75 1.87 -3.55 -3.20
C THR A 75 0.36 -3.41 -3.19
N VAL A 76 -0.14 -2.30 -3.74
CA VAL A 76 -1.57 -2.05 -3.79
C VAL A 76 -2.14 -2.39 -5.16
N CYS A 77 -2.87 -3.49 -5.23
CA CYS A 77 -3.48 -3.93 -6.48
C CYS A 77 -5.00 -3.79 -6.44
N PRO A 78 -5.54 -2.93 -7.31
CA PRO A 78 -6.98 -2.69 -7.40
C PRO A 78 -7.74 -3.89 -7.94
N VAL A 79 -9.01 -4.02 -7.54
CA VAL A 79 -9.85 -5.12 -7.99
C VAL A 79 -11.31 -4.73 -8.01
N LEU A 80 -11.88 -4.66 -9.22
CA LEU A 80 -13.29 -4.29 -9.37
C LEU A 80 -14.17 -5.53 -9.41
N GLY A 81 -13.97 -6.42 -8.44
CA GLY A 81 -14.76 -7.63 -8.38
C GLY A 81 -14.00 -8.86 -8.84
N ASP A 82 -13.83 -8.97 -10.16
CA ASP A 82 -13.10 -10.10 -10.74
C ASP A 82 -11.91 -9.61 -11.55
N ILE A 83 -11.92 -8.34 -11.92
CA ILE A 83 -10.84 -7.76 -12.70
C ILE A 83 -9.84 -7.02 -11.81
N GLU A 84 -8.57 -7.09 -12.18
CA GLU A 84 -7.52 -6.43 -11.41
C GLU A 84 -6.73 -5.47 -12.29
N GLY A 85 -6.06 -4.50 -11.65
CA GLY A 85 -5.28 -3.53 -12.38
C GLY A 85 -3.80 -3.63 -12.08
N THR A 86 -3.06 -2.58 -12.41
CA THR A 86 -1.63 -2.55 -12.18
C THR A 86 -1.31 -2.32 -10.70
N PRO A 87 -0.55 -3.24 -10.10
CA PRO A 87 -0.16 -3.16 -8.69
C PRO A 87 0.82 -2.04 -8.42
N GLY A 88 0.49 -1.18 -7.46
CA GLY A 88 1.35 -0.07 -7.11
C GLY A 88 2.36 -0.42 -6.04
N PHE A 89 3.64 -0.38 -6.40
CA PHE A 89 4.71 -0.69 -5.45
C PHE A 89 5.29 0.57 -4.83
N LEU A 90 5.76 0.45 -3.60
CA LEU A 90 6.35 1.60 -2.90
C LEU A 90 7.26 1.12 -1.77
N GLN A 91 8.55 1.43 -1.90
CA GLN A 91 9.54 1.04 -0.89
C GLN A 91 9.45 1.95 0.32
N VAL A 92 9.35 1.35 1.50
CA VAL A 92 9.27 2.10 2.74
C VAL A 92 10.34 1.66 3.73
N HIS A 93 10.90 2.62 4.47
CA HIS A 93 11.94 2.33 5.45
C HIS A 93 11.55 2.87 6.83
N THR A 94 11.02 1.98 7.68
CA THR A 94 10.62 2.36 9.02
C THR A 94 11.77 2.96 9.80
N PRO A 95 11.48 3.99 10.61
CA PRO A 95 12.47 4.68 11.44
C PRO A 95 12.99 3.81 12.57
N PRO A 96 14.15 4.17 13.13
CA PRO A 96 14.77 3.44 14.23
C PRO A 96 13.99 3.58 15.54
N VAL A 97 13.62 2.45 16.13
CA VAL A 97 12.87 2.45 17.38
C VAL A 97 13.60 3.23 18.45
N PRO A 98 12.92 4.22 19.05
CA PRO A 98 13.49 5.06 20.11
C PRO A 98 13.69 4.29 21.41
N SER A 99 14.88 3.73 21.59
CA SER A 99 15.21 2.97 22.78
C SER A 99 16.70 3.02 23.08
N GLY A 100 17.07 2.68 24.30
CA GLY A 100 18.47 2.68 24.70
C GLY A 100 18.74 1.85 25.93
N PRO A 101 20.02 1.73 26.30
CA PRO A 101 20.43 0.96 27.49
C PRO A 101 20.02 1.62 28.79
N SER A 102 19.13 0.97 29.53
CA SER A 102 18.65 1.51 30.80
C SER A 102 19.82 1.77 31.75
N SER A 103 20.21 3.04 31.84
CA SER A 103 21.32 3.42 32.71
C SER A 103 20.81 4.19 33.94
N GLY A 104 21.37 3.88 35.10
CA GLY A 104 20.95 4.56 36.32
C GLY A 104 21.66 5.88 36.52
N GLY A 1 -0.48 -1.93 -25.93
CA GLY A 1 -1.75 -1.56 -25.31
C GLY A 1 -2.93 -1.83 -26.21
N SER A 2 -4.06 -1.20 -25.89
CA SER A 2 -5.28 -1.38 -26.68
C SER A 2 -5.85 -0.03 -27.11
N SER A 3 -6.81 -0.06 -28.03
CA SER A 3 -7.44 1.15 -28.53
C SER A 3 -8.96 1.09 -28.36
N GLY A 4 -9.55 2.23 -28.02
CA GLY A 4 -10.99 2.28 -27.84
C GLY A 4 -11.38 2.69 -26.42
N SER A 5 -12.59 2.34 -26.03
CA SER A 5 -13.08 2.68 -24.69
C SER A 5 -12.65 1.63 -23.68
N SER A 6 -11.42 1.16 -23.81
CA SER A 6 -10.88 0.16 -22.91
C SER A 6 -9.97 0.79 -21.86
N GLY A 7 -10.38 0.72 -20.60
CA GLY A 7 -9.60 1.30 -19.53
C GLY A 7 -8.94 0.24 -18.65
N ALA A 8 -7.70 0.51 -18.26
CA ALA A 8 -6.96 -0.43 -17.42
C ALA A 8 -6.62 0.19 -16.07
N ILE A 9 -7.45 -0.09 -15.07
CA ILE A 9 -7.25 0.44 -13.73
C ILE A 9 -5.77 0.38 -13.34
N GLN A 10 -5.24 1.51 -12.87
CA GLN A 10 -3.84 1.58 -12.46
C GLN A 10 -3.69 2.48 -11.23
N VAL A 11 -3.07 1.93 -10.19
CA VAL A 11 -2.86 2.67 -8.96
C VAL A 11 -1.51 3.39 -8.96
N PHE A 12 -1.55 4.71 -9.00
CA PHE A 12 -0.33 5.51 -9.02
C PHE A 12 -0.34 6.54 -7.89
N ASP A 13 0.79 7.21 -7.70
CA ASP A 13 0.93 8.21 -6.65
C ASP A 13 1.00 7.56 -5.27
N VAL A 14 1.48 6.33 -5.23
CA VAL A 14 1.61 5.59 -3.99
C VAL A 14 2.67 6.21 -3.09
N THR A 15 2.27 6.61 -1.89
CA THR A 15 3.19 7.22 -0.94
C THR A 15 2.73 6.99 0.50
N ALA A 16 3.68 7.02 1.43
CA ALA A 16 3.36 6.82 2.85
C ALA A 16 3.20 8.16 3.57
N VAL A 17 1.95 8.62 3.67
CA VAL A 17 1.66 9.88 4.33
C VAL A 17 2.39 9.97 5.67
N ASN A 18 2.38 8.88 6.43
CA ASN A 18 3.03 8.85 7.74
C ASN A 18 3.70 7.49 7.96
N ILE A 19 4.91 7.53 8.51
CA ILE A 19 5.66 6.31 8.79
C ILE A 19 6.12 6.26 10.24
N SER A 20 5.51 5.37 11.02
CA SER A 20 5.84 5.23 12.43
C SER A 20 6.73 4.00 12.65
N ALA A 21 7.02 3.70 13.91
CA ALA A 21 7.84 2.55 14.26
C ALA A 21 7.03 1.26 14.24
N THR A 22 5.75 1.38 14.60
CA THR A 22 4.87 0.21 14.63
C THR A 22 3.55 0.52 13.92
N SER A 23 3.58 1.44 12.98
CA SER A 23 2.38 1.83 12.24
C SER A 23 2.73 2.83 11.13
N LEU A 24 2.10 2.66 9.97
CA LEU A 24 2.34 3.54 8.84
C LEU A 24 1.10 3.64 7.97
N THR A 25 0.81 4.85 7.50
CA THR A 25 -0.35 5.09 6.65
C THR A 25 0.04 5.09 5.18
N LEU A 26 -0.71 4.35 4.37
CA LEU A 26 -0.44 4.26 2.94
C LEU A 26 -1.57 4.93 2.13
N ILE A 27 -1.17 5.76 1.18
CA ILE A 27 -2.14 6.45 0.33
C ILE A 27 -1.75 6.36 -1.15
N TRP A 28 -2.75 6.33 -2.01
CA TRP A 28 -2.52 6.24 -3.44
C TRP A 28 -3.64 6.94 -4.22
N LYS A 29 -3.39 7.23 -5.49
CA LYS A 29 -4.37 7.88 -6.34
C LYS A 29 -4.82 6.95 -7.46
N VAL A 30 -6.14 6.85 -7.64
CA VAL A 30 -6.71 6.00 -8.67
C VAL A 30 -7.06 6.80 -9.92
N SER A 31 -6.91 6.18 -11.08
CA SER A 31 -7.21 6.83 -12.35
C SER A 31 -8.65 7.33 -12.38
N ASP A 32 -8.86 8.56 -11.91
CA ASP A 32 -10.18 9.16 -11.89
C ASP A 32 -11.25 8.10 -11.61
N ASN A 33 -11.05 7.31 -10.56
CA ASN A 33 -11.99 6.26 -10.19
C ASN A 33 -13.42 6.79 -10.20
N GLU A 34 -14.12 6.56 -11.31
CA GLU A 34 -15.50 7.02 -11.43
C GLU A 34 -16.47 5.96 -10.92
N SER A 35 -16.16 4.70 -11.21
CA SER A 35 -17.01 3.59 -10.78
C SER A 35 -16.47 2.96 -9.50
N SER A 36 -16.07 3.80 -8.55
CA SER A 36 -15.53 3.33 -7.29
C SER A 36 -16.65 2.91 -6.34
N SER A 37 -17.58 2.11 -6.86
CA SER A 37 -18.71 1.65 -6.06
C SER A 37 -18.34 0.41 -5.26
N ASN A 38 -17.57 -0.49 -5.87
CA ASN A 38 -17.14 -1.71 -5.22
C ASN A 38 -15.65 -1.95 -5.43
N TYR A 39 -14.90 -0.86 -5.55
CA TYR A 39 -13.45 -0.94 -5.75
C TYR A 39 -12.76 -1.49 -4.50
N THR A 40 -11.71 -2.28 -4.72
CA THR A 40 -10.97 -2.87 -3.61
C THR A 40 -9.47 -2.61 -3.76
N TYR A 41 -8.73 -2.80 -2.67
CA TYR A 41 -7.30 -2.58 -2.68
C TYR A 41 -6.58 -3.61 -1.80
N LYS A 42 -5.71 -4.40 -2.42
CA LYS A 42 -4.97 -5.42 -1.70
C LYS A 42 -3.53 -4.98 -1.45
N ILE A 43 -3.21 -4.72 -0.19
CA ILE A 43 -1.86 -4.28 0.18
C ILE A 43 -1.04 -5.45 0.71
N HIS A 44 -0.20 -6.01 -0.16
CA HIS A 44 0.65 -7.13 0.22
C HIS A 44 1.95 -6.64 0.85
N VAL A 45 2.05 -6.77 2.17
CA VAL A 45 3.23 -6.34 2.90
C VAL A 45 4.25 -7.46 3.00
N ALA A 46 5.51 -7.15 2.71
CA ALA A 46 6.59 -8.14 2.76
C ALA A 46 7.73 -7.64 3.64
N GLY A 47 7.92 -8.31 4.78
CA GLY A 47 8.98 -7.93 5.69
C GLY A 47 10.24 -8.76 5.50
N GLU A 48 10.65 -9.46 6.56
CA GLU A 48 11.85 -10.30 6.50
C GLU A 48 11.53 -11.73 6.90
N THR A 49 10.92 -11.88 8.07
CA THR A 49 10.57 -13.21 8.57
C THR A 49 9.40 -13.80 7.79
N ASP A 50 8.33 -13.04 7.66
CA ASP A 50 7.15 -13.49 6.93
C ASP A 50 6.48 -12.33 6.20
N SER A 51 5.40 -12.63 5.48
CA SER A 51 4.68 -11.60 4.73
C SER A 51 3.18 -11.65 5.04
N SER A 52 2.50 -10.54 4.82
CA SER A 52 1.07 -10.45 5.07
C SER A 52 0.36 -9.70 3.95
N ASN A 53 -0.97 -9.76 3.95
CA ASN A 53 -1.76 -9.09 2.93
C ASN A 53 -2.91 -8.31 3.57
N LEU A 54 -3.15 -7.10 3.06
CA LEU A 54 -4.22 -6.26 3.58
C LEU A 54 -5.38 -6.17 2.59
N ASN A 55 -6.60 -6.28 3.09
CA ASN A 55 -7.79 -6.21 2.25
C ASN A 55 -8.68 -5.04 2.67
N VAL A 56 -8.67 -3.99 1.85
CA VAL A 56 -9.48 -2.81 2.13
C VAL A 56 -10.21 -2.34 0.87
N SER A 57 -11.15 -1.42 1.06
CA SER A 57 -11.92 -0.89 -0.06
C SER A 57 -11.62 0.59 -0.28
N GLU A 58 -10.90 1.19 0.66
CA GLU A 58 -10.55 2.60 0.58
C GLU A 58 -9.14 2.77 -0.01
N PRO A 59 -8.88 3.96 -0.57
CA PRO A 59 -7.58 4.27 -1.17
C PRO A 59 -6.47 4.40 -0.13
N ARG A 60 -6.80 4.13 1.12
CA ARG A 60 -5.84 4.21 2.21
C ARG A 60 -5.86 2.94 3.05
N ALA A 61 -4.73 2.63 3.68
CA ALA A 61 -4.61 1.44 4.51
C ALA A 61 -3.37 1.50 5.39
N VAL A 62 -3.57 1.49 6.70
CA VAL A 62 -2.46 1.54 7.65
C VAL A 62 -2.00 0.14 8.03
N ILE A 63 -0.72 0.01 8.33
CA ILE A 63 -0.15 -1.28 8.72
C ILE A 63 0.32 -1.25 10.17
N PRO A 64 -0.51 -1.79 11.07
CA PRO A 64 -0.20 -1.86 12.50
C PRO A 64 0.93 -2.83 12.81
N GLY A 65 1.33 -2.89 14.08
CA GLY A 65 2.40 -3.78 14.48
C GLY A 65 3.45 -3.96 13.40
N LEU A 66 4.14 -2.87 13.07
CA LEU A 66 5.18 -2.91 12.05
C LEU A 66 6.57 -2.99 12.68
N ARG A 67 7.53 -3.52 11.91
CA ARG A 67 8.89 -3.66 12.39
C ARG A 67 9.71 -2.41 12.07
N SER A 68 10.46 -1.92 13.05
CA SER A 68 11.29 -0.74 12.86
C SER A 68 12.69 -1.12 12.36
N SER A 69 13.32 -0.20 11.64
CA SER A 69 14.65 -0.44 11.09
C SER A 69 14.68 -1.71 10.26
N THR A 70 13.69 -1.85 9.37
CA THR A 70 13.60 -3.02 8.50
C THR A 70 12.97 -2.66 7.16
N PHE A 71 13.46 -3.29 6.09
CA PHE A 71 12.94 -3.04 4.75
C PHE A 71 11.56 -3.66 4.59
N TYR A 72 10.71 -3.00 3.81
CA TYR A 72 9.36 -3.50 3.57
C TYR A 72 8.94 -3.24 2.12
N ASN A 73 8.21 -4.20 1.55
CA ASN A 73 7.74 -4.09 0.18
C ASN A 73 6.22 -4.12 0.11
N ILE A 74 5.63 -2.94 -0.10
CA ILE A 74 4.18 -2.83 -0.19
C ILE A 74 3.71 -2.89 -1.63
N THR A 75 2.47 -3.32 -1.83
CA THR A 75 1.90 -3.43 -3.16
C THR A 75 0.39 -3.28 -3.13
N VAL A 76 -0.11 -2.17 -3.69
CA VAL A 76 -1.55 -1.92 -3.73
C VAL A 76 -2.14 -2.29 -5.08
N CYS A 77 -2.73 -3.48 -5.15
CA CYS A 77 -3.35 -3.96 -6.39
C CYS A 77 -4.83 -3.62 -6.42
N PRO A 78 -5.23 -2.79 -7.38
CA PRO A 78 -6.64 -2.37 -7.55
C PRO A 78 -7.51 -3.51 -8.03
N VAL A 79 -8.67 -3.67 -7.39
CA VAL A 79 -9.62 -4.72 -7.76
C VAL A 79 -11.05 -4.22 -7.70
N LEU A 80 -11.66 -4.05 -8.87
CA LEU A 80 -13.03 -3.57 -8.94
C LEU A 80 -14.02 -4.72 -8.71
N GLY A 81 -13.65 -5.91 -9.15
CA GLY A 81 -14.51 -7.07 -8.97
C GLY A 81 -13.86 -8.35 -9.45
N ASP A 82 -13.55 -8.41 -10.73
CA ASP A 82 -12.92 -9.59 -11.32
C ASP A 82 -11.64 -9.22 -12.06
N ILE A 83 -11.43 -7.92 -12.24
CA ILE A 83 -10.24 -7.43 -12.94
C ILE A 83 -9.14 -7.07 -11.95
N GLU A 84 -7.89 -7.18 -12.41
CA GLU A 84 -6.74 -6.88 -11.56
C GLU A 84 -5.83 -5.86 -12.24
N GLY A 85 -6.03 -4.58 -11.91
CA GLY A 85 -5.21 -3.53 -12.50
C GLY A 85 -3.75 -3.67 -12.15
N THR A 86 -2.96 -2.66 -12.48
CA THR A 86 -1.53 -2.67 -12.20
C THR A 86 -1.26 -2.45 -10.72
N PRO A 87 -0.52 -3.38 -10.10
CA PRO A 87 -0.16 -3.30 -8.69
C PRO A 87 0.83 -2.18 -8.39
N GLY A 88 0.42 -1.25 -7.53
CA GLY A 88 1.29 -0.14 -7.18
C GLY A 88 2.31 -0.50 -6.13
N PHE A 89 3.59 -0.45 -6.50
CA PHE A 89 4.67 -0.79 -5.58
C PHE A 89 5.26 0.47 -4.95
N LEU A 90 5.66 0.36 -3.69
CA LEU A 90 6.24 1.48 -2.97
C LEU A 90 7.11 1.01 -1.81
N GLN A 91 8.42 1.22 -1.93
CA GLN A 91 9.35 0.81 -0.89
C GLN A 91 9.36 1.80 0.26
N VAL A 92 9.46 1.29 1.49
CA VAL A 92 9.47 2.13 2.67
C VAL A 92 10.51 1.63 3.68
N HIS A 93 11.10 2.56 4.42
CA HIS A 93 12.11 2.22 5.41
C HIS A 93 11.71 2.76 6.79
N THR A 94 11.17 1.87 7.62
CA THR A 94 10.74 2.25 8.97
C THR A 94 11.88 2.93 9.74
N PRO A 95 11.53 3.95 10.54
CA PRO A 95 12.50 4.69 11.34
C PRO A 95 13.07 3.85 12.49
N PRO A 96 14.31 4.16 12.89
CA PRO A 96 14.99 3.44 13.97
C PRO A 96 14.37 3.74 15.33
N VAL A 97 13.94 2.70 16.03
CA VAL A 97 13.32 2.86 17.34
C VAL A 97 14.02 3.95 18.14
N PRO A 98 13.21 4.76 18.85
CA PRO A 98 13.71 5.87 19.67
C PRO A 98 14.46 5.38 20.90
N SER A 99 15.63 5.98 21.15
CA SER A 99 16.45 5.60 22.29
C SER A 99 16.04 6.39 23.54
N GLY A 100 15.32 5.73 24.44
CA GLY A 100 14.88 6.37 25.65
C GLY A 100 15.99 6.51 26.69
N PRO A 101 15.86 7.49 27.58
CA PRO A 101 16.85 7.75 28.63
C PRO A 101 16.86 6.66 29.69
N SER A 102 15.91 5.72 29.58
CA SER A 102 15.81 4.63 30.54
C SER A 102 17.19 4.13 30.94
N SER A 103 17.52 4.29 32.23
CA SER A 103 18.81 3.86 32.74
C SER A 103 18.66 2.65 33.65
N GLY A 104 19.68 1.79 33.67
CA GLY A 104 19.64 0.60 34.51
C GLY A 104 20.98 0.28 35.13
N GLY A 1 3.53 12.46 -15.22
CA GLY A 1 3.99 11.73 -16.39
C GLY A 1 2.89 10.90 -17.02
N SER A 2 3.27 9.87 -17.76
CA SER A 2 2.30 9.01 -18.43
C SER A 2 2.87 7.60 -18.62
N SER A 3 2.12 6.60 -18.18
CA SER A 3 2.55 5.21 -18.30
C SER A 3 1.84 4.52 -19.46
N GLY A 4 2.25 3.29 -19.74
CA GLY A 4 1.63 2.53 -20.82
C GLY A 4 0.49 1.66 -20.35
N SER A 5 -0.71 1.96 -20.83
CA SER A 5 -1.90 1.19 -20.44
C SER A 5 -3.11 1.61 -21.27
N SER A 6 -3.69 0.65 -21.98
CA SER A 6 -4.86 0.92 -22.81
C SER A 6 -6.09 1.19 -21.96
N GLY A 7 -6.23 2.44 -21.53
CA GLY A 7 -7.37 2.82 -20.70
C GLY A 7 -7.77 1.72 -19.74
N ALA A 8 -6.99 1.55 -18.68
CA ALA A 8 -7.28 0.51 -17.69
C ALA A 8 -6.97 1.01 -16.28
N ILE A 9 -7.57 0.37 -15.29
CA ILE A 9 -7.36 0.75 -13.89
C ILE A 9 -5.89 0.59 -13.50
N GLN A 10 -5.24 1.72 -13.22
CA GLN A 10 -3.84 1.70 -12.83
C GLN A 10 -3.60 2.58 -11.60
N VAL A 11 -2.97 2.00 -10.58
CA VAL A 11 -2.69 2.73 -9.35
C VAL A 11 -1.37 3.48 -9.44
N PHE A 12 -1.40 4.77 -9.12
CA PHE A 12 -0.20 5.59 -9.17
C PHE A 12 -0.19 6.60 -8.02
N ASP A 13 0.93 7.30 -7.86
CA ASP A 13 1.06 8.30 -6.81
C ASP A 13 1.05 7.65 -5.43
N VAL A 14 1.69 6.49 -5.33
CA VAL A 14 1.76 5.75 -4.07
C VAL A 14 2.79 6.37 -3.13
N THR A 15 2.33 6.82 -1.97
CA THR A 15 3.22 7.44 -0.98
C THR A 15 2.68 7.23 0.43
N ALA A 16 3.58 7.34 1.41
CA ALA A 16 3.20 7.17 2.81
C ALA A 16 2.98 8.51 3.49
N VAL A 17 1.73 8.81 3.83
CA VAL A 17 1.38 10.07 4.48
C VAL A 17 1.97 10.13 5.89
N ASN A 18 2.34 8.97 6.42
CA ASN A 18 2.91 8.89 7.77
C ASN A 18 3.55 7.53 8.00
N ILE A 19 4.79 7.54 8.49
CA ILE A 19 5.52 6.31 8.78
C ILE A 19 6.04 6.28 10.21
N SER A 20 5.34 5.55 11.07
CA SER A 20 5.73 5.44 12.47
C SER A 20 6.61 4.22 12.70
N ALA A 21 6.93 3.96 13.97
CA ALA A 21 7.77 2.82 14.32
C ALA A 21 6.97 1.52 14.28
N THR A 22 5.79 1.55 14.89
CA THR A 22 4.92 0.37 14.94
C THR A 22 3.65 0.60 14.14
N SER A 23 3.73 1.44 13.11
CA SER A 23 2.58 1.76 12.27
C SER A 23 2.98 2.63 11.10
N LEU A 24 2.27 2.50 9.99
CA LEU A 24 2.55 3.29 8.79
C LEU A 24 1.31 3.39 7.91
N THR A 25 0.96 4.62 7.53
CA THR A 25 -0.20 4.85 6.68
C THR A 25 0.21 4.94 5.21
N LEU A 26 -0.48 4.15 4.37
CA LEU A 26 -0.19 4.13 2.95
C LEU A 26 -1.32 4.80 2.16
N ILE A 27 -0.95 5.48 1.08
CA ILE A 27 -1.93 6.16 0.24
C ILE A 27 -1.55 6.06 -1.24
N TRP A 28 -2.55 6.18 -2.11
CA TRP A 28 -2.32 6.10 -3.55
C TRP A 28 -3.46 6.77 -4.31
N LYS A 29 -3.16 7.22 -5.53
CA LYS A 29 -4.16 7.87 -6.36
C LYS A 29 -4.61 6.96 -7.49
N VAL A 30 -5.92 6.77 -7.61
CA VAL A 30 -6.48 5.91 -8.65
C VAL A 30 -6.90 6.73 -9.87
N SER A 31 -6.72 6.16 -11.05
CA SER A 31 -7.08 6.84 -12.29
C SER A 31 -8.50 7.40 -12.21
N ASP A 32 -8.61 8.63 -11.71
CA ASP A 32 -9.91 9.28 -11.58
C ASP A 32 -11.00 8.27 -11.24
N ASN A 33 -10.74 7.44 -10.25
CA ASN A 33 -11.70 6.42 -9.83
C ASN A 33 -13.08 7.01 -9.65
N GLU A 34 -13.89 6.96 -10.71
CA GLU A 34 -15.25 7.50 -10.67
C GLU A 34 -16.24 6.44 -10.22
N SER A 35 -16.16 5.26 -10.84
CA SER A 35 -17.05 4.16 -10.51
C SER A 35 -16.46 3.29 -9.39
N SER A 36 -15.91 3.95 -8.37
CA SER A 36 -15.32 3.24 -7.25
C SER A 36 -16.39 2.72 -6.30
N SER A 37 -17.40 2.07 -6.87
CA SER A 37 -18.50 1.53 -6.09
C SER A 37 -18.05 0.27 -5.33
N ASN A 38 -17.39 -0.63 -6.03
CA ASN A 38 -16.90 -1.87 -5.43
C ASN A 38 -15.40 -2.02 -5.64
N TYR A 39 -14.69 -0.90 -5.57
CA TYR A 39 -13.23 -0.91 -5.75
C TYR A 39 -12.53 -1.39 -4.48
N THR A 40 -11.64 -2.36 -4.64
CA THR A 40 -10.90 -2.91 -3.51
C THR A 40 -9.41 -2.69 -3.68
N TYR A 41 -8.66 -2.94 -2.61
CA TYR A 41 -7.20 -2.77 -2.64
C TYR A 41 -6.51 -3.83 -1.79
N LYS A 42 -5.71 -4.66 -2.42
CA LYS A 42 -4.98 -5.72 -1.73
C LYS A 42 -3.55 -5.30 -1.44
N ILE A 43 -3.29 -4.83 -0.22
CA ILE A 43 -1.96 -4.41 0.18
C ILE A 43 -1.15 -5.58 0.72
N HIS A 44 -0.26 -6.11 -0.11
CA HIS A 44 0.58 -7.24 0.30
C HIS A 44 1.86 -6.74 0.96
N VAL A 45 1.98 -6.99 2.26
CA VAL A 45 3.16 -6.56 3.00
C VAL A 45 4.23 -7.64 2.99
N ALA A 46 5.42 -7.28 2.53
CA ALA A 46 6.54 -8.23 2.46
C ALA A 46 7.75 -7.70 3.22
N GLY A 47 8.21 -8.46 4.20
CA GLY A 47 9.36 -8.05 4.99
C GLY A 47 10.62 -8.77 4.58
N GLU A 48 11.26 -9.44 5.54
CA GLU A 48 12.49 -10.16 5.28
C GLU A 48 12.33 -11.65 5.62
N THR A 49 11.57 -11.93 6.67
CA THR A 49 11.33 -13.30 7.11
C THR A 49 9.86 -13.55 7.37
N ASP A 50 9.00 -12.82 6.66
CA ASP A 50 7.56 -12.96 6.81
C ASP A 50 6.81 -12.10 5.80
N SER A 51 5.56 -12.45 5.54
CA SER A 51 4.74 -11.72 4.58
C SER A 51 3.26 -11.85 4.92
N SER A 52 2.48 -10.85 4.52
CA SER A 52 1.04 -10.85 4.79
C SER A 52 0.29 -10.09 3.71
N ASN A 53 -1.04 -10.17 3.74
CA ASN A 53 -1.88 -9.49 2.76
C ASN A 53 -2.97 -8.69 3.44
N LEU A 54 -3.26 -7.50 2.92
CA LEU A 54 -4.29 -6.63 3.48
C LEU A 54 -5.49 -6.56 2.56
N ASN A 55 -6.65 -6.21 3.12
CA ASN A 55 -7.88 -6.11 2.34
C ASN A 55 -8.69 -4.89 2.79
N VAL A 56 -8.75 -3.88 1.92
CA VAL A 56 -9.50 -2.67 2.22
C VAL A 56 -10.20 -2.13 0.98
N SER A 57 -11.22 -1.33 1.20
CA SER A 57 -11.99 -0.74 0.09
C SER A 57 -11.69 0.74 -0.06
N GLU A 58 -10.58 1.17 0.54
CA GLU A 58 -10.19 2.58 0.47
C GLU A 58 -8.77 2.71 -0.09
N PRO A 59 -8.48 3.89 -0.67
CA PRO A 59 -7.16 4.17 -1.26
C PRO A 59 -6.07 4.31 -0.20
N ARG A 60 -6.44 4.06 1.06
CA ARG A 60 -5.50 4.16 2.16
C ARG A 60 -5.48 2.87 2.98
N ALA A 61 -4.39 2.67 3.72
CA ALA A 61 -4.25 1.47 4.55
C ALA A 61 -3.09 1.62 5.53
N VAL A 62 -3.36 1.34 6.80
CA VAL A 62 -2.33 1.44 7.83
C VAL A 62 -1.92 0.06 8.33
N ILE A 63 -0.61 -0.14 8.47
CA ILE A 63 -0.09 -1.42 8.94
C ILE A 63 0.44 -1.30 10.36
N PRO A 64 -0.38 -1.74 11.34
CA PRO A 64 -0.03 -1.70 12.76
C PRO A 64 1.06 -2.69 13.11
N GLY A 65 1.44 -2.73 14.38
CA GLY A 65 2.48 -3.65 14.82
C GLY A 65 3.56 -3.84 13.78
N LEU A 66 4.24 -2.76 13.43
CA LEU A 66 5.31 -2.81 12.43
C LEU A 66 6.68 -2.88 13.10
N ARG A 67 7.62 -3.54 12.44
CA ARG A 67 8.97 -3.68 12.98
C ARG A 67 9.88 -2.58 12.44
N SER A 68 10.31 -1.69 13.34
CA SER A 68 11.18 -0.59 12.97
C SER A 68 12.53 -1.10 12.47
N SER A 69 13.27 -0.25 11.78
CA SER A 69 14.58 -0.61 11.26
C SER A 69 14.49 -1.89 10.44
N THR A 70 13.57 -1.92 9.49
CA THR A 70 13.37 -3.08 8.63
C THR A 70 12.74 -2.70 7.30
N PHE A 71 13.25 -3.28 6.22
CA PHE A 71 12.73 -2.99 4.88
C PHE A 71 11.38 -3.66 4.67
N TYR A 72 10.54 -3.03 3.85
CA TYR A 72 9.21 -3.56 3.57
C TYR A 72 8.81 -3.29 2.12
N ASN A 73 8.04 -4.21 1.54
CA ASN A 73 7.60 -4.08 0.16
C ASN A 73 6.08 -4.18 0.06
N ILE A 74 5.42 -3.04 -0.09
CA ILE A 74 3.97 -3.00 -0.20
C ILE A 74 3.52 -3.00 -1.65
N THR A 75 2.36 -3.59 -1.91
CA THR A 75 1.82 -3.66 -3.26
C THR A 75 0.30 -3.49 -3.26
N VAL A 76 -0.17 -2.38 -3.82
CA VAL A 76 -1.60 -2.09 -3.89
C VAL A 76 -2.16 -2.45 -5.26
N CYS A 77 -3.04 -3.45 -5.29
CA CYS A 77 -3.65 -3.90 -6.53
C CYS A 77 -5.17 -3.73 -6.48
N PRO A 78 -5.71 -2.87 -7.34
CA PRO A 78 -7.15 -2.61 -7.41
C PRO A 78 -7.93 -3.80 -7.95
N VAL A 79 -9.11 -4.04 -7.38
CA VAL A 79 -9.95 -5.15 -7.80
C VAL A 79 -11.42 -4.74 -7.82
N LEU A 80 -11.96 -4.55 -9.02
CA LEU A 80 -13.36 -4.16 -9.17
C LEU A 80 -14.24 -5.39 -9.40
N GLY A 81 -14.10 -6.38 -8.53
CA GLY A 81 -14.90 -7.58 -8.65
C GLY A 81 -14.19 -8.67 -9.44
N ASP A 82 -14.13 -8.50 -10.76
CA ASP A 82 -13.47 -9.47 -11.62
C ASP A 82 -12.43 -8.80 -12.52
N ILE A 83 -11.88 -7.68 -12.04
CA ILE A 83 -10.88 -6.94 -12.79
C ILE A 83 -9.61 -6.74 -11.97
N GLU A 84 -8.46 -6.98 -12.59
CA GLU A 84 -7.18 -6.82 -11.91
C GLU A 84 -6.34 -5.73 -12.58
N GLY A 85 -6.16 -4.62 -11.88
CA GLY A 85 -5.38 -3.52 -12.42
C GLY A 85 -3.90 -3.67 -12.14
N THR A 86 -3.14 -2.62 -12.44
CA THR A 86 -1.69 -2.64 -12.22
C THR A 86 -1.36 -2.38 -10.76
N PRO A 87 -0.60 -3.29 -10.15
CA PRO A 87 -0.19 -3.17 -8.74
C PRO A 87 0.82 -2.04 -8.52
N GLY A 88 0.56 -1.22 -7.52
CA GLY A 88 1.46 -0.11 -7.22
C GLY A 88 2.47 -0.45 -6.14
N PHE A 89 3.74 -0.42 -6.50
CA PHE A 89 4.81 -0.73 -5.55
C PHE A 89 5.39 0.55 -4.96
N LEU A 90 5.92 0.44 -3.74
CA LEU A 90 6.51 1.59 -3.06
C LEU A 90 7.40 1.13 -1.91
N GLN A 91 8.69 1.46 -2.00
CA GLN A 91 9.65 1.09 -0.96
C GLN A 91 9.50 1.98 0.26
N VAL A 92 9.39 1.36 1.43
CA VAL A 92 9.24 2.10 2.68
C VAL A 92 10.29 1.66 3.69
N HIS A 93 10.80 2.63 4.46
CA HIS A 93 11.81 2.33 5.48
C HIS A 93 11.39 2.90 6.83
N THR A 94 11.06 2.01 7.77
CA THR A 94 10.64 2.42 9.10
C THR A 94 11.78 3.12 9.84
N PRO A 95 11.44 4.16 10.62
CA PRO A 95 12.41 4.93 11.39
C PRO A 95 12.99 4.13 12.56
N PRO A 96 14.23 4.44 12.94
CA PRO A 96 14.92 3.76 14.04
C PRO A 96 14.31 4.11 15.40
N VAL A 97 13.84 3.08 16.10
CA VAL A 97 13.24 3.27 17.41
C VAL A 97 14.18 4.02 18.34
N PRO A 98 13.69 5.13 18.92
CA PRO A 98 14.48 5.96 19.84
C PRO A 98 14.72 5.25 21.18
N SER A 99 14.26 4.02 21.28
CA SER A 99 14.43 3.25 22.51
C SER A 99 15.39 2.08 22.29
N GLY A 100 15.10 1.27 21.27
CA GLY A 100 15.95 0.13 20.97
C GLY A 100 15.17 -1.17 20.94
N PRO A 101 15.89 -2.30 21.13
CA PRO A 101 15.28 -3.62 21.12
C PRO A 101 14.39 -3.87 22.34
N SER A 102 14.44 -2.94 23.29
CA SER A 102 13.63 -3.05 24.50
C SER A 102 12.16 -2.78 24.20
N SER A 103 11.90 -1.63 23.60
CA SER A 103 10.53 -1.23 23.28
C SER A 103 10.44 -0.73 21.84
N GLY A 104 9.23 -0.69 21.30
CA GLY A 104 9.03 -0.23 19.93
C GLY A 104 8.43 1.16 19.87
N GLY A 1 -10.35 -2.37 -37.40
CA GLY A 1 -10.09 -1.25 -36.50
C GLY A 1 -8.65 -1.20 -36.05
N SER A 2 -8.41 -0.57 -34.90
CA SER A 2 -7.06 -0.45 -34.36
C SER A 2 -7.03 -0.82 -32.88
N SER A 3 -6.05 -1.62 -32.50
CA SER A 3 -5.91 -2.05 -31.11
C SER A 3 -5.14 -1.01 -30.30
N GLY A 4 -5.52 0.25 -30.46
CA GLY A 4 -4.86 1.33 -29.73
C GLY A 4 -5.76 1.96 -28.70
N SER A 5 -6.08 1.21 -27.65
CA SER A 5 -6.93 1.71 -26.58
C SER A 5 -6.15 1.86 -25.28
N SER A 6 -6.72 2.60 -24.34
CA SER A 6 -6.08 2.83 -23.06
C SER A 6 -7.09 3.34 -22.03
N GLY A 7 -7.06 2.74 -20.84
CA GLY A 7 -7.98 3.15 -19.79
C GLY A 7 -8.22 2.04 -18.78
N ALA A 8 -7.16 1.37 -18.37
CA ALA A 8 -7.26 0.27 -17.40
C ALA A 8 -6.90 0.75 -16.00
N ILE A 9 -7.67 0.31 -15.01
CA ILE A 9 -7.43 0.69 -13.62
C ILE A 9 -5.95 0.58 -13.27
N GLN A 10 -5.33 1.71 -12.95
CA GLN A 10 -3.92 1.72 -12.59
C GLN A 10 -3.68 2.63 -11.39
N VAL A 11 -2.99 2.10 -10.38
CA VAL A 11 -2.69 2.86 -9.17
C VAL A 11 -1.43 3.69 -9.35
N PHE A 12 -1.55 5.00 -9.13
CA PHE A 12 -0.41 5.90 -9.27
C PHE A 12 -0.39 6.92 -8.13
N ASP A 13 0.74 7.60 -7.97
CA ASP A 13 0.89 8.60 -6.92
C ASP A 13 1.00 7.94 -5.56
N VAL A 14 1.50 6.72 -5.53
CA VAL A 14 1.67 5.97 -4.29
C VAL A 14 2.75 6.59 -3.42
N THR A 15 2.38 6.99 -2.21
CA THR A 15 3.32 7.58 -1.27
C THR A 15 2.91 7.33 0.17
N ALA A 16 3.89 7.14 1.04
CA ALA A 16 3.63 6.89 2.46
C ALA A 16 3.24 8.18 3.17
N VAL A 17 1.93 8.42 3.28
CA VAL A 17 1.43 9.61 3.94
C VAL A 17 2.02 9.75 5.35
N ASN A 18 2.31 8.62 5.97
CA ASN A 18 2.88 8.61 7.32
C ASN A 18 3.54 7.27 7.62
N ILE A 19 4.63 7.32 8.38
CA ILE A 19 5.36 6.11 8.74
C ILE A 19 5.81 6.15 10.19
N SER A 20 5.49 5.10 10.94
CA SER A 20 5.85 5.02 12.35
C SER A 20 6.70 3.78 12.63
N ALA A 21 7.01 3.55 13.89
CA ALA A 21 7.81 2.39 14.29
C ALA A 21 6.97 1.12 14.28
N THR A 22 5.70 1.26 14.63
CA THR A 22 4.79 0.11 14.65
C THR A 22 3.50 0.41 13.91
N SER A 23 3.57 1.35 12.96
CA SER A 23 2.40 1.73 12.18
C SER A 23 2.80 2.68 11.06
N LEU A 24 2.33 2.40 9.85
CA LEU A 24 2.63 3.23 8.69
C LEU A 24 1.40 3.42 7.81
N THR A 25 1.07 4.67 7.51
CA THR A 25 -0.08 4.98 6.67
C THR A 25 0.31 5.12 5.21
N LEU A 26 -0.49 4.54 4.32
CA LEU A 26 -0.22 4.60 2.89
C LEU A 26 -1.36 5.30 2.15
N ILE A 27 -1.06 5.85 0.99
CA ILE A 27 -2.06 6.53 0.17
C ILE A 27 -1.70 6.50 -1.30
N TRP A 28 -2.70 6.33 -2.15
CA TRP A 28 -2.48 6.27 -3.59
C TRP A 28 -3.65 6.92 -4.34
N LYS A 29 -3.44 7.19 -5.63
CA LYS A 29 -4.48 7.80 -6.45
C LYS A 29 -4.87 6.87 -7.60
N VAL A 30 -6.17 6.62 -7.72
CA VAL A 30 -6.69 5.76 -8.77
C VAL A 30 -7.13 6.56 -9.98
N SER A 31 -7.10 5.94 -11.16
CA SER A 31 -7.50 6.61 -12.39
C SER A 31 -8.94 6.26 -12.75
N ASP A 32 -9.83 6.35 -11.77
CA ASP A 32 -11.24 6.05 -11.99
C ASP A 32 -12.08 6.50 -10.80
N ASN A 33 -13.09 7.31 -11.07
CA ASN A 33 -13.97 7.83 -10.02
C ASN A 33 -15.43 7.49 -10.33
N GLU A 34 -15.73 7.30 -11.60
CA GLU A 34 -17.09 6.98 -12.03
C GLU A 34 -17.70 5.89 -11.16
N SER A 35 -17.09 4.70 -11.20
CA SER A 35 -17.56 3.57 -10.41
C SER A 35 -16.55 3.18 -9.35
N SER A 36 -15.96 4.18 -8.71
CA SER A 36 -14.96 3.95 -7.66
C SER A 36 -15.64 3.71 -6.31
N SER A 37 -16.72 2.94 -6.33
CA SER A 37 -17.46 2.64 -5.11
C SER A 37 -17.03 1.28 -4.55
N ASN A 38 -17.38 0.22 -5.26
CA ASN A 38 -17.03 -1.13 -4.82
C ASN A 38 -15.59 -1.48 -5.21
N TYR A 39 -14.69 -0.54 -4.97
CA TYR A 39 -13.27 -0.74 -5.30
C TYR A 39 -12.49 -1.21 -4.08
N THR A 40 -11.76 -2.31 -4.23
CA THR A 40 -10.97 -2.86 -3.14
C THR A 40 -9.48 -2.64 -3.38
N TYR A 41 -8.67 -2.97 -2.38
CA TYR A 41 -7.23 -2.81 -2.47
C TYR A 41 -6.50 -3.86 -1.64
N LYS A 42 -5.71 -4.69 -2.30
CA LYS A 42 -4.96 -5.73 -1.62
C LYS A 42 -3.52 -5.29 -1.38
N ILE A 43 -3.21 -4.92 -0.14
CA ILE A 43 -1.87 -4.48 0.21
C ILE A 43 -1.02 -5.66 0.70
N HIS A 44 -0.13 -6.13 -0.17
CA HIS A 44 0.74 -7.25 0.17
C HIS A 44 2.00 -6.76 0.87
N VAL A 45 2.08 -7.02 2.17
CA VAL A 45 3.23 -6.60 2.96
C VAL A 45 4.31 -7.68 2.97
N ALA A 46 5.55 -7.28 2.70
CA ALA A 46 6.67 -8.20 2.67
C ALA A 46 7.80 -7.74 3.59
N GLY A 47 8.00 -8.45 4.69
CA GLY A 47 9.05 -8.08 5.62
C GLY A 47 10.31 -8.91 5.44
N GLU A 48 10.84 -9.44 6.54
CA GLU A 48 12.05 -10.24 6.49
C GLU A 48 11.77 -11.68 6.92
N THR A 49 10.99 -11.83 7.98
CA THR A 49 10.64 -13.15 8.49
C THR A 49 9.57 -13.82 7.62
N ASP A 50 8.45 -13.14 7.44
CA ASP A 50 7.35 -13.67 6.62
C ASP A 50 6.61 -12.53 5.92
N SER A 51 5.60 -12.90 5.13
CA SER A 51 4.81 -11.92 4.40
C SER A 51 3.32 -12.07 4.73
N SER A 52 2.54 -11.06 4.36
CA SER A 52 1.11 -11.08 4.61
C SER A 52 0.35 -10.24 3.57
N ASN A 53 -0.97 -10.36 3.57
CA ASN A 53 -1.80 -9.61 2.63
C ASN A 53 -2.89 -8.85 3.37
N LEU A 54 -3.16 -7.63 2.91
CA LEU A 54 -4.18 -6.79 3.52
C LEU A 54 -5.39 -6.64 2.59
N ASN A 55 -6.46 -6.05 3.12
CA ASN A 55 -7.67 -5.84 2.33
C ASN A 55 -8.43 -4.61 2.83
N VAL A 56 -8.80 -3.73 1.90
CA VAL A 56 -9.53 -2.52 2.23
C VAL A 56 -10.31 -2.00 1.03
N SER A 57 -11.27 -1.12 1.30
CA SER A 57 -12.10 -0.54 0.25
C SER A 57 -11.78 0.93 0.05
N GLU A 58 -10.63 1.36 0.57
CA GLU A 58 -10.21 2.75 0.45
C GLU A 58 -8.79 2.84 -0.11
N PRO A 59 -8.46 4.01 -0.69
CA PRO A 59 -7.13 4.25 -1.28
C PRO A 59 -6.04 4.36 -0.21
N ARG A 60 -6.42 4.13 1.04
CA ARG A 60 -5.47 4.21 2.15
C ARG A 60 -5.55 2.95 3.01
N ALA A 61 -4.46 2.64 3.69
CA ALA A 61 -4.41 1.46 4.57
C ALA A 61 -3.19 1.52 5.48
N VAL A 62 -3.44 1.54 6.79
CA VAL A 62 -2.36 1.58 7.77
C VAL A 62 -2.00 0.18 8.24
N ILE A 63 -0.70 -0.08 8.34
CA ILE A 63 -0.21 -1.38 8.79
C ILE A 63 0.30 -1.31 10.22
N PRO A 64 -0.53 -1.75 11.18
CA PRO A 64 -0.17 -1.75 12.60
C PRO A 64 0.90 -2.79 12.93
N GLY A 65 1.27 -2.86 14.21
CA GLY A 65 2.28 -3.82 14.63
C GLY A 65 3.39 -3.96 13.62
N LEU A 66 4.09 -2.86 13.33
CA LEU A 66 5.18 -2.87 12.37
C LEU A 66 6.53 -2.99 13.09
N ARG A 67 7.59 -3.17 12.31
CA ARG A 67 8.93 -3.29 12.86
C ARG A 67 9.76 -2.05 12.55
N SER A 68 10.74 -1.76 13.42
CA SER A 68 11.60 -0.61 13.23
C SER A 68 12.91 -1.01 12.57
N SER A 69 13.46 -0.12 11.76
CA SER A 69 14.71 -0.38 11.07
C SER A 69 14.63 -1.68 10.28
N THR A 70 13.59 -1.82 9.47
CA THR A 70 13.39 -3.02 8.66
C THR A 70 12.78 -2.68 7.31
N PHE A 71 13.29 -3.32 6.26
CA PHE A 71 12.79 -3.08 4.91
C PHE A 71 11.42 -3.72 4.72
N TYR A 72 10.59 -3.10 3.88
CA TYR A 72 9.25 -3.61 3.61
C TYR A 72 8.87 -3.39 2.16
N ASN A 73 8.04 -4.27 1.62
CA ASN A 73 7.59 -4.18 0.24
C ASN A 73 6.07 -4.18 0.15
N ILE A 74 5.49 -3.00 -0.05
CA ILE A 74 4.04 -2.87 -0.15
C ILE A 74 3.58 -2.84 -1.61
N THR A 75 2.46 -3.48 -1.89
CA THR A 75 1.91 -3.54 -3.24
C THR A 75 0.39 -3.37 -3.23
N VAL A 76 -0.07 -2.25 -3.79
CA VAL A 76 -1.50 -1.98 -3.86
C VAL A 76 -2.11 -2.50 -5.15
N CYS A 77 -2.95 -3.52 -5.05
CA CYS A 77 -3.60 -4.10 -6.23
C CYS A 77 -5.09 -3.80 -6.22
N PRO A 78 -5.53 -2.92 -7.14
CA PRO A 78 -6.92 -2.54 -7.27
C PRO A 78 -7.80 -3.67 -7.80
N VAL A 79 -8.95 -3.88 -7.16
CA VAL A 79 -9.87 -4.93 -7.57
C VAL A 79 -11.32 -4.47 -7.48
N LEU A 80 -11.93 -4.22 -8.63
CA LEU A 80 -13.31 -3.77 -8.68
C LEU A 80 -14.27 -4.95 -8.61
N GLY A 81 -13.91 -6.04 -9.28
CA GLY A 81 -14.75 -7.22 -9.28
C GLY A 81 -14.04 -8.43 -9.87
N ASP A 82 -13.72 -8.36 -11.16
CA ASP A 82 -13.04 -9.47 -11.83
C ASP A 82 -11.82 -8.95 -12.60
N ILE A 83 -11.36 -7.76 -12.24
CA ILE A 83 -10.20 -7.17 -12.90
C ILE A 83 -9.14 -6.78 -11.88
N GLU A 84 -7.87 -6.96 -12.25
CA GLU A 84 -6.75 -6.63 -11.37
C GLU A 84 -5.84 -5.60 -12.02
N GLY A 85 -6.10 -4.32 -11.73
CA GLY A 85 -5.30 -3.26 -12.29
C GLY A 85 -3.83 -3.43 -11.99
N THR A 86 -3.03 -2.43 -12.38
CA THR A 86 -1.59 -2.48 -12.15
C THR A 86 -1.25 -2.26 -10.68
N PRO A 87 -0.53 -3.21 -10.08
CA PRO A 87 -0.14 -3.13 -8.67
C PRO A 87 0.90 -2.06 -8.42
N GLY A 88 0.58 -1.10 -7.56
CA GLY A 88 1.50 -0.03 -7.24
C GLY A 88 2.51 -0.42 -6.18
N PHE A 89 3.79 -0.39 -6.54
CA PHE A 89 4.85 -0.74 -5.62
C PHE A 89 5.52 0.50 -5.05
N LEU A 90 5.92 0.43 -3.78
CA LEU A 90 6.57 1.56 -3.12
C LEU A 90 7.43 1.08 -1.96
N GLN A 91 8.73 1.31 -2.05
CA GLN A 91 9.67 0.91 -1.01
C GLN A 91 9.59 1.86 0.18
N VAL A 92 9.47 1.28 1.38
CA VAL A 92 9.38 2.07 2.59
C VAL A 92 10.41 1.60 3.62
N HIS A 93 10.78 2.50 4.52
CA HIS A 93 11.76 2.18 5.56
C HIS A 93 11.30 2.72 6.91
N THR A 94 10.94 1.81 7.82
CA THR A 94 10.49 2.20 9.14
C THR A 94 11.58 2.94 9.90
N PRO A 95 11.18 3.98 10.66
CA PRO A 95 12.11 4.80 11.45
C PRO A 95 12.68 4.03 12.64
N PRO A 96 13.93 4.34 12.99
CA PRO A 96 14.61 3.69 14.12
C PRO A 96 14.03 4.10 15.46
N VAL A 97 13.59 3.12 16.23
CA VAL A 97 13.00 3.37 17.55
C VAL A 97 13.95 4.20 18.41
N PRO A 98 13.43 5.30 18.98
CA PRO A 98 14.21 6.20 19.84
C PRO A 98 14.55 5.55 21.18
N SER A 99 15.79 5.75 21.63
CA SER A 99 16.24 5.19 22.89
C SER A 99 15.86 6.11 24.05
N GLY A 100 15.85 5.55 25.27
CA GLY A 100 15.51 6.32 26.43
C GLY A 100 16.69 6.56 27.35
N PRO A 101 16.76 7.77 27.93
CA PRO A 101 17.86 8.15 28.83
C PRO A 101 17.80 7.40 30.16
N SER A 102 16.65 6.79 30.44
CA SER A 102 16.48 6.03 31.68
C SER A 102 17.72 5.23 32.02
N SER A 103 18.56 5.78 32.89
CA SER A 103 19.79 5.12 33.28
C SER A 103 19.97 5.16 34.80
N GLY A 104 20.44 4.06 35.38
CA GLY A 104 20.64 3.99 36.81
C GLY A 104 19.61 3.13 37.51
N GLY A 1 -8.43 5.21 -36.35
CA GLY A 1 -7.93 4.41 -35.25
C GLY A 1 -8.94 3.38 -34.79
N SER A 2 -8.44 2.27 -34.25
CA SER A 2 -9.30 1.19 -33.77
C SER A 2 -8.49 0.11 -33.07
N SER A 3 -9.18 -0.75 -32.33
CA SER A 3 -8.52 -1.83 -31.60
C SER A 3 -7.47 -1.28 -30.65
N GLY A 4 -7.81 -0.19 -29.96
CA GLY A 4 -6.88 0.41 -29.03
C GLY A 4 -7.60 1.06 -27.85
N SER A 5 -8.09 0.24 -26.93
CA SER A 5 -8.80 0.74 -25.76
C SER A 5 -7.89 0.75 -24.54
N SER A 6 -6.64 1.18 -24.74
CA SER A 6 -5.67 1.23 -23.65
C SER A 6 -6.15 2.17 -22.54
N GLY A 7 -5.82 1.82 -21.30
CA GLY A 7 -6.22 2.64 -20.17
C GLY A 7 -7.05 1.87 -19.16
N ALA A 8 -6.37 1.09 -18.33
CA ALA A 8 -7.05 0.30 -17.31
C ALA A 8 -6.71 0.80 -15.91
N ILE A 9 -7.54 0.44 -14.94
CA ILE A 9 -7.33 0.85 -13.56
C ILE A 9 -5.88 0.68 -13.15
N GLN A 10 -5.22 1.80 -12.84
CA GLN A 10 -3.82 1.78 -12.43
C GLN A 10 -3.59 2.67 -11.22
N VAL A 11 -2.79 2.18 -10.28
CA VAL A 11 -2.49 2.93 -9.06
C VAL A 11 -1.17 3.69 -9.20
N PHE A 12 -1.23 5.00 -8.99
CA PHE A 12 -0.04 5.85 -9.09
C PHE A 12 0.00 6.86 -7.96
N ASP A 13 1.17 7.47 -7.75
CA ASP A 13 1.34 8.46 -6.70
C ASP A 13 1.31 7.81 -5.33
N VAL A 14 1.71 6.54 -5.27
CA VAL A 14 1.73 5.80 -4.02
C VAL A 14 2.77 6.36 -3.07
N THR A 15 2.30 6.94 -1.96
CA THR A 15 3.19 7.52 -0.97
C THR A 15 2.68 7.26 0.45
N ALA A 16 3.57 7.38 1.43
CA ALA A 16 3.21 7.17 2.82
C ALA A 16 2.96 8.48 3.54
N VAL A 17 1.69 8.74 3.84
CA VAL A 17 1.31 9.97 4.53
C VAL A 17 1.91 10.03 5.93
N ASN A 18 2.11 8.86 6.54
CA ASN A 18 2.68 8.78 7.88
C ASN A 18 3.36 7.43 8.09
N ILE A 19 4.60 7.47 8.56
CA ILE A 19 5.37 6.26 8.81
C ILE A 19 5.83 6.19 10.27
N SER A 20 5.43 5.12 10.95
CA SER A 20 5.80 4.92 12.35
C SER A 20 6.67 3.69 12.52
N ALA A 21 6.99 3.37 13.76
CA ALA A 21 7.81 2.20 14.07
C ALA A 21 6.99 0.91 14.04
N THR A 22 5.75 1.01 14.53
CA THR A 22 4.87 -0.14 14.56
C THR A 22 3.55 0.15 13.83
N SER A 23 3.61 1.09 12.90
CA SER A 23 2.42 1.46 12.13
C SER A 23 2.78 2.46 11.03
N LEU A 24 2.04 2.40 9.93
CA LEU A 24 2.27 3.30 8.80
C LEU A 24 1.05 3.36 7.89
N THR A 25 0.65 4.57 7.53
CA THR A 25 -0.50 4.78 6.66
C THR A 25 -0.06 4.96 5.21
N LEU A 26 -0.60 4.13 4.32
CA LEU A 26 -0.28 4.20 2.90
C LEU A 26 -1.39 4.92 2.12
N ILE A 27 -1.00 5.56 1.03
CA ILE A 27 -1.96 6.28 0.19
C ILE A 27 -1.56 6.22 -1.28
N TRP A 28 -2.55 6.25 -2.16
CA TRP A 28 -2.30 6.21 -3.59
C TRP A 28 -3.41 6.92 -4.37
N LYS A 29 -3.10 7.33 -5.59
CA LYS A 29 -4.08 8.01 -6.43
C LYS A 29 -4.54 7.12 -7.58
N VAL A 30 -5.85 7.05 -7.77
CA VAL A 30 -6.42 6.23 -8.83
C VAL A 30 -6.72 7.07 -10.08
N SER A 31 -6.61 6.44 -11.25
CA SER A 31 -6.87 7.14 -12.51
C SER A 31 -8.37 7.25 -12.77
N ASP A 32 -8.96 8.36 -12.36
CA ASP A 32 -10.38 8.59 -12.55
C ASP A 32 -11.17 7.30 -12.40
N ASN A 33 -10.87 6.56 -11.33
CA ASN A 33 -11.55 5.29 -11.07
C ASN A 33 -13.01 5.36 -11.52
N GLU A 34 -13.29 4.81 -12.70
CA GLU A 34 -14.64 4.80 -13.23
C GLU A 34 -15.55 3.86 -12.43
N SER A 35 -16.66 4.38 -11.96
CA SER A 35 -17.61 3.59 -11.17
C SER A 35 -16.97 3.11 -9.88
N SER A 36 -16.17 3.97 -9.26
CA SER A 36 -15.49 3.64 -8.01
C SER A 36 -16.50 3.37 -6.90
N SER A 37 -17.15 2.22 -6.96
CA SER A 37 -18.15 1.84 -5.96
C SER A 37 -17.70 0.61 -5.17
N ASN A 38 -17.24 -0.40 -5.89
CA ASN A 38 -16.77 -1.63 -5.26
C ASN A 38 -15.27 -1.82 -5.48
N TYR A 39 -14.54 -0.71 -5.48
CA TYR A 39 -13.10 -0.75 -5.68
C TYR A 39 -12.40 -1.27 -4.43
N THR A 40 -11.57 -2.30 -4.62
CA THR A 40 -10.83 -2.90 -3.51
C THR A 40 -9.32 -2.82 -3.74
N TYR A 41 -8.56 -3.03 -2.68
CA TYR A 41 -7.10 -2.98 -2.76
C TYR A 41 -6.48 -4.11 -1.95
N LYS A 42 -5.69 -4.94 -2.62
CA LYS A 42 -5.02 -6.06 -1.97
C LYS A 42 -3.59 -5.69 -1.58
N ILE A 43 -3.40 -5.33 -0.31
CA ILE A 43 -2.08 -4.96 0.19
C ILE A 43 -1.30 -6.19 0.63
N HIS A 44 -0.06 -6.30 0.13
CA HIS A 44 0.80 -7.43 0.48
C HIS A 44 2.11 -6.94 1.08
N VAL A 45 2.26 -7.10 2.39
CA VAL A 45 3.47 -6.68 3.08
C VAL A 45 4.49 -7.82 3.15
N ALA A 46 5.72 -7.54 2.73
CA ALA A 46 6.78 -8.54 2.75
C ALA A 46 7.98 -8.04 3.55
N GLY A 47 8.15 -8.57 4.74
CA GLY A 47 9.25 -8.17 5.59
C GLY A 47 10.29 -9.27 5.75
N GLU A 48 11.03 -9.24 6.86
CA GLU A 48 12.05 -10.24 7.12
C GLU A 48 11.44 -11.51 7.68
N THR A 49 11.63 -12.62 6.98
CA THR A 49 11.09 -13.91 7.41
C THR A 49 9.67 -13.76 7.94
N ASP A 50 8.89 -12.91 7.29
CA ASP A 50 7.50 -12.67 7.70
C ASP A 50 6.80 -11.75 6.72
N SER A 51 5.51 -11.99 6.52
CA SER A 51 4.71 -11.18 5.59
C SER A 51 3.25 -11.14 6.02
N SER A 52 2.52 -10.16 5.52
CA SER A 52 1.11 -10.00 5.86
C SER A 52 0.31 -9.51 4.65
N ASN A 53 -1.01 -9.58 4.75
CA ASN A 53 -1.89 -9.15 3.68
C ASN A 53 -3.18 -8.58 4.23
N LEU A 54 -3.70 -7.56 3.56
CA LEU A 54 -4.95 -6.92 3.99
C LEU A 54 -5.68 -6.31 2.80
N ASN A 55 -6.99 -6.53 2.73
CA ASN A 55 -7.80 -6.01 1.65
C ASN A 55 -8.70 -4.87 2.14
N VAL A 56 -8.53 -3.69 1.56
CA VAL A 56 -9.32 -2.53 1.93
C VAL A 56 -10.07 -1.96 0.73
N SER A 57 -11.23 -1.38 0.99
CA SER A 57 -12.05 -0.80 -0.07
C SER A 57 -11.82 0.69 -0.18
N GLU A 58 -10.66 1.15 0.29
CA GLU A 58 -10.31 2.56 0.25
C GLU A 58 -8.91 2.77 -0.29
N PRO A 59 -8.63 3.97 -0.81
CA PRO A 59 -7.33 4.32 -1.38
C PRO A 59 -6.24 4.42 -0.31
N ARG A 60 -6.61 4.12 0.93
CA ARG A 60 -5.67 4.19 2.04
C ARG A 60 -5.68 2.89 2.84
N ALA A 61 -4.57 2.62 3.53
CA ALA A 61 -4.44 1.40 4.32
C ALA A 61 -3.25 1.49 5.26
N VAL A 62 -3.50 1.25 6.55
CA VAL A 62 -2.45 1.29 7.55
C VAL A 62 -1.95 -0.11 7.90
N ILE A 63 -0.65 -0.23 8.10
CA ILE A 63 -0.05 -1.53 8.43
C ILE A 63 0.40 -1.56 9.90
N PRO A 64 -0.43 -2.16 10.75
CA PRO A 64 -0.13 -2.27 12.19
C PRO A 64 1.02 -3.23 12.47
N GLY A 65 1.40 -3.32 13.74
CA GLY A 65 2.50 -4.20 14.12
C GLY A 65 3.62 -4.21 13.10
N LEU A 66 4.27 -3.07 12.93
CA LEU A 66 5.37 -2.95 11.98
C LEU A 66 6.71 -3.07 12.68
N ARG A 67 7.78 -3.20 11.90
CA ARG A 67 9.13 -3.32 12.44
C ARG A 67 9.89 -2.01 12.28
N SER A 68 10.79 -1.74 13.22
CA SER A 68 11.59 -0.52 13.18
C SER A 68 12.94 -0.77 12.49
N SER A 69 13.34 0.17 11.64
CA SER A 69 14.60 0.06 10.92
C SER A 69 14.65 -1.25 10.12
N THR A 70 13.60 -1.49 9.34
CA THR A 70 13.51 -2.70 8.53
C THR A 70 12.91 -2.40 7.17
N PHE A 71 13.43 -3.06 6.14
CA PHE A 71 12.95 -2.87 4.78
C PHE A 71 11.61 -3.57 4.57
N TYR A 72 10.73 -2.96 3.78
CA TYR A 72 9.42 -3.54 3.51
C TYR A 72 9.00 -3.28 2.06
N ASN A 73 8.15 -4.16 1.54
CA ASN A 73 7.68 -4.03 0.17
C ASN A 73 6.16 -4.17 0.10
N ILE A 74 5.47 -3.05 -0.04
CA ILE A 74 4.01 -3.04 -0.11
C ILE A 74 3.54 -2.98 -1.56
N THR A 75 2.57 -3.82 -1.91
CA THR A 75 2.03 -3.86 -3.26
C THR A 75 0.51 -3.71 -3.25
N VAL A 76 0.04 -2.54 -3.66
CA VAL A 76 -1.40 -2.27 -3.70
C VAL A 76 -1.97 -2.55 -5.08
N CYS A 77 -2.81 -3.58 -5.17
CA CYS A 77 -3.43 -3.95 -6.44
C CYS A 77 -4.93 -3.69 -6.41
N PRO A 78 -5.39 -2.79 -7.29
CA PRO A 78 -6.80 -2.43 -7.39
C PRO A 78 -7.67 -3.57 -7.95
N VAL A 79 -8.82 -3.78 -7.34
CA VAL A 79 -9.73 -4.82 -7.77
C VAL A 79 -11.18 -4.37 -7.72
N LEU A 80 -11.78 -4.16 -8.88
CA LEU A 80 -13.17 -3.72 -8.96
C LEU A 80 -14.13 -4.90 -8.91
N GLY A 81 -13.93 -5.77 -7.93
CA GLY A 81 -14.78 -6.93 -7.79
C GLY A 81 -14.17 -8.18 -8.40
N ASP A 82 -14.33 -8.33 -9.71
CA ASP A 82 -13.79 -9.49 -10.42
C ASP A 82 -12.66 -9.07 -11.35
N ILE A 83 -12.45 -7.77 -11.47
CA ILE A 83 -11.40 -7.24 -12.33
C ILE A 83 -10.20 -6.77 -11.51
N GLU A 84 -9.02 -6.80 -12.12
CA GLU A 84 -7.80 -6.38 -11.43
C GLU A 84 -7.02 -5.38 -12.30
N GLY A 85 -6.16 -4.60 -11.64
CA GLY A 85 -5.37 -3.62 -12.37
C GLY A 85 -3.89 -3.76 -12.10
N THR A 86 -3.14 -2.69 -12.33
CA THR A 86 -1.70 -2.70 -12.12
C THR A 86 -1.36 -2.38 -10.65
N PRO A 87 -0.64 -3.31 -10.00
CA PRO A 87 -0.24 -3.15 -8.61
C PRO A 87 0.81 -2.06 -8.42
N GLY A 88 0.56 -1.13 -7.50
CA GLY A 88 1.49 -0.05 -7.25
C GLY A 88 2.49 -0.40 -6.18
N PHE A 89 3.77 -0.37 -6.53
CA PHE A 89 4.84 -0.67 -5.59
C PHE A 89 5.43 0.60 -4.98
N LEU A 90 5.80 0.53 -3.71
CA LEU A 90 6.38 1.67 -3.01
C LEU A 90 7.31 1.22 -1.90
N GLN A 91 8.60 1.55 -2.03
CA GLN A 91 9.58 1.18 -1.03
C GLN A 91 9.48 2.07 0.20
N VAL A 92 9.43 1.46 1.37
CA VAL A 92 9.34 2.21 2.62
C VAL A 92 10.40 1.76 3.61
N HIS A 93 10.91 2.70 4.40
CA HIS A 93 11.93 2.39 5.39
C HIS A 93 11.51 2.89 6.77
N THR A 94 10.99 1.99 7.59
CA THR A 94 10.55 2.33 8.93
C THR A 94 11.63 3.10 9.69
N PRO A 95 11.20 4.06 10.51
CA PRO A 95 12.12 4.89 11.31
C PRO A 95 12.79 4.09 12.43
N PRO A 96 14.01 4.51 12.80
CA PRO A 96 14.78 3.84 13.86
C PRO A 96 14.17 4.07 15.24
N VAL A 97 13.76 2.98 15.89
CA VAL A 97 13.17 3.06 17.22
C VAL A 97 14.14 3.67 18.22
N PRO A 98 13.72 4.76 18.87
CA PRO A 98 14.54 5.46 19.87
C PRO A 98 14.71 4.65 21.15
N SER A 99 14.15 3.44 21.15
CA SER A 99 14.23 2.56 22.32
C SER A 99 13.72 3.29 23.57
N GLY A 100 12.64 4.03 23.41
CA GLY A 100 12.06 4.75 24.53
C GLY A 100 12.93 5.92 24.97
N PRO A 101 12.77 6.33 26.24
CA PRO A 101 13.53 7.44 26.81
C PRO A 101 15.00 7.09 27.02
N SER A 102 15.87 7.68 26.21
CA SER A 102 17.30 7.43 26.29
C SER A 102 18.10 8.65 25.83
N SER A 103 19.41 8.59 25.99
CA SER A 103 20.29 9.68 25.60
C SER A 103 20.44 9.74 24.08
N GLY A 104 20.74 8.58 23.48
CA GLY A 104 20.91 8.52 22.04
C GLY A 104 21.78 7.36 21.61
N GLY A 1 -13.68 -7.01 -24.11
CA GLY A 1 -12.48 -6.31 -23.69
C GLY A 1 -12.64 -4.80 -23.74
N SER A 2 -11.52 -4.09 -23.83
CA SER A 2 -11.54 -2.64 -23.88
C SER A 2 -11.33 -2.14 -25.31
N SER A 3 -12.25 -1.30 -25.77
CA SER A 3 -12.16 -0.75 -27.12
C SER A 3 -11.30 0.51 -27.15
N GLY A 4 -10.31 0.51 -28.04
CA GLY A 4 -9.41 1.65 -28.15
C GLY A 4 -8.66 1.92 -26.87
N SER A 5 -8.11 3.13 -26.75
CA SER A 5 -7.36 3.52 -25.57
C SER A 5 -8.29 3.72 -24.37
N SER A 6 -8.26 2.78 -23.44
CA SER A 6 -9.10 2.84 -22.25
C SER A 6 -8.26 3.17 -21.01
N GLY A 7 -7.28 2.32 -20.72
CA GLY A 7 -6.43 2.53 -19.57
C GLY A 7 -6.91 1.77 -18.35
N ALA A 8 -6.84 0.45 -18.41
CA ALA A 8 -7.27 -0.39 -17.30
C ALA A 8 -6.87 0.23 -15.96
N ILE A 9 -7.73 0.05 -14.96
CA ILE A 9 -7.46 0.58 -13.63
C ILE A 9 -5.97 0.51 -13.30
N GLN A 10 -5.38 1.67 -13.02
CA GLN A 10 -3.96 1.74 -12.69
C GLN A 10 -3.74 2.62 -11.47
N VAL A 11 -2.99 2.11 -10.49
CA VAL A 11 -2.70 2.85 -9.27
C VAL A 11 -1.42 3.67 -9.42
N PHE A 12 -1.51 4.96 -9.12
CA PHE A 12 -0.37 5.86 -9.22
C PHE A 12 -0.36 6.85 -8.07
N ASP A 13 0.76 7.56 -7.92
CA ASP A 13 0.90 8.55 -6.85
C ASP A 13 0.99 7.87 -5.49
N VAL A 14 1.57 6.67 -5.47
CA VAL A 14 1.72 5.93 -4.23
C VAL A 14 2.83 6.50 -3.36
N THR A 15 2.48 6.90 -2.15
CA THR A 15 3.45 7.48 -1.22
C THR A 15 3.03 7.24 0.23
N ALA A 16 4.02 7.17 1.12
CA ALA A 16 3.75 6.95 2.54
C ALA A 16 3.56 8.26 3.27
N VAL A 17 2.30 8.60 3.55
CA VAL A 17 1.99 9.85 4.25
C VAL A 17 2.58 9.85 5.65
N ASN A 18 2.54 8.70 6.32
CA ASN A 18 3.08 8.58 7.67
C ASN A 18 3.75 7.22 7.86
N ILE A 19 4.96 7.25 8.41
CA ILE A 19 5.72 6.02 8.65
C ILE A 19 6.22 5.95 10.09
N SER A 20 5.51 5.20 10.92
CA SER A 20 5.88 5.05 12.32
C SER A 20 6.75 3.82 12.52
N ALA A 21 7.10 3.55 13.79
CA ALA A 21 7.92 2.39 14.12
C ALA A 21 7.10 1.11 14.10
N THR A 22 5.88 1.17 14.61
CA THR A 22 5.00 0.01 14.65
C THR A 22 3.73 0.26 13.85
N SER A 23 3.83 1.14 12.86
CA SER A 23 2.68 1.47 12.02
C SER A 23 3.09 2.40 10.88
N LEU A 24 2.28 2.42 9.82
CA LEU A 24 2.56 3.27 8.67
C LEU A 24 1.31 3.43 7.80
N THR A 25 1.01 4.68 7.46
CA THR A 25 -0.16 4.98 6.63
C THR A 25 0.22 5.07 5.17
N LEU A 26 -0.49 4.30 4.33
CA LEU A 26 -0.23 4.30 2.89
C LEU A 26 -1.37 4.97 2.13
N ILE A 27 -1.03 5.71 1.08
CA ILE A 27 -2.02 6.40 0.27
C ILE A 27 -1.65 6.36 -1.20
N TRP A 28 -2.65 6.37 -2.07
CA TRP A 28 -2.44 6.33 -3.50
C TRP A 28 -3.59 7.00 -4.25
N LYS A 29 -3.40 7.23 -5.55
CA LYS A 29 -4.42 7.86 -6.37
C LYS A 29 -4.84 6.93 -7.51
N VAL A 30 -6.14 6.63 -7.58
CA VAL A 30 -6.67 5.76 -8.62
C VAL A 30 -7.29 6.57 -9.74
N SER A 31 -7.19 6.05 -10.96
CA SER A 31 -7.74 6.73 -12.13
C SER A 31 -9.23 6.45 -12.27
N ASP A 32 -9.94 6.56 -11.15
CA ASP A 32 -11.38 6.32 -11.14
C ASP A 32 -11.99 6.67 -9.78
N ASN A 33 -12.84 7.68 -9.75
CA ASN A 33 -13.48 8.11 -8.51
C ASN A 33 -14.99 7.95 -8.60
N GLU A 34 -15.55 8.32 -9.75
CA GLU A 34 -17.00 8.22 -9.96
C GLU A 34 -17.47 6.77 -9.81
N SER A 35 -16.69 5.84 -10.34
CA SER A 35 -17.02 4.43 -10.27
C SER A 35 -16.12 3.70 -9.27
N SER A 36 -15.84 4.35 -8.15
CA SER A 36 -14.99 3.78 -7.12
C SER A 36 -15.82 3.27 -5.94
N SER A 37 -16.83 2.46 -6.25
CA SER A 37 -17.71 1.92 -5.22
C SER A 37 -17.22 0.55 -4.76
N ASN A 38 -17.34 -0.44 -5.65
CA ASN A 38 -16.91 -1.81 -5.33
C ASN A 38 -15.42 -1.98 -5.61
N TYR A 39 -14.64 -0.96 -5.30
CA TYR A 39 -13.21 -1.00 -5.50
C TYR A 39 -12.48 -1.47 -4.25
N THR A 40 -11.60 -2.44 -4.42
CA THR A 40 -10.83 -2.99 -3.30
C THR A 40 -9.33 -2.84 -3.52
N TYR A 41 -8.56 -2.98 -2.45
CA TYR A 41 -7.11 -2.86 -2.54
C TYR A 41 -6.42 -3.90 -1.67
N LYS A 42 -5.66 -4.79 -2.30
CA LYS A 42 -4.95 -5.84 -1.58
C LYS A 42 -3.51 -5.43 -1.31
N ILE A 43 -3.24 -4.95 -0.11
CA ILE A 43 -1.90 -4.54 0.27
C ILE A 43 -1.08 -5.71 0.79
N HIS A 44 -0.20 -6.23 -0.06
CA HIS A 44 0.65 -7.36 0.31
C HIS A 44 1.97 -6.87 0.90
N VAL A 45 2.09 -6.97 2.21
CA VAL A 45 3.30 -6.54 2.91
C VAL A 45 4.32 -7.67 3.00
N ALA A 46 5.57 -7.37 2.66
CA ALA A 46 6.63 -8.36 2.70
C ALA A 46 7.75 -7.93 3.64
N GLY A 47 7.78 -8.52 4.83
CA GLY A 47 8.81 -8.17 5.80
C GLY A 47 9.92 -9.21 5.86
N GLU A 48 10.79 -9.08 6.85
CA GLU A 48 11.91 -10.00 7.02
C GLU A 48 11.42 -11.37 7.51
N THR A 49 11.58 -12.38 6.67
CA THR A 49 11.16 -13.73 7.03
C THR A 49 9.70 -13.74 7.49
N ASP A 50 8.90 -12.83 6.96
CA ASP A 50 7.49 -12.74 7.31
C ASP A 50 6.76 -11.78 6.39
N SER A 51 5.56 -12.18 5.97
CA SER A 51 4.76 -11.36 5.07
C SER A 51 3.27 -11.45 5.42
N SER A 52 2.47 -10.57 4.83
CA SER A 52 1.04 -10.56 5.09
C SER A 52 0.30 -9.81 3.98
N ASN A 53 -1.03 -9.94 3.97
CA ASN A 53 -1.85 -9.28 2.97
C ASN A 53 -2.99 -8.52 3.62
N LEU A 54 -3.28 -7.33 3.09
CA LEU A 54 -4.34 -6.49 3.62
C LEU A 54 -5.54 -6.44 2.66
N ASN A 55 -6.71 -6.10 3.19
CA ASN A 55 -7.92 -6.02 2.39
C ASN A 55 -8.75 -4.81 2.77
N VAL A 56 -8.77 -3.81 1.90
CA VAL A 56 -9.54 -2.59 2.15
C VAL A 56 -10.29 -2.15 0.90
N SER A 57 -11.18 -1.17 1.07
CA SER A 57 -11.96 -0.66 -0.05
C SER A 57 -11.66 0.82 -0.29
N GLU A 58 -10.68 1.34 0.45
CA GLU A 58 -10.30 2.74 0.32
C GLU A 58 -8.88 2.87 -0.24
N PRO A 59 -8.57 4.05 -0.80
CA PRO A 59 -7.26 4.33 -1.38
C PRO A 59 -6.16 4.43 -0.33
N ARG A 60 -6.54 4.18 0.93
CA ARG A 60 -5.58 4.25 2.03
C ARG A 60 -5.68 3.00 2.91
N ALA A 61 -4.58 2.65 3.55
CA ALA A 61 -4.54 1.49 4.42
C ALA A 61 -3.30 1.50 5.30
N VAL A 62 -3.50 1.59 6.61
CA VAL A 62 -2.39 1.60 7.57
C VAL A 62 -1.99 0.19 7.97
N ILE A 63 -0.69 -0.05 8.08
CA ILE A 63 -0.19 -1.37 8.46
C ILE A 63 0.26 -1.37 9.93
N PRO A 64 -0.61 -1.89 10.81
CA PRO A 64 -0.32 -1.97 12.25
C PRO A 64 0.77 -2.99 12.56
N GLY A 65 1.08 -3.13 13.85
CA GLY A 65 2.09 -4.07 14.26
C GLY A 65 3.22 -4.19 13.26
N LEU A 66 3.97 -3.11 13.09
CA LEU A 66 5.09 -3.09 12.15
C LEU A 66 6.42 -3.21 12.88
N ARG A 67 7.51 -3.21 12.13
CA ARG A 67 8.85 -3.32 12.71
C ARG A 67 9.67 -2.06 12.42
N SER A 68 10.68 -1.82 13.26
CA SER A 68 11.53 -0.65 13.09
C SER A 68 12.89 -1.05 12.50
N SER A 69 13.49 -0.13 11.77
CA SER A 69 14.78 -0.37 11.14
C SER A 69 14.74 -1.64 10.29
N THR A 70 13.75 -1.71 9.39
CA THR A 70 13.60 -2.87 8.52
C THR A 70 12.93 -2.47 7.21
N PHE A 71 13.42 -3.03 6.11
CA PHE A 71 12.88 -2.74 4.79
C PHE A 71 11.53 -3.43 4.59
N TYR A 72 10.67 -2.80 3.80
CA TYR A 72 9.35 -3.35 3.53
C TYR A 72 8.95 -3.12 2.08
N ASN A 73 8.09 -4.00 1.56
CA ASN A 73 7.63 -3.90 0.18
C ASN A 73 6.11 -4.04 0.10
N ILE A 74 5.43 -2.91 -0.08
CA ILE A 74 3.98 -2.91 -0.16
C ILE A 74 3.52 -2.91 -1.61
N THR A 75 2.46 -3.66 -1.90
CA THR A 75 1.92 -3.74 -3.25
C THR A 75 0.41 -3.57 -3.25
N VAL A 76 -0.05 -2.43 -3.74
CA VAL A 76 -1.48 -2.13 -3.79
C VAL A 76 -2.06 -2.49 -5.16
N CYS A 77 -2.85 -3.55 -5.20
CA CYS A 77 -3.48 -3.99 -6.44
C CYS A 77 -4.99 -3.83 -6.38
N PRO A 78 -5.52 -2.95 -7.25
CA PRO A 78 -6.96 -2.68 -7.31
C PRO A 78 -7.75 -3.85 -7.88
N VAL A 79 -8.91 -4.11 -7.29
CA VAL A 79 -9.76 -5.21 -7.74
C VAL A 79 -11.24 -4.80 -7.73
N LEU A 80 -11.79 -4.56 -8.91
CA LEU A 80 -13.19 -4.17 -9.04
C LEU A 80 -14.07 -5.38 -9.31
N GLY A 81 -13.91 -6.42 -8.49
CA GLY A 81 -14.70 -7.63 -8.66
C GLY A 81 -13.98 -8.68 -9.47
N ASP A 82 -13.99 -8.52 -10.79
CA ASP A 82 -13.33 -9.46 -11.68
C ASP A 82 -12.31 -8.76 -12.57
N ILE A 83 -11.76 -7.67 -12.06
CA ILE A 83 -10.77 -6.90 -12.80
C ILE A 83 -9.52 -6.67 -11.96
N GLU A 84 -8.36 -6.87 -12.58
CA GLU A 84 -7.09 -6.67 -11.89
C GLU A 84 -6.26 -5.59 -12.55
N GLY A 85 -6.02 -4.51 -11.82
CA GLY A 85 -5.24 -3.39 -12.35
C GLY A 85 -3.77 -3.54 -12.08
N THR A 86 -3.01 -2.48 -12.33
CA THR A 86 -1.56 -2.49 -12.11
C THR A 86 -1.24 -2.29 -10.64
N PRO A 87 -0.44 -3.22 -10.08
CA PRO A 87 -0.03 -3.16 -8.68
C PRO A 87 0.94 -2.02 -8.40
N GLY A 88 0.56 -1.14 -7.48
CA GLY A 88 1.41 -0.01 -7.14
C GLY A 88 2.44 -0.36 -6.09
N PHE A 89 3.71 -0.31 -6.46
CA PHE A 89 4.80 -0.62 -5.55
C PHE A 89 5.39 0.65 -4.95
N LEU A 90 5.74 0.58 -3.67
CA LEU A 90 6.32 1.72 -2.97
C LEU A 90 7.25 1.28 -1.85
N GLN A 91 8.53 1.63 -1.97
CA GLN A 91 9.51 1.25 -0.96
C GLN A 91 9.39 2.13 0.28
N VAL A 92 9.42 1.50 1.45
CA VAL A 92 9.31 2.23 2.71
C VAL A 92 10.31 1.71 3.73
N HIS A 93 10.76 2.59 4.62
CA HIS A 93 11.72 2.23 5.64
C HIS A 93 11.31 2.80 7.00
N THR A 94 10.91 1.91 7.91
CA THR A 94 10.49 2.33 9.24
C THR A 94 11.64 2.99 10.01
N PRO A 95 11.34 4.06 10.76
CA PRO A 95 12.32 4.79 11.54
C PRO A 95 12.83 3.98 12.73
N PRO A 96 14.08 4.26 13.16
CA PRO A 96 14.69 3.58 14.29
C PRO A 96 14.04 3.95 15.62
N VAL A 97 13.85 2.96 16.49
CA VAL A 97 13.25 3.18 17.79
C VAL A 97 13.96 4.30 18.54
N PRO A 98 13.18 5.28 19.00
CA PRO A 98 13.72 6.43 19.75
C PRO A 98 14.22 6.04 21.14
N SER A 99 15.13 6.83 21.68
CA SER A 99 15.69 6.57 23.00
C SER A 99 14.73 7.01 24.10
N GLY A 100 14.42 8.31 24.11
CA GLY A 100 13.51 8.83 25.12
C GLY A 100 14.15 8.92 26.49
N PRO A 101 13.54 8.24 27.47
CA PRO A 101 14.04 8.23 28.85
C PRO A 101 15.35 7.46 28.99
N SER A 102 15.99 7.58 30.14
CA SER A 102 17.25 6.90 30.41
C SER A 102 17.11 5.91 31.57
N SER A 103 18.13 5.09 31.75
CA SER A 103 18.12 4.10 32.83
C SER A 103 19.34 4.25 33.72
N GLY A 104 19.20 3.85 34.98
CA GLY A 104 20.30 3.96 35.92
C GLY A 104 20.98 5.32 35.87
N GLY A 1 -6.40 -8.18 -30.30
CA GLY A 1 -5.08 -7.83 -30.80
C GLY A 1 -4.65 -6.44 -30.39
N SER A 2 -5.08 -5.44 -31.15
CA SER A 2 -4.73 -4.05 -30.86
C SER A 2 -5.97 -3.22 -30.55
N SER A 3 -6.99 -3.38 -31.39
CA SER A 3 -8.24 -2.64 -31.23
C SER A 3 -8.97 -3.10 -29.97
N GLY A 4 -8.86 -2.32 -28.90
CA GLY A 4 -9.51 -2.66 -27.66
C GLY A 4 -9.81 -1.46 -26.80
N SER A 5 -8.82 -1.01 -26.04
CA SER A 5 -8.98 0.14 -25.16
C SER A 5 -7.63 0.76 -24.81
N SER A 6 -7.66 1.91 -24.15
CA SER A 6 -6.43 2.60 -23.76
C SER A 6 -6.38 2.79 -22.24
N GLY A 7 -7.48 3.26 -21.68
CA GLY A 7 -7.54 3.48 -20.25
C GLY A 7 -7.69 2.19 -19.46
N ALA A 8 -7.02 2.10 -18.32
CA ALA A 8 -7.08 0.92 -17.48
C ALA A 8 -6.85 1.27 -16.02
N ILE A 9 -7.34 0.42 -15.12
CA ILE A 9 -7.18 0.64 -13.68
C ILE A 9 -5.72 0.54 -13.28
N GLN A 10 -5.09 1.68 -13.03
CA GLN A 10 -3.69 1.71 -12.62
C GLN A 10 -3.50 2.59 -11.39
N VAL A 11 -2.76 2.07 -10.41
CA VAL A 11 -2.50 2.80 -9.18
C VAL A 11 -1.21 3.61 -9.28
N PHE A 12 -1.32 4.92 -9.07
CA PHE A 12 -0.15 5.80 -9.14
C PHE A 12 -0.18 6.81 -8.00
N ASP A 13 0.95 7.48 -7.79
CA ASP A 13 1.06 8.48 -6.73
C ASP A 13 1.08 7.82 -5.36
N VAL A 14 1.61 6.60 -5.31
CA VAL A 14 1.68 5.86 -4.06
C VAL A 14 2.75 6.44 -3.14
N THR A 15 2.33 6.88 -1.96
CA THR A 15 3.24 7.47 -0.99
C THR A 15 2.79 7.18 0.44
N ALA A 16 3.73 7.24 1.38
CA ALA A 16 3.43 6.99 2.78
C ALA A 16 3.23 8.30 3.54
N VAL A 17 1.98 8.72 3.65
CA VAL A 17 1.64 9.96 4.37
C VAL A 17 2.29 9.98 5.74
N ASN A 18 2.46 8.81 6.33
CA ASN A 18 3.07 8.69 7.66
C ASN A 18 3.71 7.33 7.85
N ILE A 19 4.89 7.31 8.48
CA ILE A 19 5.61 6.07 8.72
C ILE A 19 6.08 6.00 10.17
N SER A 20 5.42 5.16 10.96
CA SER A 20 5.77 4.99 12.37
C SER A 20 6.62 3.74 12.56
N ALA A 21 6.91 3.42 13.82
CA ALA A 21 7.72 2.25 14.14
C ALA A 21 6.89 0.97 14.09
N THR A 22 5.67 1.05 14.61
CA THR A 22 4.77 -0.10 14.63
C THR A 22 3.47 0.20 13.89
N SER A 23 3.54 1.13 12.93
CA SER A 23 2.37 1.52 12.16
C SER A 23 2.75 2.50 11.06
N LEU A 24 2.17 2.30 9.88
CA LEU A 24 2.45 3.17 8.74
C LEU A 24 1.22 3.30 7.84
N THR A 25 0.89 4.53 7.46
CA THR A 25 -0.26 4.79 6.60
C THR A 25 0.16 4.91 5.15
N LEU A 26 -0.52 4.17 4.29
CA LEU A 26 -0.22 4.19 2.86
C LEU A 26 -1.33 4.89 2.08
N ILE A 27 -0.95 5.58 1.01
CA ILE A 27 -1.91 6.30 0.17
C ILE A 27 -1.55 6.18 -1.31
N TRP A 28 -2.58 6.16 -2.15
CA TRP A 28 -2.37 6.05 -3.59
C TRP A 28 -3.53 6.69 -4.35
N LYS A 29 -3.27 7.07 -5.60
CA LYS A 29 -4.29 7.70 -6.43
C LYS A 29 -4.68 6.79 -7.59
N VAL A 30 -5.98 6.59 -7.76
CA VAL A 30 -6.48 5.74 -8.83
C VAL A 30 -6.93 6.56 -10.04
N SER A 31 -6.90 5.95 -11.21
CA SER A 31 -7.30 6.64 -12.43
C SER A 31 -8.79 6.49 -12.68
N ASP A 32 -9.57 6.46 -11.60
CA ASP A 32 -11.02 6.31 -11.70
C ASP A 32 -11.68 6.69 -10.38
N ASN A 33 -12.70 7.55 -10.46
CA ASN A 33 -13.42 7.99 -9.27
C ASN A 33 -14.93 7.82 -9.46
N GLU A 34 -15.38 7.95 -10.70
CA GLU A 34 -16.80 7.81 -11.01
C GLU A 34 -17.25 6.36 -10.86
N SER A 35 -16.46 5.44 -11.44
CA SER A 35 -16.78 4.02 -11.38
C SER A 35 -15.88 3.31 -10.38
N SER A 36 -15.53 4.00 -9.31
CA SER A 36 -14.66 3.44 -8.28
C SER A 36 -15.40 3.34 -6.95
N SER A 37 -16.63 2.81 -6.99
CA SER A 37 -17.44 2.65 -5.80
C SER A 37 -17.08 1.37 -5.06
N ASN A 38 -17.42 0.24 -5.65
CA ASN A 38 -17.13 -1.06 -5.06
C ASN A 38 -15.69 -1.49 -5.34
N TYR A 39 -14.78 -0.53 -5.29
CA TYR A 39 -13.38 -0.80 -5.54
C TYR A 39 -12.67 -1.28 -4.28
N THR A 40 -11.82 -2.29 -4.42
CA THR A 40 -11.09 -2.85 -3.29
C THR A 40 -9.58 -2.67 -3.47
N TYR A 41 -8.84 -2.89 -2.39
CA TYR A 41 -7.39 -2.75 -2.42
C TYR A 41 -6.72 -3.82 -1.56
N LYS A 42 -5.88 -4.63 -2.18
CA LYS A 42 -5.17 -5.68 -1.46
C LYS A 42 -3.72 -5.29 -1.19
N ILE A 43 -3.45 -4.85 0.04
CA ILE A 43 -2.11 -4.43 0.42
C ILE A 43 -1.32 -5.61 0.98
N HIS A 44 -0.35 -6.09 0.21
CA HIS A 44 0.48 -7.21 0.64
C HIS A 44 1.87 -6.74 1.05
N VAL A 45 2.20 -6.93 2.32
CA VAL A 45 3.50 -6.51 2.84
C VAL A 45 4.53 -7.62 2.67
N ALA A 46 5.77 -7.22 2.39
CA ALA A 46 6.86 -8.18 2.20
C ALA A 46 8.05 -7.83 3.09
N GLY A 47 8.12 -8.47 4.25
CA GLY A 47 9.22 -8.22 5.16
C GLY A 47 10.39 -9.16 4.95
N GLU A 48 11.05 -9.54 6.04
CA GLU A 48 12.18 -10.45 5.98
C GLU A 48 11.83 -11.82 6.55
N THR A 49 10.94 -11.83 7.52
CA THR A 49 10.51 -13.08 8.16
C THR A 49 9.33 -13.70 7.42
N ASP A 50 8.43 -12.85 6.93
CA ASP A 50 7.27 -13.33 6.19
C ASP A 50 6.50 -12.15 5.58
N SER A 51 5.38 -12.45 4.94
CA SER A 51 4.56 -11.43 4.31
C SER A 51 3.16 -11.40 4.92
N SER A 52 2.43 -10.32 4.66
CA SER A 52 1.07 -10.16 5.18
C SER A 52 0.12 -9.70 4.09
N ASN A 53 -1.18 -9.91 4.31
CA ASN A 53 -2.19 -9.51 3.35
C ASN A 53 -3.23 -8.60 4.00
N LEU A 54 -3.53 -7.48 3.34
CA LEU A 54 -4.50 -6.53 3.85
C LEU A 54 -5.71 -6.43 2.92
N ASN A 55 -6.76 -5.78 3.40
CA ASN A 55 -7.98 -5.62 2.61
C ASN A 55 -8.74 -4.37 3.04
N VAL A 56 -9.09 -3.52 2.07
CA VAL A 56 -9.82 -2.30 2.35
C VAL A 56 -10.60 -1.83 1.12
N SER A 57 -11.51 -0.88 1.33
CA SER A 57 -12.32 -0.35 0.24
C SER A 57 -11.90 1.08 -0.11
N GLU A 58 -10.93 1.60 0.63
CA GLU A 58 -10.43 2.95 0.40
C GLU A 58 -9.03 2.92 -0.21
N PRO A 59 -8.65 4.02 -0.87
CA PRO A 59 -7.34 4.15 -1.51
C PRO A 59 -6.20 4.26 -0.49
N ARG A 60 -6.55 4.13 0.78
CA ARG A 60 -5.56 4.21 1.85
C ARG A 60 -5.68 3.02 2.80
N ALA A 61 -4.59 2.68 3.46
CA ALA A 61 -4.57 1.57 4.39
C ALA A 61 -3.32 1.58 5.27
N VAL A 62 -3.51 1.46 6.57
CA VAL A 62 -2.39 1.47 7.51
C VAL A 62 -1.96 0.05 7.87
N ILE A 63 -0.68 -0.12 8.16
CA ILE A 63 -0.14 -1.42 8.51
C ILE A 63 0.41 -1.42 9.93
N PRO A 64 -0.38 -1.93 10.88
CA PRO A 64 0.02 -2.00 12.29
C PRO A 64 1.13 -3.02 12.53
N GLY A 65 1.45 -3.25 13.80
CA GLY A 65 2.49 -4.20 14.15
C GLY A 65 3.62 -4.20 13.14
N LEU A 66 4.32 -3.08 13.04
CA LEU A 66 5.44 -2.94 12.12
C LEU A 66 6.77 -2.94 12.86
N ARG A 67 7.84 -3.25 12.15
CA ARG A 67 9.17 -3.27 12.74
C ARG A 67 9.94 -2.01 12.41
N SER A 68 10.86 -1.62 13.31
CA SER A 68 11.65 -0.42 13.11
C SER A 68 12.92 -0.72 12.31
N SER A 69 13.38 0.27 11.56
CA SER A 69 14.58 0.10 10.74
C SER A 69 14.53 -1.22 9.96
N THR A 70 13.45 -1.42 9.23
CA THR A 70 13.27 -2.63 8.45
C THR A 70 12.63 -2.33 7.10
N PHE A 71 13.23 -2.84 6.04
CA PHE A 71 12.73 -2.62 4.68
C PHE A 71 11.46 -3.44 4.44
N TYR A 72 10.45 -2.80 3.85
CA TYR A 72 9.19 -3.48 3.56
C TYR A 72 8.70 -3.13 2.15
N ASN A 73 8.24 -4.14 1.44
CA ASN A 73 7.75 -3.94 0.07
C ASN A 73 6.23 -4.09 0.03
N ILE A 74 5.53 -2.97 -0.04
CA ILE A 74 4.08 -2.98 -0.08
C ILE A 74 3.57 -3.03 -1.52
N THR A 75 2.40 -3.63 -1.72
CA THR A 75 1.82 -3.75 -3.05
C THR A 75 0.31 -3.51 -3.01
N VAL A 76 -0.14 -2.51 -3.77
CA VAL A 76 -1.56 -2.18 -3.82
C VAL A 76 -2.16 -2.55 -5.16
N CYS A 77 -2.89 -3.66 -5.19
CA CYS A 77 -3.53 -4.12 -6.42
C CYS A 77 -5.03 -3.86 -6.39
N PRO A 78 -5.49 -2.96 -7.28
CA PRO A 78 -6.91 -2.60 -7.37
C PRO A 78 -7.76 -3.73 -7.93
N VAL A 79 -8.95 -3.92 -7.37
CA VAL A 79 -9.85 -4.95 -7.83
C VAL A 79 -11.30 -4.47 -7.82
N LEU A 80 -11.85 -4.25 -9.01
CA LEU A 80 -13.23 -3.79 -9.14
C LEU A 80 -14.21 -4.94 -8.96
N GLY A 81 -13.82 -6.13 -9.40
CA GLY A 81 -14.68 -7.29 -9.26
C GLY A 81 -14.04 -8.55 -9.82
N ASP A 82 -13.83 -8.58 -11.13
CA ASP A 82 -13.22 -9.73 -11.79
C ASP A 82 -12.01 -9.30 -12.62
N ILE A 83 -11.43 -8.16 -12.27
CA ILE A 83 -10.26 -7.65 -12.98
C ILE A 83 -9.17 -7.20 -12.02
N GLU A 84 -7.92 -7.34 -12.43
CA GLU A 84 -6.79 -6.95 -11.60
C GLU A 84 -5.92 -5.91 -12.31
N GLY A 85 -5.86 -4.71 -11.75
CA GLY A 85 -5.06 -3.65 -12.34
C GLY A 85 -3.60 -3.77 -11.99
N THR A 86 -2.83 -2.72 -12.28
CA THR A 86 -1.41 -2.70 -11.99
C THR A 86 -1.14 -2.46 -10.51
N PRO A 87 -0.38 -3.36 -9.89
CA PRO A 87 -0.04 -3.27 -8.46
C PRO A 87 0.92 -2.11 -8.18
N GLY A 88 0.49 -1.19 -7.33
CA GLY A 88 1.33 -0.05 -6.99
C GLY A 88 2.35 -0.38 -5.91
N PHE A 89 3.62 -0.35 -6.27
CA PHE A 89 4.70 -0.64 -5.33
C PHE A 89 5.30 0.64 -4.77
N LEU A 90 5.74 0.57 -3.51
CA LEU A 90 6.34 1.73 -2.86
C LEU A 90 7.29 1.30 -1.74
N GLN A 91 8.57 1.61 -1.91
CA GLN A 91 9.58 1.25 -0.92
C GLN A 91 9.50 2.17 0.30
N VAL A 92 9.36 1.58 1.47
CA VAL A 92 9.28 2.34 2.71
C VAL A 92 10.40 1.96 3.67
N HIS A 93 10.80 2.92 4.51
CA HIS A 93 11.86 2.69 5.48
C HIS A 93 11.44 3.14 6.87
N THR A 94 11.04 2.19 7.70
CA THR A 94 10.60 2.51 9.06
C THR A 94 11.75 3.11 9.88
N PRO A 95 11.41 4.08 10.74
CA PRO A 95 12.39 4.76 11.59
C PRO A 95 12.94 3.84 12.68
N PRO A 96 14.16 4.16 13.16
CA PRO A 96 14.82 3.38 14.21
C PRO A 96 14.14 3.52 15.56
N VAL A 97 13.83 2.40 16.18
CA VAL A 97 13.18 2.40 17.49
C VAL A 97 14.08 2.98 18.56
N PRO A 98 13.53 3.88 19.39
CA PRO A 98 14.27 4.53 20.47
C PRO A 98 14.63 3.56 21.60
N SER A 99 15.93 3.37 21.81
CA SER A 99 16.39 2.47 22.86
C SER A 99 15.73 2.78 24.20
N GLY A 100 15.33 1.74 24.91
CA GLY A 100 14.68 1.92 26.20
C GLY A 100 13.17 1.93 26.09
N PRO A 101 12.49 1.85 27.24
CA PRO A 101 11.02 1.84 27.29
C PRO A 101 10.42 3.20 26.94
N SER A 102 9.17 3.20 26.50
CA SER A 102 8.49 4.42 26.12
C SER A 102 6.98 4.27 26.25
N SER A 103 6.31 5.36 26.61
CA SER A 103 4.85 5.34 26.77
C SER A 103 4.29 6.76 26.71
N GLY A 104 2.97 6.86 26.60
CA GLY A 104 2.33 8.15 26.54
C GLY A 104 0.82 8.04 26.41
N GLY A 1 -8.30 7.89 -35.53
CA GLY A 1 -9.66 8.21 -35.14
C GLY A 1 -10.20 7.31 -34.05
N SER A 2 -9.45 7.20 -32.96
CA SER A 2 -9.84 6.35 -31.84
C SER A 2 -9.84 7.14 -30.53
N SER A 3 -11.03 7.34 -29.96
CA SER A 3 -11.17 8.08 -28.72
C SER A 3 -11.38 7.13 -27.55
N GLY A 4 -10.27 6.67 -26.96
CA GLY A 4 -10.37 5.76 -25.83
C GLY A 4 -9.15 5.85 -24.91
N SER A 5 -8.87 7.06 -24.43
CA SER A 5 -7.73 7.28 -23.54
C SER A 5 -7.71 6.25 -22.42
N SER A 6 -8.77 6.24 -21.62
CA SER A 6 -8.88 5.30 -20.50
C SER A 6 -8.69 3.87 -20.98
N GLY A 7 -8.29 2.98 -20.06
CA GLY A 7 -8.09 1.59 -20.40
C GLY A 7 -8.41 0.67 -19.24
N ALA A 8 -7.39 0.32 -18.47
CA ALA A 8 -7.56 -0.57 -17.33
C ALA A 8 -7.24 0.14 -16.03
N ILE A 9 -7.71 -0.42 -14.92
CA ILE A 9 -7.46 0.16 -13.60
C ILE A 9 -5.97 0.18 -13.27
N GLN A 10 -5.43 1.37 -13.05
CA GLN A 10 -4.02 1.52 -12.72
C GLN A 10 -3.84 2.47 -11.54
N VAL A 11 -3.03 2.04 -10.56
CA VAL A 11 -2.77 2.85 -9.38
C VAL A 11 -1.48 3.65 -9.54
N PHE A 12 -1.53 4.93 -9.17
CA PHE A 12 -0.37 5.80 -9.27
C PHE A 12 -0.38 6.84 -8.16
N ASP A 13 0.75 7.53 -7.99
CA ASP A 13 0.87 8.55 -6.96
C ASP A 13 1.01 7.92 -5.58
N VAL A 14 1.60 6.72 -5.53
CA VAL A 14 1.78 6.02 -4.27
C VAL A 14 2.85 6.69 -3.41
N THR A 15 2.47 7.10 -2.21
CA THR A 15 3.40 7.75 -1.29
C THR A 15 3.07 7.43 0.16
N ALA A 16 4.04 7.59 1.04
CA ALA A 16 3.85 7.32 2.45
C ALA A 16 3.50 8.59 3.22
N VAL A 17 2.30 8.62 3.81
CA VAL A 17 1.85 9.78 4.56
C VAL A 17 2.56 9.87 5.90
N ASN A 18 2.66 8.74 6.59
CA ASN A 18 3.33 8.69 7.89
C ASN A 18 3.92 7.31 8.17
N ILE A 19 5.23 7.26 8.35
CA ILE A 19 5.90 5.99 8.62
C ILE A 19 6.38 5.92 10.06
N SER A 20 5.61 5.21 10.90
CA SER A 20 5.96 5.07 12.31
C SER A 20 6.80 3.82 12.53
N ALA A 21 7.08 3.53 13.80
CA ALA A 21 7.89 2.37 14.15
C ALA A 21 7.03 1.10 14.19
N THR A 22 5.78 1.25 14.62
CA THR A 22 4.87 0.11 14.69
C THR A 22 3.58 0.39 13.92
N SER A 23 3.67 1.29 12.95
CA SER A 23 2.51 1.65 12.14
C SER A 23 2.90 2.62 11.03
N LEU A 24 2.19 2.54 9.91
CA LEU A 24 2.47 3.40 8.76
C LEU A 24 1.22 3.57 7.90
N THR A 25 0.97 4.81 7.47
CA THR A 25 -0.18 5.12 6.64
C THR A 25 0.22 5.25 5.17
N LEU A 26 -0.56 4.65 4.29
CA LEU A 26 -0.29 4.71 2.86
C LEU A 26 -1.46 5.36 2.11
N ILE A 27 -1.15 5.96 0.96
CA ILE A 27 -2.17 6.61 0.14
C ILE A 27 -1.76 6.66 -1.32
N TRP A 28 -2.71 6.37 -2.20
CA TRP A 28 -2.44 6.38 -3.64
C TRP A 28 -3.57 7.06 -4.39
N LYS A 29 -3.38 7.24 -5.69
CA LYS A 29 -4.38 7.89 -6.53
C LYS A 29 -4.76 7.00 -7.71
N VAL A 30 -6.06 6.80 -7.90
CA VAL A 30 -6.55 5.97 -9.00
C VAL A 30 -6.91 6.81 -10.22
N SER A 31 -7.09 6.16 -11.35
CA SER A 31 -7.43 6.86 -12.60
C SER A 31 -8.93 7.14 -12.66
N ASP A 32 -9.50 7.51 -11.52
CA ASP A 32 -10.93 7.82 -11.44
C ASP A 32 -11.72 6.95 -12.41
N ASN A 33 -11.43 5.65 -12.40
CA ASN A 33 -12.12 4.70 -13.28
C ASN A 33 -13.61 5.00 -13.33
N GLU A 34 -14.11 5.24 -14.54
CA GLU A 34 -15.53 5.54 -14.73
C GLU A 34 -16.39 4.78 -13.74
N SER A 35 -16.01 3.53 -13.47
CA SER A 35 -16.75 2.69 -12.54
C SER A 35 -15.88 2.33 -11.33
N SER A 36 -15.96 3.13 -10.28
CA SER A 36 -15.19 2.90 -9.06
C SER A 36 -16.07 2.35 -7.95
N SER A 37 -16.97 1.45 -8.32
CA SER A 37 -17.88 0.85 -7.35
C SER A 37 -17.35 -0.51 -6.87
N ASN A 38 -17.53 -0.79 -5.59
CA ASN A 38 -17.07 -2.04 -5.00
C ASN A 38 -15.57 -2.24 -5.26
N TYR A 39 -14.82 -1.15 -5.22
CA TYR A 39 -13.38 -1.22 -5.46
C TYR A 39 -12.64 -1.65 -4.18
N THR A 40 -11.72 -2.58 -4.34
CA THR A 40 -10.94 -3.08 -3.21
C THR A 40 -9.45 -2.86 -3.43
N TYR A 41 -8.67 -3.02 -2.37
CA TYR A 41 -7.22 -2.83 -2.45
C TYR A 41 -6.50 -3.85 -1.56
N LYS A 42 -5.71 -4.71 -2.19
CA LYS A 42 -4.96 -5.73 -1.46
C LYS A 42 -3.53 -5.26 -1.20
N ILE A 43 -3.28 -4.83 0.04
CA ILE A 43 -1.95 -4.36 0.43
C ILE A 43 -1.08 -5.52 0.91
N HIS A 44 -0.25 -6.04 0.00
CA HIS A 44 0.64 -7.14 0.34
C HIS A 44 1.95 -6.62 0.93
N VAL A 45 2.16 -6.90 2.22
CA VAL A 45 3.37 -6.46 2.90
C VAL A 45 4.45 -7.53 2.84
N ALA A 46 5.65 -7.14 2.43
CA ALA A 46 6.77 -8.06 2.33
C ALA A 46 7.89 -7.68 3.30
N GLY A 47 8.14 -8.54 4.27
CA GLY A 47 9.18 -8.27 5.25
C GLY A 47 10.43 -9.11 5.01
N GLU A 48 11.00 -9.63 6.09
CA GLU A 48 12.21 -10.44 5.99
C GLU A 48 11.91 -11.88 6.39
N THR A 49 11.14 -12.06 7.45
CA THR A 49 10.79 -13.38 7.93
C THR A 49 9.63 -13.97 7.13
N ASP A 50 8.62 -13.15 6.86
CA ASP A 50 7.46 -13.58 6.10
C ASP A 50 6.70 -12.40 5.52
N SER A 51 5.59 -12.67 4.85
CA SER A 51 4.79 -11.62 4.24
C SER A 51 3.32 -11.76 4.64
N SER A 52 2.50 -10.81 4.19
CA SER A 52 1.07 -10.83 4.50
C SER A 52 0.29 -10.03 3.47
N ASN A 53 -1.04 -10.10 3.56
CA ASN A 53 -1.91 -9.38 2.64
C ASN A 53 -3.01 -8.65 3.39
N LEU A 54 -3.33 -7.44 2.95
CA LEU A 54 -4.37 -6.64 3.58
C LEU A 54 -5.60 -6.52 2.67
N ASN A 55 -6.70 -6.07 3.24
CA ASN A 55 -7.94 -5.90 2.49
C ASN A 55 -8.66 -4.63 2.90
N VAL A 56 -8.72 -3.67 1.99
CA VAL A 56 -9.38 -2.39 2.25
C VAL A 56 -10.15 -1.91 1.03
N SER A 57 -11.21 -1.14 1.27
CA SER A 57 -12.04 -0.62 0.18
C SER A 57 -11.77 0.86 -0.03
N GLU A 58 -10.58 1.30 0.36
CA GLU A 58 -10.19 2.70 0.21
C GLU A 58 -8.77 2.82 -0.31
N PRO A 59 -8.44 3.98 -0.90
CA PRO A 59 -7.11 4.25 -1.45
C PRO A 59 -6.06 4.39 -0.36
N ARG A 60 -6.45 4.17 0.88
CA ARG A 60 -5.54 4.27 2.02
C ARG A 60 -5.63 3.03 2.90
N ALA A 61 -4.53 2.72 3.58
CA ALA A 61 -4.48 1.57 4.46
C ALA A 61 -3.27 1.64 5.40
N VAL A 62 -3.52 1.53 6.69
CA VAL A 62 -2.47 1.58 7.69
C VAL A 62 -2.05 0.17 8.13
N ILE A 63 -0.74 -0.04 8.23
CA ILE A 63 -0.21 -1.34 8.62
C ILE A 63 0.26 -1.31 10.07
N PRO A 64 -0.59 -1.81 10.98
CA PRO A 64 -0.27 -1.86 12.42
C PRO A 64 0.83 -2.86 12.74
N GLY A 65 1.19 -2.94 14.01
CA GLY A 65 2.23 -3.86 14.43
C GLY A 65 3.31 -4.04 13.38
N LEU A 66 4.05 -2.97 13.10
CA LEU A 66 5.11 -3.01 12.11
C LEU A 66 6.47 -3.18 12.77
N ARG A 67 7.52 -3.20 11.96
CA ARG A 67 8.88 -3.36 12.48
C ARG A 67 9.70 -2.09 12.25
N SER A 68 10.54 -1.76 13.23
CA SER A 68 11.38 -0.57 13.14
C SER A 68 12.69 -0.88 12.41
N SER A 69 13.20 0.11 11.69
CA SER A 69 14.44 -0.04 10.93
C SER A 69 14.43 -1.35 10.14
N THR A 70 13.31 -1.61 9.45
CA THR A 70 13.18 -2.82 8.66
C THR A 70 12.58 -2.51 7.29
N PHE A 71 13.15 -3.12 6.25
CA PHE A 71 12.67 -2.91 4.89
C PHE A 71 11.33 -3.60 4.67
N TYR A 72 10.45 -2.94 3.92
CA TYR A 72 9.13 -3.49 3.63
C TYR A 72 8.69 -3.14 2.20
N ASN A 73 8.08 -4.12 1.53
CA ASN A 73 7.62 -3.92 0.16
C ASN A 73 6.09 -4.05 0.08
N ILE A 74 5.41 -2.92 -0.01
CA ILE A 74 3.95 -2.91 -0.09
C ILE A 74 3.49 -3.01 -1.53
N THR A 75 2.27 -3.53 -1.73
CA THR A 75 1.72 -3.68 -3.06
C THR A 75 0.22 -3.42 -3.06
N VAL A 76 -0.19 -2.31 -3.67
CA VAL A 76 -1.60 -1.95 -3.74
C VAL A 76 -2.20 -2.33 -5.09
N CYS A 77 -2.95 -3.42 -5.12
CA CYS A 77 -3.58 -3.88 -6.34
C CYS A 77 -5.10 -3.73 -6.27
N PRO A 78 -5.65 -2.83 -7.09
CA PRO A 78 -7.09 -2.58 -7.14
C PRO A 78 -7.88 -3.75 -7.73
N VAL A 79 -9.05 -4.00 -7.17
CA VAL A 79 -9.90 -5.09 -7.65
C VAL A 79 -11.38 -4.69 -7.66
N LEU A 80 -11.99 -4.73 -8.84
CA LEU A 80 -13.39 -4.36 -8.98
C LEU A 80 -14.29 -5.57 -8.76
N GLY A 81 -13.80 -6.75 -9.14
CA GLY A 81 -14.58 -7.96 -8.97
C GLY A 81 -13.87 -9.19 -9.50
N ASP A 82 -13.61 -9.19 -10.81
CA ASP A 82 -12.93 -10.32 -11.45
C ASP A 82 -11.74 -9.83 -12.27
N ILE A 83 -11.30 -8.62 -12.00
CA ILE A 83 -10.17 -8.03 -12.72
C ILE A 83 -9.10 -7.52 -11.76
N GLU A 84 -7.86 -7.50 -12.21
CA GLU A 84 -6.75 -7.03 -11.38
C GLU A 84 -5.97 -5.94 -12.11
N GLY A 85 -5.84 -4.79 -11.44
CA GLY A 85 -5.10 -3.67 -12.02
C GLY A 85 -3.63 -3.70 -11.70
N THR A 86 -2.91 -2.65 -12.09
CA THR A 86 -1.48 -2.57 -11.82
C THR A 86 -1.21 -2.30 -10.35
N PRO A 87 -0.47 -3.22 -9.71
CA PRO A 87 -0.12 -3.10 -8.29
C PRO A 87 0.88 -1.97 -8.03
N GLY A 88 0.48 -1.03 -7.19
CA GLY A 88 1.34 0.09 -6.86
C GLY A 88 2.41 -0.27 -5.85
N PHE A 89 3.67 -0.23 -6.27
CA PHE A 89 4.78 -0.55 -5.38
C PHE A 89 5.41 0.71 -4.81
N LEU A 90 5.85 0.63 -3.56
CA LEU A 90 6.47 1.76 -2.89
C LEU A 90 7.39 1.30 -1.76
N GLN A 91 8.68 1.58 -1.89
CA GLN A 91 9.65 1.19 -0.88
C GLN A 91 9.58 2.11 0.33
N VAL A 92 9.48 1.52 1.52
CA VAL A 92 9.40 2.30 2.75
C VAL A 92 10.46 1.83 3.75
N HIS A 93 11.00 2.78 4.52
CA HIS A 93 12.01 2.48 5.51
C HIS A 93 11.57 2.93 6.89
N THR A 94 11.05 2.00 7.68
CA THR A 94 10.58 2.31 9.03
C THR A 94 11.70 2.90 9.87
N PRO A 95 11.35 3.87 10.72
CA PRO A 95 12.31 4.55 11.60
C PRO A 95 12.81 3.63 12.71
N PRO A 96 14.00 3.96 13.25
CA PRO A 96 14.62 3.18 14.33
C PRO A 96 13.87 3.32 15.65
N VAL A 97 13.59 2.19 16.28
CA VAL A 97 12.88 2.19 17.56
C VAL A 97 13.72 2.81 18.66
N PRO A 98 13.09 3.66 19.48
CA PRO A 98 13.77 4.35 20.59
C PRO A 98 14.14 3.40 21.71
N SER A 99 15.42 3.07 21.80
CA SER A 99 15.91 2.15 22.83
C SER A 99 15.37 2.55 24.20
N GLY A 100 14.78 1.58 24.90
CA GLY A 100 14.23 1.84 26.22
C GLY A 100 12.73 2.04 26.18
N PRO A 101 12.23 2.96 27.02
CA PRO A 101 10.80 3.26 27.11
C PRO A 101 10.28 3.97 25.86
N SER A 102 8.98 3.82 25.60
CA SER A 102 8.36 4.44 24.43
C SER A 102 6.84 4.47 24.58
N SER A 103 6.23 5.54 24.09
CA SER A 103 4.78 5.69 24.16
C SER A 103 4.08 4.54 23.46
N GLY A 104 2.79 4.39 23.74
CA GLY A 104 2.01 3.32 23.13
C GLY A 104 2.44 1.95 23.61
N GLY A 1 0.38 -0.81 -39.24
CA GLY A 1 0.36 -1.46 -37.94
C GLY A 1 0.94 -0.59 -36.84
N SER A 2 0.06 -0.01 -36.04
CA SER A 2 0.48 0.86 -34.95
C SER A 2 0.15 0.24 -33.59
N SER A 3 0.66 0.84 -32.52
CA SER A 3 0.41 0.36 -31.18
C SER A 3 -0.58 1.24 -30.44
N GLY A 4 -1.08 0.75 -29.31
CA GLY A 4 -2.04 1.51 -28.53
C GLY A 4 -2.68 0.69 -27.43
N SER A 5 -3.72 1.26 -26.81
CA SER A 5 -4.42 0.56 -25.73
C SER A 5 -5.74 1.25 -25.43
N SER A 6 -6.53 0.64 -24.54
CA SER A 6 -7.83 1.18 -24.16
C SER A 6 -7.75 1.86 -22.80
N GLY A 7 -7.36 1.09 -21.78
CA GLY A 7 -7.26 1.64 -20.44
C GLY A 7 -7.69 0.64 -19.38
N ALA A 8 -7.21 0.84 -18.15
CA ALA A 8 -7.55 -0.04 -17.05
C ALA A 8 -7.24 0.61 -15.70
N ILE A 9 -7.80 0.04 -14.64
CA ILE A 9 -7.57 0.58 -13.30
C ILE A 9 -6.10 0.50 -12.91
N GLN A 10 -5.42 1.64 -12.98
CA GLN A 10 -4.00 1.69 -12.65
C GLN A 10 -3.76 2.62 -11.45
N VAL A 11 -3.03 2.13 -10.47
CA VAL A 11 -2.72 2.91 -9.27
C VAL A 11 -1.44 3.70 -9.44
N PHE A 12 -1.45 4.93 -8.95
CA PHE A 12 -0.28 5.80 -9.06
C PHE A 12 -0.21 6.78 -7.88
N ASP A 13 0.75 7.69 -7.92
CA ASP A 13 0.92 8.68 -6.86
C ASP A 13 1.07 8.00 -5.51
N VAL A 14 1.54 6.75 -5.52
CA VAL A 14 1.72 5.99 -4.29
C VAL A 14 2.82 6.60 -3.43
N THR A 15 2.47 6.99 -2.21
CA THR A 15 3.42 7.59 -1.29
C THR A 15 3.04 7.30 0.16
N ALA A 16 4.05 7.30 1.03
CA ALA A 16 3.82 7.03 2.45
C ALA A 16 3.38 8.30 3.18
N VAL A 17 2.08 8.49 3.31
CA VAL A 17 1.54 9.66 3.98
C VAL A 17 2.06 9.77 5.41
N ASN A 18 2.03 8.64 6.13
CA ASN A 18 2.50 8.61 7.51
C ASN A 18 3.31 7.35 7.77
N ILE A 19 4.46 7.51 8.44
CA ILE A 19 5.32 6.38 8.77
C ILE A 19 5.71 6.39 10.23
N SER A 20 5.46 5.27 10.91
CA SER A 20 5.78 5.15 12.33
C SER A 20 6.64 3.91 12.59
N ALA A 21 6.90 3.64 13.86
CA ALA A 21 7.71 2.48 14.24
C ALA A 21 6.92 1.19 14.10
N THR A 22 5.70 1.18 14.63
CA THR A 22 4.85 0.00 14.57
C THR A 22 3.56 0.31 13.80
N SER A 23 3.65 1.20 12.82
CA SER A 23 2.50 1.58 12.02
C SER A 23 2.90 2.53 10.90
N LEU A 24 2.18 2.46 9.78
CA LEU A 24 2.47 3.32 8.64
C LEU A 24 1.27 3.39 7.70
N THR A 25 0.86 4.60 7.36
CA THR A 25 -0.28 4.81 6.48
C THR A 25 0.17 4.90 5.02
N LEU A 26 -0.69 4.45 4.11
CA LEU A 26 -0.39 4.48 2.69
C LEU A 26 -1.53 5.10 1.89
N ILE A 27 -1.20 6.02 1.00
CA ILE A 27 -2.21 6.69 0.17
C ILE A 27 -1.80 6.68 -1.29
N TRP A 28 -2.77 6.40 -2.17
CA TRP A 28 -2.52 6.37 -3.60
C TRP A 28 -3.63 7.06 -4.37
N LYS A 29 -3.41 7.27 -5.67
CA LYS A 29 -4.40 7.93 -6.52
C LYS A 29 -4.81 7.02 -7.67
N VAL A 30 -6.12 6.89 -7.87
CA VAL A 30 -6.66 6.06 -8.94
C VAL A 30 -7.05 6.89 -10.15
N SER A 31 -7.08 6.26 -11.31
CA SER A 31 -7.44 6.94 -12.55
C SER A 31 -8.71 6.34 -13.16
N ASP A 32 -9.55 5.76 -12.31
CA ASP A 32 -10.79 5.15 -12.75
C ASP A 32 -11.97 5.68 -11.94
N ASN A 33 -11.93 6.96 -11.59
CA ASN A 33 -12.99 7.58 -10.82
C ASN A 33 -14.36 7.11 -11.30
N GLU A 34 -14.52 7.00 -12.61
CA GLU A 34 -15.78 6.55 -13.20
C GLU A 34 -16.10 5.12 -12.78
N SER A 35 -17.12 4.98 -11.94
CA SER A 35 -17.53 3.67 -11.45
C SER A 35 -16.53 3.13 -10.43
N SER A 36 -16.02 4.03 -9.58
CA SER A 36 -15.06 3.64 -8.55
C SER A 36 -15.77 3.08 -7.33
N SER A 37 -16.80 2.26 -7.57
CA SER A 37 -17.56 1.65 -6.49
C SER A 37 -17.15 0.19 -6.29
N ASN A 38 -17.17 -0.25 -5.03
CA ASN A 38 -16.79 -1.62 -4.70
C ASN A 38 -15.32 -1.88 -5.01
N TYR A 39 -14.53 -0.81 -5.01
CA TYR A 39 -13.10 -0.92 -5.30
C TYR A 39 -12.33 -1.37 -4.07
N THR A 40 -11.54 -2.44 -4.24
CA THR A 40 -10.76 -2.98 -3.14
C THR A 40 -9.26 -2.78 -3.38
N TYR A 41 -8.46 -3.06 -2.36
CA TYR A 41 -7.01 -2.91 -2.47
C TYR A 41 -6.30 -3.97 -1.63
N LYS A 42 -5.54 -4.84 -2.29
CA LYS A 42 -4.80 -5.89 -1.60
C LYS A 42 -3.36 -5.45 -1.33
N ILE A 43 -3.11 -5.00 -0.11
CA ILE A 43 -1.78 -4.57 0.28
C ILE A 43 -0.92 -5.74 0.75
N HIS A 44 0.00 -6.17 -0.10
CA HIS A 44 0.89 -7.29 0.23
C HIS A 44 2.16 -6.78 0.88
N VAL A 45 2.22 -6.87 2.20
CA VAL A 45 3.39 -6.43 2.96
C VAL A 45 4.44 -7.54 3.05
N ALA A 46 5.69 -7.17 2.84
CA ALA A 46 6.79 -8.14 2.91
C ALA A 46 7.91 -7.65 3.82
N GLY A 47 8.15 -8.40 4.91
CA GLY A 47 9.19 -8.01 5.85
C GLY A 47 10.37 -8.96 5.81
N GLU A 48 10.84 -9.35 7.00
CA GLU A 48 11.98 -10.26 7.11
C GLU A 48 11.57 -11.55 7.80
N THR A 49 10.82 -11.43 8.89
CA THR A 49 10.37 -12.58 9.65
C THR A 49 9.21 -13.28 8.95
N ASP A 50 8.36 -12.50 8.30
CA ASP A 50 7.21 -13.04 7.59
C ASP A 50 6.51 -11.96 6.78
N SER A 51 5.44 -12.34 6.09
CA SER A 51 4.68 -11.39 5.27
C SER A 51 3.20 -11.46 5.61
N SER A 52 2.43 -10.53 5.05
CA SER A 52 1.00 -10.47 5.29
C SER A 52 0.28 -9.73 4.16
N ASN A 53 -1.04 -9.87 4.12
CA ASN A 53 -1.84 -9.21 3.09
C ASN A 53 -2.98 -8.41 3.72
N LEU A 54 -3.29 -7.27 3.12
CA LEU A 54 -4.37 -6.41 3.61
C LEU A 54 -5.53 -6.37 2.63
N ASN A 55 -6.71 -6.00 3.13
CA ASN A 55 -7.90 -5.92 2.29
C ASN A 55 -8.76 -4.73 2.70
N VAL A 56 -8.74 -3.68 1.87
CA VAL A 56 -9.52 -2.48 2.15
C VAL A 56 -10.28 -2.03 0.91
N SER A 57 -11.26 -1.15 1.10
CA SER A 57 -12.06 -0.64 -0.01
C SER A 57 -11.67 0.79 -0.35
N GLU A 58 -10.96 1.43 0.57
CA GLU A 58 -10.53 2.81 0.37
C GLU A 58 -9.14 2.86 -0.22
N PRO A 59 -8.80 4.00 -0.85
CA PRO A 59 -7.49 4.20 -1.48
C PRO A 59 -6.36 4.32 -0.46
N ARG A 60 -6.71 4.14 0.82
CA ARG A 60 -5.73 4.24 1.89
C ARG A 60 -5.77 2.99 2.77
N ALA A 61 -4.65 2.67 3.40
CA ALA A 61 -4.55 1.51 4.27
C ALA A 61 -3.29 1.55 5.11
N VAL A 62 -3.45 1.44 6.43
CA VAL A 62 -2.32 1.47 7.35
C VAL A 62 -1.88 0.05 7.72
N ILE A 63 -0.60 -0.09 8.04
CA ILE A 63 -0.05 -1.39 8.41
C ILE A 63 0.44 -1.38 9.86
N PRO A 64 -0.39 -1.92 10.77
CA PRO A 64 -0.06 -1.99 12.19
C PRO A 64 1.06 -2.99 12.48
N GLY A 65 1.45 -3.08 13.75
CA GLY A 65 2.51 -3.99 14.13
C GLY A 65 3.56 -4.15 13.06
N LEU A 66 4.28 -3.06 12.79
CA LEU A 66 5.34 -3.08 11.78
C LEU A 66 6.70 -3.31 12.42
N ARG A 67 7.69 -3.62 11.59
CA ARG A 67 9.04 -3.88 12.06
C ARG A 67 9.91 -2.63 11.92
N SER A 68 10.28 -2.04 13.06
CA SER A 68 11.10 -0.84 13.06
C SER A 68 12.50 -1.14 12.54
N SER A 69 13.11 -0.15 11.89
CA SER A 69 14.45 -0.31 11.34
C SER A 69 14.53 -1.57 10.48
N THR A 70 13.61 -1.70 9.54
CA THR A 70 13.58 -2.86 8.65
C THR A 70 12.95 -2.50 7.31
N PHE A 71 13.47 -3.10 6.24
CA PHE A 71 12.96 -2.85 4.89
C PHE A 71 11.59 -3.49 4.70
N TYR A 72 10.76 -2.87 3.87
CA TYR A 72 9.42 -3.37 3.60
C TYR A 72 9.03 -3.14 2.15
N ASN A 73 8.20 -4.03 1.61
CA ASN A 73 7.75 -3.92 0.23
C ASN A 73 6.23 -4.00 0.15
N ILE A 74 5.59 -2.85 -0.03
CA ILE A 74 4.14 -2.79 -0.12
C ILE A 74 3.68 -2.84 -1.58
N THR A 75 2.53 -3.47 -1.82
CA THR A 75 1.99 -3.59 -3.16
C THR A 75 0.47 -3.40 -3.16
N VAL A 76 0.01 -2.29 -3.70
CA VAL A 76 -1.42 -1.99 -3.76
C VAL A 76 -2.00 -2.37 -5.12
N CYS A 77 -2.89 -3.37 -5.13
CA CYS A 77 -3.52 -3.82 -6.36
C CYS A 77 -5.03 -3.70 -6.28
N PRO A 78 -5.60 -2.81 -7.10
CA PRO A 78 -7.04 -2.57 -7.13
C PRO A 78 -7.82 -3.76 -7.72
N VAL A 79 -8.97 -4.04 -7.15
CA VAL A 79 -9.80 -5.15 -7.61
C VAL A 79 -11.28 -4.78 -7.58
N LEU A 80 -11.86 -4.64 -8.78
CA LEU A 80 -13.28 -4.29 -8.88
C LEU A 80 -14.14 -5.54 -9.00
N GLY A 81 -13.87 -6.52 -8.15
CA GLY A 81 -14.63 -7.76 -8.17
C GLY A 81 -13.82 -8.93 -8.66
N ASP A 82 -13.75 -9.09 -9.97
CA ASP A 82 -13.00 -10.19 -10.57
C ASP A 82 -11.84 -9.66 -11.41
N ILE A 83 -11.85 -8.36 -11.66
CA ILE A 83 -10.79 -7.73 -12.44
C ILE A 83 -9.71 -7.13 -11.55
N GLU A 84 -8.47 -7.16 -12.01
CA GLU A 84 -7.36 -6.61 -11.24
C GLU A 84 -6.62 -5.54 -12.05
N GLY A 85 -6.03 -4.58 -11.34
CA GLY A 85 -5.30 -3.52 -12.00
C GLY A 85 -3.81 -3.61 -11.76
N THR A 86 -3.08 -2.55 -12.15
CA THR A 86 -1.64 -2.52 -11.97
C THR A 86 -1.27 -2.26 -10.52
N PRO A 87 -0.49 -3.18 -9.93
CA PRO A 87 -0.05 -3.08 -8.53
C PRO A 87 0.98 -1.96 -8.34
N GLY A 88 0.71 -1.09 -7.37
CA GLY A 88 1.62 0.01 -7.10
C GLY A 88 2.65 -0.34 -6.05
N PHE A 89 3.92 -0.33 -6.43
CA PHE A 89 5.01 -0.64 -5.53
C PHE A 89 5.63 0.63 -4.95
N LEU A 90 5.96 0.59 -3.67
CA LEU A 90 6.56 1.74 -2.99
C LEU A 90 7.50 1.29 -1.87
N GLN A 91 8.77 1.62 -2.00
CA GLN A 91 9.76 1.25 -1.00
C GLN A 91 9.65 2.15 0.23
N VAL A 92 9.56 1.53 1.41
CA VAL A 92 9.45 2.27 2.65
C VAL A 92 10.50 1.83 3.66
N HIS A 93 10.95 2.76 4.48
CA HIS A 93 11.96 2.47 5.49
C HIS A 93 11.52 2.96 6.87
N THR A 94 11.09 2.02 7.71
CA THR A 94 10.64 2.36 9.06
C THR A 94 11.78 2.94 9.89
N PRO A 95 11.45 3.92 10.75
CA PRO A 95 12.43 4.58 11.62
C PRO A 95 12.94 3.65 12.72
N PRO A 96 14.07 4.03 13.33
CA PRO A 96 14.69 3.25 14.40
C PRO A 96 13.86 3.28 15.69
N VAL A 97 13.59 2.09 16.23
CA VAL A 97 12.81 1.98 17.46
C VAL A 97 13.69 2.16 18.69
N PRO A 98 13.19 2.90 19.68
CA PRO A 98 13.92 3.17 20.92
C PRO A 98 14.04 1.92 21.79
N SER A 99 15.04 1.92 22.67
CA SER A 99 15.27 0.79 23.56
C SER A 99 15.12 1.21 25.03
N GLY A 100 14.05 0.75 25.67
CA GLY A 100 13.81 1.09 27.06
C GLY A 100 13.71 -0.14 27.94
N PRO A 101 13.25 0.07 29.18
CA PRO A 101 13.09 -1.02 30.15
C PRO A 101 11.97 -1.98 29.78
N SER A 102 12.30 -3.00 28.99
CA SER A 102 11.32 -3.98 28.56
C SER A 102 10.34 -4.32 29.69
N SER A 103 9.06 -4.38 29.36
CA SER A 103 8.03 -4.69 30.35
C SER A 103 6.74 -5.12 29.67
N GLY A 104 6.09 -6.13 30.22
CA GLY A 104 4.84 -6.62 29.66
C GLY A 104 3.78 -5.54 29.57
N GLY A 1 -14.52 0.76 -25.60
CA GLY A 1 -13.34 0.25 -26.24
C GLY A 1 -12.55 1.33 -26.97
N SER A 2 -11.82 2.13 -26.21
CA SER A 2 -11.03 3.22 -26.78
C SER A 2 -9.59 2.77 -27.03
N SER A 3 -8.92 3.46 -27.94
CA SER A 3 -7.53 3.13 -28.27
C SER A 3 -6.62 3.35 -27.07
N GLY A 4 -5.41 2.80 -27.15
CA GLY A 4 -4.46 2.95 -26.08
C GLY A 4 -3.53 1.76 -25.95
N SER A 5 -2.88 1.62 -24.80
CA SER A 5 -1.96 0.51 -24.55
C SER A 5 -2.46 -0.36 -23.41
N SER A 6 -2.68 0.25 -22.26
CA SER A 6 -3.15 -0.48 -21.09
C SER A 6 -4.66 -0.30 -20.90
N GLY A 7 -5.12 0.94 -21.04
CA GLY A 7 -6.54 1.22 -20.88
C GLY A 7 -7.19 0.33 -19.84
N ALA A 8 -6.70 0.41 -18.61
CA ALA A 8 -7.25 -0.39 -17.52
C ALA A 8 -6.92 0.22 -16.17
N ILE A 9 -7.77 -0.04 -15.18
CA ILE A 9 -7.57 0.49 -13.83
C ILE A 9 -6.11 0.38 -13.41
N GLN A 10 -5.52 1.51 -13.05
CA GLN A 10 -4.12 1.54 -12.63
C GLN A 10 -3.94 2.45 -11.41
N VAL A 11 -3.01 2.08 -10.55
CA VAL A 11 -2.73 2.85 -9.34
C VAL A 11 -1.41 3.61 -9.45
N PHE A 12 -1.42 4.87 -9.04
CA PHE A 12 -0.22 5.69 -9.09
C PHE A 12 -0.22 6.73 -7.97
N ASP A 13 0.82 7.55 -7.93
CA ASP A 13 0.94 8.58 -6.90
C ASP A 13 1.06 7.95 -5.52
N VAL A 14 1.58 6.74 -5.47
CA VAL A 14 1.74 6.02 -4.20
C VAL A 14 2.82 6.68 -3.35
N THR A 15 2.47 6.99 -2.10
CA THR A 15 3.41 7.62 -1.18
C THR A 15 3.07 7.28 0.27
N ALA A 16 4.04 7.45 1.16
CA ALA A 16 3.84 7.17 2.57
C ALA A 16 3.36 8.40 3.33
N VAL A 17 2.05 8.53 3.46
CA VAL A 17 1.47 9.67 4.16
C VAL A 17 2.04 9.81 5.56
N ASN A 18 2.41 8.68 6.16
CA ASN A 18 2.98 8.67 7.51
C ASN A 18 3.68 7.35 7.79
N ILE A 19 4.80 7.42 8.51
CA ILE A 19 5.57 6.24 8.85
C ILE A 19 5.98 6.26 10.32
N SER A 20 5.54 5.25 11.06
CA SER A 20 5.85 5.15 12.48
C SER A 20 6.70 3.91 12.77
N ALA A 21 6.97 3.66 14.04
CA ALA A 21 7.77 2.51 14.45
C ALA A 21 6.97 1.22 14.31
N THR A 22 5.78 1.20 14.90
CA THR A 22 4.92 0.02 14.85
C THR A 22 3.64 0.31 14.07
N SER A 23 3.74 1.16 13.07
CA SER A 23 2.58 1.53 12.26
C SER A 23 3.00 2.43 11.09
N LEU A 24 2.21 2.41 10.02
CA LEU A 24 2.49 3.22 8.85
C LEU A 24 1.27 3.30 7.93
N THR A 25 0.89 4.51 7.56
CA THR A 25 -0.25 4.72 6.67
C THR A 25 0.20 4.93 5.23
N LEU A 26 -0.55 4.35 4.30
CA LEU A 26 -0.23 4.48 2.88
C LEU A 26 -1.39 5.12 2.12
N ILE A 27 -1.06 5.90 1.09
CA ILE A 27 -2.07 6.57 0.29
C ILE A 27 -1.68 6.56 -1.19
N TRP A 28 -2.65 6.24 -2.05
CA TRP A 28 -2.41 6.19 -3.49
C TRP A 28 -3.54 6.89 -4.25
N LYS A 29 -3.28 7.20 -5.51
CA LYS A 29 -4.28 7.86 -6.34
C LYS A 29 -4.70 6.96 -7.51
N VAL A 30 -6.02 6.81 -7.69
CA VAL A 30 -6.54 5.99 -8.76
C VAL A 30 -6.97 6.83 -9.96
N SER A 31 -6.80 6.28 -11.15
CA SER A 31 -7.16 6.99 -12.38
C SER A 31 -8.66 6.92 -12.62
N ASP A 32 -9.35 8.03 -12.36
CA ASP A 32 -10.79 8.11 -12.55
C ASP A 32 -11.22 7.28 -13.76
N ASN A 33 -11.60 6.03 -13.51
CA ASN A 33 -12.04 5.14 -14.58
C ASN A 33 -13.55 5.22 -14.78
N GLU A 34 -14.02 4.66 -15.88
CA GLU A 34 -15.45 4.67 -16.19
C GLU A 34 -16.28 4.55 -14.92
N SER A 35 -15.82 3.70 -14.01
CA SER A 35 -16.53 3.48 -12.74
C SER A 35 -15.54 3.16 -11.62
N SER A 36 -15.64 3.90 -10.52
CA SER A 36 -14.76 3.69 -9.39
C SER A 36 -15.54 3.18 -8.18
N SER A 37 -16.59 2.40 -8.45
CA SER A 37 -17.41 1.85 -7.39
C SER A 37 -17.05 0.40 -7.11
N ASN A 38 -17.15 -0.01 -5.84
CA ASN A 38 -16.83 -1.37 -5.44
C ASN A 38 -15.36 -1.69 -5.71
N TYR A 39 -14.52 -0.65 -5.68
CA TYR A 39 -13.10 -0.81 -5.91
C TYR A 39 -12.39 -1.35 -4.66
N THR A 40 -11.63 -2.42 -4.83
CA THR A 40 -10.91 -3.02 -3.72
C THR A 40 -9.41 -2.78 -3.84
N TYR A 41 -8.69 -2.99 -2.75
CA TYR A 41 -7.24 -2.79 -2.74
C TYR A 41 -6.56 -3.82 -1.84
N LYS A 42 -5.73 -4.67 -2.44
CA LYS A 42 -5.01 -5.69 -1.69
C LYS A 42 -3.58 -5.25 -1.40
N ILE A 43 -3.34 -4.81 -0.17
CA ILE A 43 -2.02 -4.37 0.24
C ILE A 43 -1.18 -5.53 0.77
N HIS A 44 -0.26 -6.01 -0.06
CA HIS A 44 0.60 -7.13 0.33
C HIS A 44 1.90 -6.62 0.95
N VAL A 45 2.06 -6.84 2.24
CA VAL A 45 3.25 -6.41 2.96
C VAL A 45 4.27 -7.54 3.07
N ALA A 46 5.52 -7.25 2.72
CA ALA A 46 6.59 -8.25 2.78
C ALA A 46 7.74 -7.74 3.63
N GLY A 47 7.88 -8.29 4.84
CA GLY A 47 8.95 -7.89 5.72
C GLY A 47 10.12 -8.86 5.70
N GLU A 48 10.80 -8.98 6.83
CA GLU A 48 11.95 -9.88 6.93
C GLU A 48 11.50 -11.30 7.27
N THR A 49 11.76 -12.23 6.36
CA THR A 49 11.39 -13.63 6.55
C THR A 49 9.94 -13.74 7.00
N ASP A 50 9.08 -12.91 6.43
CA ASP A 50 7.65 -12.92 6.76
C ASP A 50 6.88 -11.95 5.88
N SER A 51 5.57 -12.14 5.80
CA SER A 51 4.72 -11.29 4.99
C SER A 51 3.26 -11.40 5.43
N SER A 52 2.44 -10.45 4.99
CA SER A 52 1.03 -10.43 5.36
C SER A 52 0.18 -9.95 4.18
N ASN A 53 -1.13 -10.04 4.34
CA ASN A 53 -2.07 -9.62 3.29
C ASN A 53 -3.15 -8.72 3.85
N LEU A 54 -3.42 -7.61 3.17
CA LEU A 54 -4.44 -6.67 3.60
C LEU A 54 -5.58 -6.59 2.59
N ASN A 55 -6.78 -6.28 3.07
CA ASN A 55 -7.95 -6.17 2.20
C ASN A 55 -8.81 -4.96 2.59
N VAL A 56 -8.73 -3.91 1.79
CA VAL A 56 -9.50 -2.70 2.05
C VAL A 56 -10.12 -2.16 0.77
N SER A 57 -11.18 -1.36 0.92
CA SER A 57 -11.88 -0.79 -0.22
C SER A 57 -11.49 0.67 -0.41
N GLU A 58 -10.77 1.22 0.56
CA GLU A 58 -10.34 2.61 0.50
C GLU A 58 -8.91 2.72 -0.05
N PRO A 59 -8.59 3.88 -0.63
CA PRO A 59 -7.27 4.13 -1.20
C PRO A 59 -6.19 4.27 -0.14
N ARG A 60 -6.57 4.04 1.11
CA ARG A 60 -5.63 4.14 2.23
C ARG A 60 -5.70 2.89 3.10
N ALA A 61 -4.57 2.54 3.72
CA ALA A 61 -4.49 1.37 4.58
C ALA A 61 -3.26 1.42 5.47
N VAL A 62 -3.49 1.42 6.78
CA VAL A 62 -2.39 1.46 7.74
C VAL A 62 -1.95 0.05 8.13
N ILE A 63 -0.64 -0.11 8.31
CA ILE A 63 -0.09 -1.41 8.69
C ILE A 63 0.43 -1.39 10.12
N PRO A 64 -0.37 -1.91 11.06
CA PRO A 64 -0.02 -1.97 12.47
C PRO A 64 1.10 -2.96 12.75
N GLY A 65 1.50 -3.07 14.02
CA GLY A 65 2.56 -3.98 14.39
C GLY A 65 3.62 -4.11 13.31
N LEU A 66 4.33 -3.01 13.05
CA LEU A 66 5.38 -3.02 12.03
C LEU A 66 6.75 -3.21 12.67
N ARG A 67 7.73 -3.61 11.85
CA ARG A 67 9.08 -3.82 12.33
C ARG A 67 9.96 -2.60 12.09
N SER A 68 10.38 -1.95 13.19
CA SER A 68 11.20 -0.77 13.09
C SER A 68 12.59 -1.12 12.57
N SER A 69 13.19 -0.18 11.83
CA SER A 69 14.52 -0.38 11.25
C SER A 69 14.55 -1.66 10.43
N THR A 70 13.62 -1.78 9.49
CA THR A 70 13.55 -2.95 8.62
C THR A 70 12.91 -2.59 7.28
N PHE A 71 13.44 -3.19 6.20
CA PHE A 71 12.92 -2.94 4.87
C PHE A 71 11.55 -3.58 4.68
N TYR A 72 10.71 -2.94 3.87
CA TYR A 72 9.36 -3.43 3.61
C TYR A 72 8.96 -3.19 2.16
N ASN A 73 8.16 -4.11 1.61
CA ASN A 73 7.71 -3.99 0.23
C ASN A 73 6.19 -4.07 0.16
N ILE A 74 5.54 -2.92 -0.01
CA ILE A 74 4.09 -2.86 -0.11
C ILE A 74 3.63 -2.78 -1.56
N THR A 75 2.49 -3.39 -1.84
CA THR A 75 1.94 -3.39 -3.19
C THR A 75 0.42 -3.22 -3.17
N VAL A 76 -0.06 -2.13 -3.75
CA VAL A 76 -1.49 -1.86 -3.79
C VAL A 76 -2.07 -2.22 -5.16
N CYS A 77 -2.69 -3.39 -5.24
CA CYS A 77 -3.30 -3.85 -6.49
C CYS A 77 -4.81 -3.67 -6.46
N PRO A 78 -5.32 -2.85 -7.38
CA PRO A 78 -6.76 -2.57 -7.49
C PRO A 78 -7.55 -3.79 -7.97
N VAL A 79 -8.80 -3.90 -7.51
CA VAL A 79 -9.65 -5.02 -7.90
C VAL A 79 -11.12 -4.61 -7.86
N LEU A 80 -11.72 -4.47 -9.05
CA LEU A 80 -13.12 -4.08 -9.15
C LEU A 80 -14.03 -5.31 -9.08
N GLY A 81 -13.77 -6.18 -8.09
CA GLY A 81 -14.58 -7.37 -7.94
C GLY A 81 -13.88 -8.61 -8.47
N ASP A 82 -13.81 -8.72 -9.79
CA ASP A 82 -13.17 -9.86 -10.43
C ASP A 82 -12.03 -9.41 -11.34
N ILE A 83 -12.03 -8.13 -11.69
CA ILE A 83 -11.00 -7.57 -12.55
C ILE A 83 -9.85 -6.99 -11.74
N GLU A 84 -8.64 -7.09 -12.29
CA GLU A 84 -7.45 -6.58 -11.60
C GLU A 84 -6.70 -5.60 -12.50
N GLY A 85 -6.05 -4.62 -11.87
CA GLY A 85 -5.31 -3.62 -12.63
C GLY A 85 -3.82 -3.74 -12.40
N THR A 86 -3.14 -2.59 -12.31
CA THR A 86 -1.70 -2.56 -12.09
C THR A 86 -1.37 -2.34 -10.63
N PRO A 87 -0.57 -3.24 -10.05
CA PRO A 87 -0.15 -3.16 -8.64
C PRO A 87 0.81 -2.00 -8.39
N GLY A 88 0.49 -1.20 -7.38
CA GLY A 88 1.33 -0.06 -7.05
C GLY A 88 2.38 -0.40 -6.00
N PHE A 89 3.64 -0.36 -6.39
CA PHE A 89 4.74 -0.66 -5.47
C PHE A 89 5.33 0.61 -4.89
N LEU A 90 5.78 0.53 -3.64
CA LEU A 90 6.37 1.67 -2.96
C LEU A 90 7.32 1.23 -1.85
N GLN A 91 8.59 1.57 -1.99
CA GLN A 91 9.59 1.20 -1.00
C GLN A 91 9.49 2.09 0.23
N VAL A 92 9.52 1.47 1.41
CA VAL A 92 9.42 2.21 2.67
C VAL A 92 10.48 1.73 3.67
N HIS A 93 10.93 2.63 4.53
CA HIS A 93 11.92 2.29 5.54
C HIS A 93 11.50 2.79 6.91
N THR A 94 11.00 1.88 7.74
CA THR A 94 10.56 2.24 9.09
C THR A 94 11.63 3.01 9.83
N PRO A 95 11.20 3.97 10.67
CA PRO A 95 12.12 4.79 11.47
C PRO A 95 12.81 3.99 12.56
N PRO A 96 14.06 4.38 12.88
CA PRO A 96 14.85 3.72 13.92
C PRO A 96 14.31 3.97 15.32
N VAL A 97 13.91 2.91 16.01
CA VAL A 97 13.38 3.02 17.36
C VAL A 97 14.18 4.02 18.19
N PRO A 98 13.49 5.01 18.75
CA PRO A 98 14.11 6.05 19.58
C PRO A 98 14.60 5.51 20.91
N SER A 99 14.46 4.20 21.10
CA SER A 99 14.88 3.55 22.34
C SER A 99 16.27 4.04 22.76
N GLY A 100 17.21 4.02 21.82
CA GLY A 100 18.56 4.46 22.11
C GLY A 100 19.50 4.28 20.93
N PRO A 101 20.67 4.93 21.00
CA PRO A 101 21.68 4.85 19.94
C PRO A 101 22.32 3.47 19.85
N SER A 102 22.02 2.62 20.81
CA SER A 102 22.57 1.27 20.85
C SER A 102 21.48 0.22 20.67
N SER A 103 21.52 -0.50 19.56
CA SER A 103 20.53 -1.53 19.27
C SER A 103 20.35 -2.46 20.47
N GLY A 104 21.46 -2.90 21.03
CA GLY A 104 21.41 -3.79 22.18
C GLY A 104 22.74 -4.44 22.48
N GLY A 1 -13.13 -1.73 -37.47
CA GLY A 1 -12.98 -1.24 -36.12
C GLY A 1 -11.54 -1.01 -35.75
N SER A 2 -11.08 0.24 -35.85
CA SER A 2 -9.71 0.58 -35.53
C SER A 2 -9.55 0.85 -34.04
N SER A 3 -8.67 0.08 -33.39
CA SER A 3 -8.43 0.22 -31.96
C SER A 3 -8.00 1.65 -31.62
N GLY A 4 -8.20 2.04 -30.38
CA GLY A 4 -7.83 3.38 -29.95
C GLY A 4 -8.14 3.62 -28.48
N SER A 5 -9.35 4.12 -28.21
CA SER A 5 -9.76 4.40 -26.84
C SER A 5 -9.45 3.22 -25.92
N SER A 6 -8.37 3.35 -25.16
CA SER A 6 -7.95 2.29 -24.25
C SER A 6 -7.92 2.81 -22.81
N GLY A 7 -7.70 1.90 -21.86
CA GLY A 7 -7.65 2.28 -20.47
C GLY A 7 -7.63 1.08 -19.54
N ALA A 8 -7.11 1.27 -18.33
CA ALA A 8 -7.04 0.19 -17.35
C ALA A 8 -6.79 0.75 -15.96
N ILE A 9 -7.55 0.24 -14.98
CA ILE A 9 -7.42 0.69 -13.60
C ILE A 9 -5.97 0.55 -13.11
N GLN A 10 -5.26 1.65 -13.06
CA GLN A 10 -3.87 1.65 -12.61
C GLN A 10 -3.69 2.55 -11.40
N VAL A 11 -3.07 2.00 -10.35
CA VAL A 11 -2.83 2.75 -9.12
C VAL A 11 -1.53 3.55 -9.21
N PHE A 12 -1.64 4.87 -9.08
CA PHE A 12 -0.48 5.74 -9.14
C PHE A 12 -0.46 6.71 -7.96
N ASP A 13 0.61 7.48 -7.85
CA ASP A 13 0.75 8.45 -6.77
C ASP A 13 0.84 7.75 -5.42
N VAL A 14 1.48 6.59 -5.41
CA VAL A 14 1.64 5.82 -4.18
C VAL A 14 2.76 6.39 -3.31
N THR A 15 2.42 6.76 -2.08
CA THR A 15 3.39 7.31 -1.15
C THR A 15 2.98 7.07 0.29
N ALA A 16 3.98 7.02 1.19
CA ALA A 16 3.71 6.79 2.60
C ALA A 16 3.30 8.09 3.30
N VAL A 17 2.00 8.31 3.40
CA VAL A 17 1.49 9.51 4.05
C VAL A 17 2.05 9.65 5.46
N ASN A 18 2.31 8.53 6.11
CA ASN A 18 2.84 8.53 7.46
C ASN A 18 3.64 7.26 7.73
N ILE A 19 4.79 7.42 8.39
CA ILE A 19 5.65 6.28 8.72
C ILE A 19 6.03 6.29 10.19
N SER A 20 5.53 5.30 10.93
CA SER A 20 5.82 5.19 12.36
C SER A 20 6.70 3.97 12.65
N ALA A 21 6.99 3.75 13.91
CA ALA A 21 7.82 2.63 14.32
C ALA A 21 7.06 1.31 14.21
N THR A 22 5.81 1.31 14.69
CA THR A 22 4.99 0.12 14.64
C THR A 22 3.67 0.39 13.90
N SER A 23 3.72 1.30 12.94
CA SER A 23 2.54 1.66 12.16
C SER A 23 2.90 2.62 11.04
N LEU A 24 2.22 2.48 9.91
CA LEU A 24 2.46 3.33 8.75
C LEU A 24 1.22 3.43 7.87
N THR A 25 0.86 4.64 7.48
CA THR A 25 -0.30 4.86 6.63
C THR A 25 0.10 5.02 5.17
N LEU A 26 -0.65 4.39 4.28
CA LEU A 26 -0.37 4.46 2.86
C LEU A 26 -1.50 5.18 2.12
N ILE A 27 -1.16 5.79 0.98
CA ILE A 27 -2.14 6.51 0.18
C ILE A 27 -1.77 6.47 -1.30
N TRP A 28 -2.78 6.31 -2.15
CA TRP A 28 -2.56 6.27 -3.59
C TRP A 28 -3.74 6.90 -4.34
N LYS A 29 -3.46 7.39 -5.55
CA LYS A 29 -4.49 8.03 -6.37
C LYS A 29 -4.90 7.12 -7.52
N VAL A 30 -6.20 6.85 -7.61
CA VAL A 30 -6.72 5.99 -8.66
C VAL A 30 -7.26 6.82 -9.83
N SER A 31 -7.13 6.28 -11.04
CA SER A 31 -7.60 6.98 -12.23
C SER A 31 -9.05 6.60 -12.56
N ASP A 32 -9.89 6.62 -11.53
CA ASP A 32 -11.30 6.28 -11.69
C ASP A 32 -12.14 6.85 -10.55
N ASN A 33 -13.22 7.53 -10.89
CA ASN A 33 -14.10 8.12 -9.90
C ASN A 33 -15.55 7.80 -10.20
N GLU A 34 -15.89 7.75 -11.48
CA GLU A 34 -17.26 7.45 -11.91
C GLU A 34 -17.83 6.27 -11.12
N SER A 35 -17.17 5.12 -11.23
CA SER A 35 -17.61 3.92 -10.53
C SER A 35 -16.62 3.54 -9.44
N SER A 36 -16.02 4.55 -8.81
CA SER A 36 -15.05 4.31 -7.74
C SER A 36 -15.75 4.02 -6.42
N SER A 37 -16.78 3.18 -6.48
CA SER A 37 -17.54 2.83 -5.29
C SER A 37 -17.17 1.44 -4.79
N ASN A 38 -17.46 0.43 -5.61
CA ASN A 38 -17.16 -0.95 -5.27
C ASN A 38 -15.69 -1.29 -5.59
N TYR A 39 -14.81 -0.33 -5.36
CA TYR A 39 -13.39 -0.52 -5.62
C TYR A 39 -12.67 -1.06 -4.39
N THR A 40 -11.93 -2.16 -4.58
CA THR A 40 -11.20 -2.77 -3.48
C THR A 40 -9.70 -2.64 -3.69
N TYR A 41 -8.93 -2.91 -2.64
CA TYR A 41 -7.48 -2.81 -2.71
C TYR A 41 -6.82 -3.89 -1.84
N LYS A 42 -5.85 -4.60 -2.43
CA LYS A 42 -5.14 -5.65 -1.72
C LYS A 42 -3.69 -5.26 -1.46
N ILE A 43 -3.42 -4.79 -0.25
CA ILE A 43 -2.07 -4.39 0.13
C ILE A 43 -1.28 -5.55 0.70
N HIS A 44 -0.33 -6.06 -0.08
CA HIS A 44 0.50 -7.18 0.36
C HIS A 44 1.81 -6.69 0.95
N VAL A 45 1.98 -6.90 2.26
CA VAL A 45 3.19 -6.49 2.95
C VAL A 45 4.25 -7.58 2.93
N ALA A 46 5.51 -7.17 2.77
CA ALA A 46 6.61 -8.12 2.73
C ALA A 46 7.75 -7.68 3.65
N GLY A 47 8.05 -8.49 4.65
CA GLY A 47 9.11 -8.16 5.58
C GLY A 47 10.46 -8.70 5.14
N GLU A 48 11.12 -9.42 6.03
CA GLU A 48 12.43 -10.00 5.74
C GLU A 48 12.34 -11.51 5.59
N THR A 49 11.52 -12.13 6.42
CA THR A 49 11.34 -13.58 6.40
C THR A 49 9.87 -13.95 6.22
N ASP A 50 8.99 -13.20 6.89
CA ASP A 50 7.56 -13.45 6.82
C ASP A 50 6.86 -12.34 6.06
N SER A 51 5.61 -12.58 5.69
CA SER A 51 4.82 -11.60 4.95
C SER A 51 3.34 -11.72 5.29
N SER A 52 2.55 -10.77 4.81
CA SER A 52 1.12 -10.76 5.06
C SER A 52 0.36 -10.01 3.96
N ASN A 53 -0.95 -10.19 3.92
CA ASN A 53 -1.78 -9.53 2.92
C ASN A 53 -2.89 -8.72 3.57
N LEU A 54 -3.19 -7.56 2.99
CA LEU A 54 -4.23 -6.69 3.52
C LEU A 54 -5.40 -6.58 2.55
N ASN A 55 -6.51 -6.01 3.02
CA ASN A 55 -7.69 -5.85 2.19
C ASN A 55 -8.53 -4.66 2.67
N VAL A 56 -8.85 -3.76 1.75
CA VAL A 56 -9.64 -2.59 2.08
C VAL A 56 -10.42 -2.09 0.86
N SER A 57 -11.35 -1.17 1.09
CA SER A 57 -12.16 -0.61 0.02
C SER A 57 -11.77 0.84 -0.27
N GLU A 58 -10.88 1.38 0.56
CA GLU A 58 -10.43 2.76 0.41
C GLU A 58 -9.02 2.81 -0.16
N PRO A 59 -8.67 3.94 -0.79
CA PRO A 59 -7.35 4.14 -1.38
C PRO A 59 -6.25 4.27 -0.33
N ARG A 60 -6.63 4.10 0.94
CA ARG A 60 -5.67 4.19 2.03
C ARG A 60 -5.72 2.94 2.90
N ALA A 61 -4.60 2.65 3.57
CA ALA A 61 -4.51 1.49 4.43
C ALA A 61 -3.27 1.56 5.33
N VAL A 62 -3.49 1.45 6.63
CA VAL A 62 -2.39 1.51 7.59
C VAL A 62 -1.98 0.10 8.03
N ILE A 63 -0.68 -0.08 8.26
CA ILE A 63 -0.16 -1.37 8.69
C ILE A 63 0.33 -1.32 10.12
N PRO A 64 -0.50 -1.79 11.06
CA PRO A 64 -0.17 -1.81 12.48
C PRO A 64 0.93 -2.82 12.81
N GLY A 65 1.29 -2.89 14.09
CA GLY A 65 2.33 -3.82 14.52
C GLY A 65 3.40 -4.01 13.46
N LEU A 66 4.15 -2.95 13.18
CA LEU A 66 5.21 -3.00 12.19
C LEU A 66 6.58 -3.07 12.86
N ARG A 67 7.60 -3.46 12.09
CA ARG A 67 8.96 -3.56 12.60
C ARG A 67 9.77 -2.33 12.26
N SER A 68 10.50 -1.81 13.24
CA SER A 68 11.33 -0.62 13.03
C SER A 68 12.70 -1.00 12.50
N SER A 69 13.33 -0.07 11.78
CA SER A 69 14.66 -0.31 11.22
C SER A 69 14.68 -1.60 10.41
N THR A 70 13.75 -1.71 9.46
CA THR A 70 13.65 -2.90 8.62
C THR A 70 13.03 -2.57 7.27
N PHE A 71 13.55 -3.18 6.20
CA PHE A 71 13.03 -2.95 4.86
C PHE A 71 11.65 -3.58 4.69
N TYR A 72 10.80 -2.93 3.90
CA TYR A 72 9.45 -3.42 3.66
C TYR A 72 9.05 -3.21 2.21
N ASN A 73 8.24 -4.12 1.68
CA ASN A 73 7.79 -4.03 0.30
C ASN A 73 6.26 -4.08 0.22
N ILE A 74 5.65 -2.91 0.03
CA ILE A 74 4.21 -2.81 -0.06
C ILE A 74 3.74 -2.82 -1.51
N THR A 75 2.59 -3.43 -1.76
CA THR A 75 2.03 -3.50 -3.10
C THR A 75 0.51 -3.35 -3.08
N VAL A 76 0.01 -2.29 -3.70
CA VAL A 76 -1.42 -2.04 -3.75
C VAL A 76 -2.02 -2.50 -5.08
N CYS A 77 -2.77 -3.59 -5.03
CA CYS A 77 -3.41 -4.14 -6.23
C CYS A 77 -4.88 -3.78 -6.27
N PRO A 78 -5.27 -2.98 -7.27
CA PRO A 78 -6.66 -2.54 -7.45
C PRO A 78 -7.56 -3.68 -7.91
N VAL A 79 -8.76 -3.73 -7.34
CA VAL A 79 -9.73 -4.77 -7.69
C VAL A 79 -11.16 -4.26 -7.55
N LEU A 80 -11.81 -4.02 -8.69
CA LEU A 80 -13.18 -3.53 -8.70
C LEU A 80 -14.16 -4.65 -8.39
N GLY A 81 -13.87 -5.85 -8.89
CA GLY A 81 -14.74 -6.99 -8.65
C GLY A 81 -14.17 -8.27 -9.23
N ASP A 82 -14.03 -8.32 -10.55
CA ASP A 82 -13.50 -9.50 -11.23
C ASP A 82 -12.35 -9.12 -12.15
N ILE A 83 -11.72 -7.98 -11.88
CA ILE A 83 -10.61 -7.51 -12.68
C ILE A 83 -9.40 -7.15 -11.81
N GLU A 84 -8.21 -7.19 -12.40
CA GLU A 84 -6.99 -6.87 -11.67
C GLU A 84 -6.16 -5.84 -12.43
N GLY A 85 -5.98 -4.67 -11.81
CA GLY A 85 -5.20 -3.62 -12.45
C GLY A 85 -3.72 -3.75 -12.19
N THR A 86 -3.01 -2.64 -12.25
CA THR A 86 -1.56 -2.64 -12.02
C THR A 86 -1.24 -2.35 -10.56
N PRO A 87 -0.48 -3.26 -9.93
CA PRO A 87 -0.08 -3.13 -8.52
C PRO A 87 0.93 -2.01 -8.32
N GLY A 88 0.69 -1.17 -7.30
CA GLY A 88 1.58 -0.07 -7.02
C GLY A 88 2.63 -0.44 -5.98
N PHE A 89 3.89 -0.37 -6.38
CA PHE A 89 4.99 -0.69 -5.48
C PHE A 89 5.61 0.57 -4.89
N LEU A 90 6.06 0.49 -3.65
CA LEU A 90 6.67 1.62 -2.97
C LEU A 90 7.59 1.15 -1.84
N GLN A 91 8.89 1.42 -1.99
CA GLN A 91 9.87 1.03 -0.98
C GLN A 91 9.82 1.98 0.22
N VAL A 92 9.62 1.40 1.40
CA VAL A 92 9.55 2.19 2.63
C VAL A 92 10.60 1.73 3.63
N HIS A 93 11.02 2.64 4.50
CA HIS A 93 12.03 2.33 5.51
C HIS A 93 11.58 2.81 6.89
N THR A 94 11.07 1.88 7.70
CA THR A 94 10.61 2.21 9.04
C THR A 94 11.65 3.02 9.80
N PRO A 95 11.17 3.92 10.68
CA PRO A 95 12.04 4.77 11.49
C PRO A 95 12.79 3.98 12.56
N PRO A 96 13.89 4.57 13.07
CA PRO A 96 14.71 3.94 14.09
C PRO A 96 14.01 3.88 15.44
N VAL A 97 13.88 2.67 15.98
CA VAL A 97 13.22 2.47 17.27
C VAL A 97 14.19 2.74 18.43
N PRO A 98 13.87 3.76 19.24
CA PRO A 98 14.69 4.14 20.39
C PRO A 98 14.63 3.10 21.51
N SER A 99 15.68 2.30 21.62
CA SER A 99 15.75 1.27 22.65
C SER A 99 17.16 1.18 23.23
N GLY A 100 17.31 0.36 24.27
CA GLY A 100 18.60 0.20 24.90
C GLY A 100 19.70 -0.12 23.91
N PRO A 101 20.94 -0.25 24.42
CA PRO A 101 22.11 -0.57 23.58
C PRO A 101 22.07 -1.99 23.05
N SER A 102 21.98 -2.12 21.72
CA SER A 102 21.94 -3.42 21.08
C SER A 102 22.03 -3.29 19.57
N SER A 103 22.72 -4.22 18.93
CA SER A 103 22.88 -4.21 17.48
C SER A 103 21.73 -4.94 16.80
N GLY A 104 21.22 -4.35 15.72
CA GLY A 104 20.12 -4.96 14.99
C GLY A 104 20.43 -6.37 14.54
N GLY A 1 -10.63 -7.36 -36.23
CA GLY A 1 -9.49 -7.01 -35.40
C GLY A 1 -9.88 -6.16 -34.21
N SER A 2 -8.91 -5.50 -33.61
CA SER A 2 -9.15 -4.65 -32.44
C SER A 2 -8.07 -3.58 -32.31
N SER A 3 -8.42 -2.49 -31.64
CA SER A 3 -7.48 -1.38 -31.44
C SER A 3 -7.15 -1.21 -29.97
N GLY A 4 -6.00 -1.71 -29.56
CA GLY A 4 -5.59 -1.61 -28.17
C GLY A 4 -5.55 -0.17 -27.69
N SER A 5 -6.59 0.24 -26.96
CA SER A 5 -6.67 1.60 -26.44
C SER A 5 -6.54 1.61 -24.92
N SER A 6 -6.31 2.80 -24.36
CA SER A 6 -6.17 2.95 -22.93
C SER A 6 -7.52 2.79 -22.22
N GLY A 7 -7.58 1.88 -21.26
CA GLY A 7 -8.81 1.65 -20.53
C GLY A 7 -8.67 0.55 -19.49
N ALA A 8 -7.81 0.79 -18.51
CA ALA A 8 -7.57 -0.18 -17.44
C ALA A 8 -7.18 0.50 -16.15
N ILE A 9 -7.65 -0.02 -15.03
CA ILE A 9 -7.34 0.55 -13.72
C ILE A 9 -5.83 0.56 -13.47
N GLN A 10 -5.33 1.67 -12.95
CA GLN A 10 -3.92 1.81 -12.66
C GLN A 10 -3.69 2.72 -11.46
N VAL A 11 -3.06 2.17 -10.41
CA VAL A 11 -2.78 2.94 -9.21
C VAL A 11 -1.49 3.72 -9.33
N PHE A 12 -1.57 5.03 -9.16
CA PHE A 12 -0.41 5.90 -9.25
C PHE A 12 -0.39 6.93 -8.12
N ASP A 13 0.74 7.58 -7.95
CA ASP A 13 0.88 8.59 -6.90
C ASP A 13 0.98 7.94 -5.52
N VAL A 14 1.44 6.69 -5.49
CA VAL A 14 1.58 5.95 -4.25
C VAL A 14 2.70 6.52 -3.39
N THR A 15 2.36 6.97 -2.19
CA THR A 15 3.34 7.54 -1.27
C THR A 15 2.99 7.23 0.18
N ALA A 16 4.01 7.15 1.03
CA ALA A 16 3.80 6.87 2.44
C ALA A 16 3.35 8.11 3.20
N VAL A 17 2.03 8.25 3.35
CA VAL A 17 1.47 9.40 4.05
C VAL A 17 2.08 9.55 5.43
N ASN A 18 2.43 8.42 6.05
CA ASN A 18 3.03 8.43 7.38
C ASN A 18 3.73 7.10 7.67
N ILE A 19 4.88 7.18 8.31
CA ILE A 19 5.65 5.98 8.65
C ILE A 19 6.12 6.02 10.10
N SER A 20 5.45 5.25 10.96
CA SER A 20 5.79 5.21 12.37
C SER A 20 6.70 4.01 12.67
N ALA A 21 7.01 3.81 13.95
CA ALA A 21 7.86 2.71 14.36
C ALA A 21 7.11 1.38 14.32
N THR A 22 5.89 1.38 14.86
CA THR A 22 5.07 0.17 14.88
C THR A 22 3.79 0.37 14.08
N SER A 23 3.86 1.21 13.05
CA SER A 23 2.70 1.47 12.20
C SER A 23 3.09 2.35 11.01
N LEU A 24 2.31 2.29 9.95
CA LEU A 24 2.57 3.08 8.75
C LEU A 24 1.33 3.14 7.87
N THR A 25 0.92 4.36 7.51
CA THR A 25 -0.25 4.55 6.66
C THR A 25 0.16 4.78 5.22
N LEU A 26 -0.54 4.12 4.29
CA LEU A 26 -0.25 4.25 2.87
C LEU A 26 -1.38 4.99 2.15
N ILE A 27 -1.06 5.58 1.00
CA ILE A 27 -2.05 6.31 0.23
C ILE A 27 -1.69 6.29 -1.26
N TRP A 28 -2.73 6.26 -2.10
CA TRP A 28 -2.52 6.23 -3.54
C TRP A 28 -3.68 6.92 -4.26
N LYS A 29 -3.42 7.40 -5.48
CA LYS A 29 -4.43 8.09 -6.27
C LYS A 29 -4.88 7.21 -7.43
N VAL A 30 -6.20 7.05 -7.57
CA VAL A 30 -6.76 6.24 -8.64
C VAL A 30 -7.17 7.11 -9.83
N SER A 31 -7.10 6.53 -11.03
CA SER A 31 -7.46 7.25 -12.25
C SER A 31 -8.81 7.94 -12.09
N ASP A 32 -8.79 9.17 -11.57
CA ASP A 32 -10.02 9.93 -11.37
C ASP A 32 -11.14 9.04 -10.86
N ASN A 33 -10.80 8.14 -9.93
CA ASN A 33 -11.79 7.23 -9.36
C ASN A 33 -12.81 6.81 -10.41
N GLU A 34 -12.32 6.49 -11.60
CA GLU A 34 -13.19 6.06 -12.69
C GLU A 34 -14.04 4.86 -12.28
N SER A 35 -15.35 4.98 -12.46
CA SER A 35 -16.27 3.91 -12.10
C SER A 35 -15.81 3.20 -10.83
N SER A 36 -15.54 3.98 -9.78
CA SER A 36 -15.09 3.44 -8.51
C SER A 36 -16.22 2.71 -7.80
N SER A 37 -16.61 1.55 -8.35
CA SER A 37 -17.70 0.76 -7.76
C SER A 37 -17.13 -0.44 -6.99
N ASN A 38 -17.39 -0.46 -5.69
CA ASN A 38 -16.92 -1.54 -4.84
C ASN A 38 -15.44 -1.82 -5.08
N TYR A 39 -14.69 -0.77 -5.40
CA TYR A 39 -13.25 -0.90 -5.65
C TYR A 39 -12.53 -1.41 -4.42
N THR A 40 -11.73 -2.46 -4.61
CA THR A 40 -10.97 -3.06 -3.52
C THR A 40 -9.48 -2.95 -3.76
N TYR A 41 -8.70 -3.14 -2.70
CA TYR A 41 -7.24 -3.06 -2.80
C TYR A 41 -6.57 -4.16 -1.98
N LYS A 42 -5.79 -4.99 -2.67
CA LYS A 42 -5.09 -6.09 -2.01
C LYS A 42 -3.67 -5.69 -1.63
N ILE A 43 -3.48 -5.36 -0.36
CA ILE A 43 -2.17 -4.95 0.14
C ILE A 43 -1.33 -6.16 0.55
N HIS A 44 -0.15 -6.29 -0.05
CA HIS A 44 0.74 -7.39 0.26
C HIS A 44 2.01 -6.90 0.94
N VAL A 45 2.08 -7.08 2.26
CA VAL A 45 3.24 -6.64 3.03
C VAL A 45 4.29 -7.75 3.11
N ALA A 46 5.51 -7.42 2.69
CA ALA A 46 6.61 -8.39 2.71
C ALA A 46 7.77 -7.88 3.55
N GLY A 47 7.87 -8.39 4.78
CA GLY A 47 8.94 -7.97 5.67
C GLY A 47 10.02 -9.02 5.81
N GLU A 48 10.74 -8.99 6.93
CA GLU A 48 11.80 -9.95 7.18
C GLU A 48 11.24 -11.24 7.77
N THR A 49 11.69 -12.37 7.21
CA THR A 49 11.23 -13.68 7.67
C THR A 49 9.77 -13.64 8.10
N ASP A 50 8.96 -12.88 7.34
CA ASP A 50 7.54 -12.76 7.63
C ASP A 50 6.81 -12.09 6.48
N SER A 51 5.48 -12.19 6.48
CA SER A 51 4.67 -11.60 5.43
C SER A 51 3.23 -11.44 5.90
N SER A 52 2.55 -10.43 5.36
CA SER A 52 1.15 -10.17 5.71
C SER A 52 0.37 -9.65 4.51
N ASN A 53 -0.93 -9.44 4.70
CA ASN A 53 -1.80 -8.95 3.64
C ASN A 53 -3.11 -8.44 4.20
N LEU A 54 -3.64 -7.39 3.58
CA LEU A 54 -4.90 -6.80 4.02
C LEU A 54 -5.66 -6.20 2.84
N ASN A 55 -6.95 -6.51 2.75
CA ASN A 55 -7.79 -6.01 1.66
C ASN A 55 -8.70 -4.89 2.17
N VAL A 56 -8.67 -3.76 1.46
CA VAL A 56 -9.49 -2.62 1.82
C VAL A 56 -10.15 -2.00 0.61
N SER A 57 -11.22 -1.24 0.83
CA SER A 57 -11.94 -0.60 -0.26
C SER A 57 -11.49 0.85 -0.43
N GLU A 58 -10.83 1.38 0.59
CA GLU A 58 -10.34 2.75 0.54
C GLU A 58 -8.93 2.82 -0.04
N PRO A 59 -8.59 3.97 -0.62
CA PRO A 59 -7.26 4.18 -1.24
C PRO A 59 -6.15 4.27 -0.20
N ARG A 60 -6.51 4.04 1.07
CA ARG A 60 -5.54 4.09 2.16
C ARG A 60 -5.52 2.77 2.92
N ALA A 61 -4.38 2.48 3.54
CA ALA A 61 -4.22 1.25 4.30
C ALA A 61 -3.02 1.33 5.24
N VAL A 62 -3.28 1.19 6.54
CA VAL A 62 -2.22 1.25 7.54
C VAL A 62 -1.77 -0.15 7.95
N ILE A 63 -0.51 -0.28 8.31
CA ILE A 63 0.04 -1.56 8.73
C ILE A 63 0.57 -1.49 10.16
N PRO A 64 -0.23 -1.98 11.10
CA PRO A 64 0.13 -1.99 12.53
C PRO A 64 1.25 -2.98 12.83
N GLY A 65 1.60 -3.09 14.11
CA GLY A 65 2.66 -4.01 14.51
C GLY A 65 3.76 -4.10 13.48
N LEU A 66 4.47 -2.99 13.26
CA LEU A 66 5.56 -2.95 12.30
C LEU A 66 6.91 -2.96 13.01
N ARG A 67 7.89 -3.60 12.39
CA ARG A 67 9.23 -3.67 12.95
C ARG A 67 10.07 -2.47 12.54
N SER A 68 10.67 -1.79 13.52
CA SER A 68 11.50 -0.62 13.25
C SER A 68 12.81 -1.02 12.59
N SER A 69 13.33 -0.14 11.73
CA SER A 69 14.57 -0.41 11.03
C SER A 69 14.48 -1.69 10.22
N THR A 70 13.40 -1.84 9.46
CA THR A 70 13.19 -3.02 8.64
C THR A 70 12.64 -2.65 7.27
N PHE A 71 13.11 -3.34 6.23
CA PHE A 71 12.67 -3.09 4.87
C PHE A 71 11.33 -3.76 4.60
N TYR A 72 10.42 -3.02 3.97
CA TYR A 72 9.09 -3.55 3.66
C TYR A 72 8.71 -3.21 2.22
N ASN A 73 7.99 -4.14 1.59
CA ASN A 73 7.55 -3.95 0.20
C ASN A 73 6.04 -4.08 0.09
N ILE A 74 5.35 -2.95 -0.02
CA ILE A 74 3.89 -2.94 -0.14
C ILE A 74 3.47 -2.90 -1.60
N THR A 75 2.43 -3.66 -1.92
CA THR A 75 1.92 -3.71 -3.29
C THR A 75 0.40 -3.58 -3.31
N VAL A 76 -0.08 -2.40 -3.70
CA VAL A 76 -1.51 -2.14 -3.78
C VAL A 76 -2.06 -2.45 -5.17
N CYS A 77 -2.96 -3.42 -5.24
CA CYS A 77 -3.57 -3.80 -6.50
C CYS A 77 -5.08 -3.65 -6.46
N PRO A 78 -5.62 -2.78 -7.32
CA PRO A 78 -7.07 -2.52 -7.40
C PRO A 78 -7.84 -3.71 -7.96
N VAL A 79 -9.08 -3.87 -7.52
CA VAL A 79 -9.92 -4.97 -7.99
C VAL A 79 -11.38 -4.52 -8.11
N LEU A 80 -11.88 -4.48 -9.34
CA LEU A 80 -13.26 -4.07 -9.59
C LEU A 80 -14.16 -5.29 -9.77
N GLY A 81 -13.91 -6.32 -8.99
CA GLY A 81 -14.71 -7.53 -9.08
C GLY A 81 -13.92 -8.71 -9.62
N ASP A 82 -13.58 -8.65 -10.90
CA ASP A 82 -12.83 -9.72 -11.54
C ASP A 82 -11.66 -9.15 -12.34
N ILE A 83 -11.55 -7.82 -12.37
CA ILE A 83 -10.47 -7.16 -13.09
C ILE A 83 -9.37 -6.71 -12.13
N GLU A 84 -8.12 -6.92 -12.55
CA GLU A 84 -6.97 -6.54 -11.73
C GLU A 84 -6.11 -5.52 -12.46
N GLY A 85 -6.01 -4.32 -11.90
CA GLY A 85 -5.21 -3.27 -12.51
C GLY A 85 -3.73 -3.44 -12.23
N THR A 86 -2.99 -2.36 -12.37
CA THR A 86 -1.54 -2.38 -12.13
C THR A 86 -1.23 -2.17 -10.66
N PRO A 87 -0.49 -3.12 -10.07
CA PRO A 87 -0.10 -3.05 -8.65
C PRO A 87 0.91 -1.96 -8.38
N GLY A 88 0.55 -1.02 -7.51
CA GLY A 88 1.44 0.07 -7.17
C GLY A 88 2.45 -0.31 -6.11
N PHE A 89 3.73 -0.26 -6.46
CA PHE A 89 4.80 -0.60 -5.54
C PHE A 89 5.39 0.65 -4.89
N LEU A 90 5.73 0.54 -3.61
CA LEU A 90 6.30 1.67 -2.88
C LEU A 90 7.23 1.18 -1.77
N GLN A 91 8.51 1.51 -1.90
CA GLN A 91 9.50 1.10 -0.91
C GLN A 91 9.41 1.97 0.34
N VAL A 92 9.31 1.31 1.49
CA VAL A 92 9.21 2.02 2.77
C VAL A 92 10.30 1.56 3.74
N HIS A 93 10.73 2.47 4.61
CA HIS A 93 11.75 2.15 5.59
C HIS A 93 11.39 2.70 6.97
N THR A 94 10.98 1.82 7.87
CA THR A 94 10.59 2.21 9.22
C THR A 94 11.69 3.01 9.89
N PRO A 95 11.30 4.07 10.62
CA PRO A 95 12.25 4.93 11.34
C PRO A 95 12.91 4.23 12.52
N PRO A 96 14.16 4.59 12.80
CA PRO A 96 14.92 4.01 13.90
C PRO A 96 14.39 4.44 15.27
N VAL A 97 13.94 3.46 16.06
CA VAL A 97 13.41 3.73 17.38
C VAL A 97 14.16 4.87 18.05
N PRO A 98 13.41 5.90 18.47
CA PRO A 98 13.98 7.08 19.14
C PRO A 98 14.50 6.76 20.54
N SER A 99 15.49 7.53 20.99
CA SER A 99 16.07 7.32 22.31
C SER A 99 16.09 8.62 23.11
N GLY A 100 16.30 8.51 24.41
CA GLY A 100 16.34 9.68 25.27
C GLY A 100 16.13 9.35 26.73
N PRO A 101 15.65 10.33 27.50
CA PRO A 101 15.39 10.16 28.92
C PRO A 101 14.20 9.24 29.20
N SER A 102 13.63 8.69 28.13
CA SER A 102 12.49 7.79 28.24
C SER A 102 12.66 6.85 29.43
N SER A 103 11.56 6.24 29.88
CA SER A 103 11.59 5.32 31.00
C SER A 103 12.30 4.02 30.63
N GLY A 104 13.22 3.58 31.48
CA GLY A 104 13.95 2.36 31.22
C GLY A 104 15.27 2.30 31.94
N GLY A 1 -2.79 -4.82 -26.52
CA GLY A 1 -2.38 -3.92 -25.47
C GLY A 1 -2.28 -2.48 -25.93
N SER A 2 -3.27 -2.04 -26.71
CA SER A 2 -3.28 -0.68 -27.23
C SER A 2 -4.26 0.19 -26.44
N SER A 3 -3.98 1.49 -26.40
CA SER A 3 -4.83 2.43 -25.68
C SER A 3 -6.16 2.62 -26.40
N GLY A 4 -7.26 2.53 -25.65
CA GLY A 4 -8.57 2.68 -26.23
C GLY A 4 -9.52 3.43 -25.31
N SER A 5 -10.05 2.73 -24.31
CA SER A 5 -10.98 3.33 -23.37
C SER A 5 -10.32 4.49 -22.61
N SER A 6 -11.10 5.14 -21.75
CA SER A 6 -10.59 6.26 -20.98
C SER A 6 -9.17 6.00 -20.50
N GLY A 7 -9.00 4.90 -19.78
CA GLY A 7 -7.68 4.55 -19.26
C GLY A 7 -7.73 3.39 -18.29
N ALA A 8 -7.04 2.30 -18.63
CA ALA A 8 -7.00 1.12 -17.77
C ALA A 8 -6.94 1.52 -16.30
N ILE A 9 -7.34 0.60 -15.42
CA ILE A 9 -7.32 0.86 -13.99
C ILE A 9 -5.92 0.64 -13.41
N GLN A 10 -5.21 1.75 -13.21
CA GLN A 10 -3.86 1.68 -12.67
C GLN A 10 -3.73 2.57 -11.43
N VAL A 11 -2.86 2.16 -10.51
CA VAL A 11 -2.64 2.91 -9.28
C VAL A 11 -1.34 3.70 -9.33
N PHE A 12 -1.44 5.01 -9.10
CA PHE A 12 -0.27 5.88 -9.12
C PHE A 12 -0.28 6.85 -7.94
N ASP A 13 0.80 7.61 -7.80
CA ASP A 13 0.91 8.58 -6.72
C ASP A 13 0.92 7.88 -5.36
N VAL A 14 1.54 6.70 -5.31
CA VAL A 14 1.61 5.92 -4.07
C VAL A 14 2.71 6.47 -3.16
N THR A 15 2.30 6.91 -1.98
CA THR A 15 3.25 7.45 -1.00
C THR A 15 2.76 7.23 0.42
N ALA A 16 3.67 7.34 1.38
CA ALA A 16 3.34 7.16 2.79
C ALA A 16 3.14 8.50 3.49
N VAL A 17 1.90 8.82 3.82
CA VAL A 17 1.58 10.07 4.49
C VAL A 17 2.23 10.14 5.87
N ASN A 18 2.52 8.97 6.44
CA ASN A 18 3.15 8.88 7.75
C ASN A 18 3.67 7.48 8.02
N ILE A 19 4.90 7.39 8.51
CA ILE A 19 5.51 6.11 8.82
C ILE A 19 5.94 6.03 10.28
N SER A 20 5.22 5.25 11.07
CA SER A 20 5.51 5.10 12.48
C SER A 20 6.49 3.95 12.70
N ALA A 21 6.78 3.67 13.97
CA ALA A 21 7.70 2.59 14.32
C ALA A 21 7.00 1.24 14.28
N THR A 22 5.79 1.19 14.83
CA THR A 22 5.02 -0.05 14.86
C THR A 22 3.83 0.03 13.92
N SER A 23 3.90 0.94 12.96
CA SER A 23 2.81 1.12 11.99
C SER A 23 3.25 2.04 10.85
N LEU A 24 2.49 2.03 9.77
CA LEU A 24 2.80 2.86 8.61
C LEU A 24 1.57 3.06 7.74
N THR A 25 1.25 4.32 7.44
CA THR A 25 0.09 4.63 6.60
C THR A 25 0.48 4.72 5.13
N LEU A 26 -0.37 4.16 4.27
CA LEU A 26 -0.12 4.19 2.83
C LEU A 26 -1.25 4.90 2.09
N ILE A 27 -0.89 5.62 1.04
CA ILE A 27 -1.87 6.35 0.24
C ILE A 27 -1.54 6.25 -1.25
N TRP A 28 -2.58 6.23 -2.08
CA TRP A 28 -2.41 6.15 -3.52
C TRP A 28 -3.58 6.80 -4.24
N LYS A 29 -3.34 7.22 -5.48
CA LYS A 29 -4.38 7.86 -6.28
C LYS A 29 -4.78 6.97 -7.46
N VAL A 30 -6.09 6.75 -7.61
CA VAL A 30 -6.61 5.93 -8.69
C VAL A 30 -7.01 6.77 -9.89
N SER A 31 -6.83 6.23 -11.09
CA SER A 31 -7.17 6.93 -12.32
C SER A 31 -8.69 6.99 -12.50
N ASP A 32 -9.26 8.15 -12.17
CA ASP A 32 -10.71 8.34 -12.29
C ASP A 32 -11.25 7.59 -13.51
N ASN A 33 -11.76 6.39 -13.28
CA ASN A 33 -12.31 5.57 -14.35
C ASN A 33 -13.82 5.76 -14.46
N GLU A 34 -14.39 5.38 -15.60
CA GLU A 34 -15.82 5.51 -15.83
C GLU A 34 -16.60 5.15 -14.57
N SER A 35 -16.09 4.17 -13.82
CA SER A 35 -16.75 3.74 -12.59
C SER A 35 -15.73 3.21 -11.58
N SER A 36 -15.51 3.98 -10.52
CA SER A 36 -14.55 3.61 -9.48
C SER A 36 -15.27 3.21 -8.20
N SER A 37 -16.39 2.52 -8.34
CA SER A 37 -17.17 2.09 -7.19
C SER A 37 -16.84 0.65 -6.81
N ASN A 38 -17.00 0.32 -5.53
CA ASN A 38 -16.72 -1.02 -5.04
C ASN A 38 -15.29 -1.42 -5.34
N TYR A 39 -14.41 -0.42 -5.45
CA TYR A 39 -13.00 -0.67 -5.74
C TYR A 39 -12.29 -1.18 -4.50
N THR A 40 -11.60 -2.32 -4.64
CA THR A 40 -10.86 -2.90 -3.54
C THR A 40 -9.36 -2.73 -3.71
N TYR A 41 -8.60 -3.02 -2.66
CA TYR A 41 -7.15 -2.88 -2.70
C TYR A 41 -6.48 -3.99 -1.90
N LYS A 42 -5.72 -4.85 -2.57
CA LYS A 42 -5.02 -5.94 -1.92
C LYS A 42 -3.59 -5.54 -1.57
N ILE A 43 -3.38 -5.21 -0.30
CA ILE A 43 -2.05 -4.81 0.16
C ILE A 43 -1.22 -6.03 0.54
N HIS A 44 -0.09 -6.21 -0.14
CA HIS A 44 0.80 -7.32 0.12
C HIS A 44 2.10 -6.85 0.77
N VAL A 45 2.18 -6.99 2.09
CA VAL A 45 3.36 -6.58 2.84
C VAL A 45 4.42 -7.68 2.84
N ALA A 46 5.67 -7.28 2.69
CA ALA A 46 6.78 -8.24 2.69
C ALA A 46 7.90 -7.78 3.61
N GLY A 47 8.04 -8.46 4.75
CA GLY A 47 9.08 -8.11 5.69
C GLY A 47 10.37 -8.88 5.47
N GLU A 48 11.31 -8.74 6.39
CA GLU A 48 12.59 -9.43 6.29
C GLU A 48 12.40 -10.84 5.75
N THR A 49 11.56 -11.62 6.41
CA THR A 49 11.30 -12.99 6.00
C THR A 49 9.79 -13.27 5.95
N ASP A 50 9.07 -12.72 6.92
CA ASP A 50 7.62 -12.91 6.98
C ASP A 50 6.90 -11.92 6.07
N SER A 51 5.58 -12.02 6.02
CA SER A 51 4.77 -11.15 5.18
C SER A 51 3.36 -11.02 5.73
N SER A 52 2.62 -10.03 5.22
CA SER A 52 1.25 -9.79 5.66
C SER A 52 0.37 -9.38 4.48
N ASN A 53 -0.94 -9.38 4.71
CA ASN A 53 -1.89 -9.01 3.67
C ASN A 53 -3.16 -8.41 4.29
N LEU A 54 -3.79 -7.50 3.57
CA LEU A 54 -5.02 -6.85 4.04
C LEU A 54 -5.83 -6.32 2.87
N ASN A 55 -7.15 -6.33 3.02
CA ASN A 55 -8.04 -5.84 1.98
C ASN A 55 -8.84 -4.63 2.47
N VAL A 56 -8.77 -3.54 1.71
CA VAL A 56 -9.49 -2.32 2.07
C VAL A 56 -10.11 -1.67 0.84
N SER A 57 -11.30 -1.10 1.02
CA SER A 57 -12.01 -0.45 -0.08
C SER A 57 -11.72 1.06 -0.10
N GLU A 58 -10.52 1.42 0.33
CA GLU A 58 -10.12 2.83 0.36
C GLU A 58 -8.72 3.02 -0.20
N PRO A 59 -8.43 4.22 -0.69
CA PRO A 59 -7.12 4.57 -1.27
C PRO A 59 -6.02 4.62 -0.21
N ARG A 60 -6.37 4.28 1.02
CA ARG A 60 -5.42 4.29 2.12
C ARG A 60 -5.56 3.05 2.98
N ALA A 61 -4.46 2.63 3.61
CA ALA A 61 -4.47 1.45 4.47
C ALA A 61 -3.22 1.40 5.34
N VAL A 62 -3.43 1.34 6.66
CA VAL A 62 -2.32 1.28 7.61
C VAL A 62 -1.94 -0.15 7.92
N ILE A 63 -0.70 -0.35 8.37
CA ILE A 63 -0.21 -1.67 8.72
C ILE A 63 0.38 -1.70 10.12
N PRO A 64 -0.42 -2.17 11.09
CA PRO A 64 0.00 -2.26 12.50
C PRO A 64 1.06 -3.33 12.71
N GLY A 65 1.52 -3.46 13.94
CA GLY A 65 2.54 -4.45 14.27
C GLY A 65 3.69 -4.43 13.29
N LEU A 66 4.34 -3.29 13.15
CA LEU A 66 5.46 -3.15 12.23
C LEU A 66 6.78 -3.10 13.00
N ARG A 67 7.86 -3.49 12.33
CA ARG A 67 9.18 -3.48 12.94
C ARG A 67 9.97 -2.24 12.54
N SER A 68 10.79 -1.74 13.46
CA SER A 68 11.59 -0.55 13.19
C SER A 68 12.93 -0.93 12.55
N SER A 69 13.41 -0.05 11.67
CA SER A 69 14.67 -0.29 10.98
C SER A 69 14.62 -1.59 10.18
N THR A 70 13.59 -1.72 9.35
CA THR A 70 13.41 -2.92 8.54
C THR A 70 12.80 -2.57 7.19
N PHE A 71 13.33 -3.18 6.12
CA PHE A 71 12.83 -2.94 4.78
C PHE A 71 11.48 -3.62 4.57
N TYR A 72 10.63 -3.00 3.77
CA TYR A 72 9.31 -3.53 3.48
C TYR A 72 8.90 -3.25 2.03
N ASN A 73 8.09 -4.14 1.47
CA ASN A 73 7.62 -3.99 0.09
C ASN A 73 6.11 -4.10 0.02
N ILE A 74 5.45 -2.95 -0.11
CA ILE A 74 3.99 -2.93 -0.20
C ILE A 74 3.52 -2.93 -1.65
N THR A 75 2.35 -3.51 -1.89
CA THR A 75 1.79 -3.58 -3.23
C THR A 75 0.27 -3.44 -3.21
N VAL A 76 -0.22 -2.34 -3.77
CA VAL A 76 -1.65 -2.08 -3.81
C VAL A 76 -2.22 -2.38 -5.19
N CYS A 77 -2.95 -3.48 -5.30
CA CYS A 77 -3.55 -3.88 -6.57
C CYS A 77 -5.07 -3.75 -6.52
N PRO A 78 -5.61 -2.86 -7.36
CA PRO A 78 -7.06 -2.62 -7.43
C PRO A 78 -7.82 -3.80 -8.03
N VAL A 79 -9.06 -3.97 -7.60
CA VAL A 79 -9.89 -5.06 -8.10
C VAL A 79 -11.37 -4.69 -8.05
N LEU A 80 -12.03 -4.73 -9.21
CA LEU A 80 -13.45 -4.40 -9.30
C LEU A 80 -14.30 -5.67 -9.40
N GLY A 81 -14.02 -6.64 -8.54
CA GLY A 81 -14.76 -7.88 -8.55
C GLY A 81 -14.04 -8.97 -9.32
N ASP A 82 -14.12 -8.91 -10.65
CA ASP A 82 -13.49 -9.90 -11.51
C ASP A 82 -12.46 -9.24 -12.42
N ILE A 83 -11.81 -8.20 -11.92
CA ILE A 83 -10.81 -7.49 -12.71
C ILE A 83 -9.52 -7.31 -11.91
N GLU A 84 -8.40 -7.21 -12.63
CA GLU A 84 -7.10 -7.03 -11.99
C GLU A 84 -6.30 -5.94 -12.68
N GLY A 85 -6.19 -4.78 -12.03
CA GLY A 85 -5.45 -3.68 -12.60
C GLY A 85 -3.96 -3.80 -12.38
N THR A 86 -3.27 -2.66 -12.31
CA THR A 86 -1.83 -2.65 -12.10
C THR A 86 -1.49 -2.40 -10.63
N PRO A 87 -0.74 -3.33 -10.04
CA PRO A 87 -0.31 -3.22 -8.63
C PRO A 87 0.71 -2.10 -8.41
N GLY A 88 0.40 -1.21 -7.46
CA GLY A 88 1.29 -0.11 -7.16
C GLY A 88 2.33 -0.47 -6.12
N PHE A 89 3.60 -0.41 -6.50
CA PHE A 89 4.70 -0.74 -5.59
C PHE A 89 5.28 0.53 -4.97
N LEU A 90 5.68 0.43 -3.71
CA LEU A 90 6.26 1.57 -3.00
C LEU A 90 7.11 1.11 -1.82
N GLN A 91 8.42 1.30 -1.92
CA GLN A 91 9.34 0.90 -0.86
C GLN A 91 9.26 1.88 0.31
N VAL A 92 9.37 1.35 1.53
CA VAL A 92 9.32 2.17 2.73
C VAL A 92 10.35 1.71 3.75
N HIS A 93 10.91 2.67 4.49
CA HIS A 93 11.92 2.37 5.50
C HIS A 93 11.47 2.88 6.87
N THR A 94 10.97 1.97 7.70
CA THR A 94 10.51 2.32 9.04
C THR A 94 11.59 3.07 9.81
N PRO A 95 11.18 4.10 10.56
CA PRO A 95 12.10 4.92 11.35
C PRO A 95 12.67 4.17 12.54
N PRO A 96 13.92 4.49 12.91
CA PRO A 96 14.60 3.85 14.04
C PRO A 96 14.01 4.24 15.38
N VAL A 97 13.73 3.25 16.22
CA VAL A 97 13.16 3.50 17.53
C VAL A 97 13.97 4.54 18.30
N PRO A 98 13.31 5.63 18.69
CA PRO A 98 13.95 6.73 19.43
C PRO A 98 14.31 6.32 20.86
N SER A 99 14.07 5.04 21.19
CA SER A 99 14.38 4.54 22.52
C SER A 99 15.76 4.99 22.98
N GLY A 100 15.83 5.47 24.22
CA GLY A 100 17.10 5.94 24.75
C GLY A 100 17.23 5.64 26.24
N PRO A 101 18.38 6.05 26.82
CA PRO A 101 18.65 5.83 28.24
C PRO A 101 17.77 6.69 29.15
N SER A 102 17.00 7.59 28.53
CA SER A 102 16.10 8.46 29.28
C SER A 102 14.99 7.68 29.95
N SER A 103 15.24 7.22 31.16
CA SER A 103 14.26 6.44 31.91
C SER A 103 13.65 7.27 33.05
N GLY A 104 12.33 7.36 33.06
CA GLY A 104 11.64 8.13 34.09
C GLY A 104 10.70 9.16 33.52
N GLY A 1 -10.11 -0.54 -27.60
CA GLY A 1 -10.11 -0.16 -29.01
C GLY A 1 -11.50 0.13 -29.53
N SER A 2 -11.93 -0.65 -30.52
CA SER A 2 -13.25 -0.47 -31.11
C SER A 2 -14.35 -0.75 -30.10
N SER A 3 -14.19 -1.81 -29.33
CA SER A 3 -15.16 -2.19 -28.31
C SER A 3 -14.52 -2.25 -26.93
N GLY A 4 -15.31 -1.95 -25.91
CA GLY A 4 -14.80 -1.96 -24.54
C GLY A 4 -15.52 -0.99 -23.64
N SER A 5 -15.67 -1.35 -22.37
CA SER A 5 -16.34 -0.49 -21.40
C SER A 5 -15.43 -0.16 -20.23
N SER A 6 -15.01 -1.19 -19.51
CA SER A 6 -14.13 -1.02 -18.36
C SER A 6 -12.68 -0.86 -18.80
N GLY A 7 -12.05 0.23 -18.38
CA GLY A 7 -10.67 0.49 -18.74
C GLY A 7 -9.69 -0.30 -17.88
N ALA A 8 -8.41 0.00 -18.04
CA ALA A 8 -7.37 -0.68 -17.26
C ALA A 8 -7.00 0.13 -16.02
N ILE A 9 -7.56 -0.27 -14.88
CA ILE A 9 -7.28 0.42 -13.62
C ILE A 9 -5.79 0.40 -13.30
N GLN A 10 -5.25 1.57 -12.97
CA GLN A 10 -3.83 1.70 -12.64
C GLN A 10 -3.63 2.63 -11.45
N VAL A 11 -2.94 2.13 -10.43
CA VAL A 11 -2.68 2.91 -9.23
C VAL A 11 -1.41 3.73 -9.37
N PHE A 12 -1.51 5.03 -9.12
CA PHE A 12 -0.36 5.93 -9.23
C PHE A 12 -0.30 6.89 -8.05
N ASP A 13 0.80 7.61 -7.93
CA ASP A 13 0.98 8.57 -6.85
C ASP A 13 1.00 7.86 -5.50
N VAL A 14 1.57 6.66 -5.48
CA VAL A 14 1.66 5.88 -4.25
C VAL A 14 2.70 6.46 -3.30
N THR A 15 2.24 6.86 -2.12
CA THR A 15 3.14 7.44 -1.12
C THR A 15 2.62 7.18 0.28
N ALA A 16 3.51 7.29 1.27
CA ALA A 16 3.15 7.06 2.67
C ALA A 16 2.96 8.39 3.41
N VAL A 17 1.71 8.78 3.60
CA VAL A 17 1.39 10.02 4.29
C VAL A 17 2.15 10.13 5.61
N ASN A 18 2.29 9.00 6.30
CA ASN A 18 3.00 8.97 7.58
C ASN A 18 3.62 7.60 7.81
N ILE A 19 4.86 7.59 8.30
CA ILE A 19 5.56 6.34 8.57
C ILE A 19 6.06 6.30 10.01
N SER A 20 5.39 5.52 10.84
CA SER A 20 5.76 5.39 12.25
C SER A 20 6.62 4.16 12.47
N ALA A 21 6.94 3.89 13.73
CA ALA A 21 7.76 2.73 14.08
C ALA A 21 6.95 1.44 14.00
N THR A 22 5.75 1.46 14.57
CA THR A 22 4.89 0.29 14.57
C THR A 22 3.60 0.56 13.80
N SER A 23 3.68 1.42 12.79
CA SER A 23 2.52 1.77 11.98
C SER A 23 2.92 2.65 10.80
N LEU A 24 2.18 2.53 9.71
CA LEU A 24 2.46 3.31 8.51
C LEU A 24 1.21 3.44 7.64
N THR A 25 0.82 4.67 7.36
CA THR A 25 -0.36 4.92 6.53
C THR A 25 0.02 5.04 5.06
N LEU A 26 -0.57 4.18 4.23
CA LEU A 26 -0.31 4.19 2.81
C LEU A 26 -1.41 4.91 2.04
N ILE A 27 -1.03 5.63 0.99
CA ILE A 27 -1.99 6.36 0.19
C ILE A 27 -1.64 6.26 -1.30
N TRP A 28 -2.67 6.31 -2.15
CA TRP A 28 -2.48 6.23 -3.59
C TRP A 28 -3.64 6.89 -4.33
N LYS A 29 -3.39 7.25 -5.58
CA LYS A 29 -4.41 7.90 -6.40
C LYS A 29 -4.83 6.99 -7.56
N VAL A 30 -6.14 6.85 -7.75
CA VAL A 30 -6.67 6.01 -8.82
C VAL A 30 -7.03 6.85 -10.05
N SER A 31 -7.07 6.20 -11.20
CA SER A 31 -7.40 6.88 -12.45
C SER A 31 -8.78 6.48 -12.95
N ASP A 32 -9.73 6.43 -12.03
CA ASP A 32 -11.11 6.06 -12.36
C ASP A 32 -12.02 6.19 -11.15
N ASN A 33 -12.95 7.14 -11.22
CA ASN A 33 -13.89 7.37 -10.12
C ASN A 33 -15.33 7.19 -10.60
N GLU A 34 -15.51 6.35 -11.61
CA GLU A 34 -16.84 6.08 -12.15
C GLU A 34 -17.54 4.99 -11.36
N SER A 35 -16.89 3.83 -11.26
CA SER A 35 -17.46 2.69 -10.54
C SER A 35 -16.67 2.42 -9.26
N SER A 36 -16.15 3.48 -8.65
CA SER A 36 -15.37 3.36 -7.42
C SER A 36 -16.29 3.14 -6.22
N SER A 37 -17.23 2.21 -6.36
CA SER A 37 -18.17 1.91 -5.28
C SER A 37 -17.67 0.75 -4.43
N ASN A 38 -17.35 -0.37 -5.08
CA ASN A 38 -16.86 -1.55 -4.38
C ASN A 38 -15.39 -1.82 -4.73
N TYR A 39 -14.61 -0.75 -4.82
CA TYR A 39 -13.20 -0.86 -5.15
C TYR A 39 -12.40 -1.34 -3.94
N THR A 40 -11.63 -2.40 -4.13
CA THR A 40 -10.82 -2.95 -3.05
C THR A 40 -9.33 -2.77 -3.34
N TYR A 41 -8.49 -2.97 -2.32
CA TYR A 41 -7.05 -2.83 -2.47
C TYR A 41 -6.32 -3.89 -1.65
N LYS A 42 -5.60 -4.76 -2.34
CA LYS A 42 -4.85 -5.82 -1.68
C LYS A 42 -3.41 -5.37 -1.39
N ILE A 43 -3.17 -4.95 -0.15
CA ILE A 43 -1.85 -4.50 0.27
C ILE A 43 -1.00 -5.66 0.77
N HIS A 44 -0.15 -6.18 -0.09
CA HIS A 44 0.72 -7.29 0.27
C HIS A 44 1.98 -6.80 0.98
N VAL A 45 2.10 -7.14 2.26
CA VAL A 45 3.25 -6.73 3.06
C VAL A 45 4.32 -7.81 3.07
N ALA A 46 5.54 -7.43 2.72
CA ALA A 46 6.66 -8.37 2.70
C ALA A 46 7.75 -7.95 3.69
N GLY A 47 7.82 -8.65 4.81
CA GLY A 47 8.82 -8.34 5.82
C GLY A 47 10.08 -9.16 5.66
N GLU A 48 10.95 -9.11 6.67
CA GLU A 48 12.20 -9.87 6.64
C GLU A 48 12.01 -11.24 7.28
N THR A 49 11.00 -11.37 8.11
CA THR A 49 10.71 -12.63 8.79
C THR A 49 9.60 -13.40 8.09
N ASP A 50 8.52 -12.70 7.76
CA ASP A 50 7.38 -13.31 7.09
C ASP A 50 6.60 -12.27 6.29
N SER A 51 5.61 -12.74 5.53
CA SER A 51 4.79 -11.84 4.72
C SER A 51 3.31 -12.02 5.06
N SER A 52 2.48 -11.12 4.53
CA SER A 52 1.04 -11.16 4.78
C SER A 52 0.29 -10.36 3.73
N ASN A 53 -1.03 -10.54 3.68
CA ASN A 53 -1.87 -9.84 2.73
C ASN A 53 -2.94 -9.01 3.44
N LEU A 54 -3.24 -7.84 2.90
CA LEU A 54 -4.24 -6.96 3.47
C LEU A 54 -5.43 -6.78 2.53
N ASN A 55 -6.51 -6.21 3.04
CA ASN A 55 -7.71 -5.98 2.24
C ASN A 55 -8.52 -4.82 2.80
N VAL A 56 -8.81 -3.84 1.95
CA VAL A 56 -9.58 -2.67 2.36
C VAL A 56 -10.53 -2.22 1.25
N SER A 57 -11.25 -1.14 1.50
CA SER A 57 -12.20 -0.61 0.52
C SER A 57 -11.93 0.86 0.25
N GLU A 58 -10.82 1.37 0.79
CA GLU A 58 -10.45 2.76 0.61
C GLU A 58 -9.07 2.88 -0.06
N PRO A 59 -8.79 4.06 -0.62
CA PRO A 59 -7.51 4.33 -1.30
C PRO A 59 -6.35 4.41 -0.32
N ARG A 60 -6.63 4.14 0.95
CA ARG A 60 -5.60 4.19 1.99
C ARG A 60 -5.68 2.96 2.89
N ALA A 61 -4.55 2.57 3.46
CA ALA A 61 -4.49 1.41 4.34
C ALA A 61 -3.25 1.45 5.23
N VAL A 62 -3.48 1.49 6.54
CA VAL A 62 -2.38 1.53 7.50
C VAL A 62 -2.01 0.13 7.98
N ILE A 63 -0.72 -0.07 8.25
CA ILE A 63 -0.24 -1.37 8.71
C ILE A 63 0.28 -1.28 10.15
N PRO A 64 -0.55 -1.69 11.11
CA PRO A 64 -0.19 -1.67 12.53
C PRO A 64 0.88 -2.70 12.88
N GLY A 65 1.30 -2.70 14.13
CA GLY A 65 2.32 -3.64 14.57
C GLY A 65 3.41 -3.84 13.54
N LEU A 66 4.15 -2.78 13.25
CA LEU A 66 5.23 -2.84 12.27
C LEU A 66 6.59 -2.88 12.95
N ARG A 67 7.61 -3.35 12.23
CA ARG A 67 8.95 -3.44 12.76
C ARG A 67 9.78 -2.22 12.35
N SER A 68 10.62 -1.74 13.28
CA SER A 68 11.46 -0.59 13.01
C SER A 68 12.75 -1.00 12.32
N SER A 69 13.42 -0.04 11.69
CA SER A 69 14.67 -0.30 10.99
C SER A 69 14.59 -1.62 10.22
N THR A 70 13.56 -1.77 9.39
CA THR A 70 13.37 -2.98 8.61
C THR A 70 12.78 -2.67 7.25
N PHE A 71 13.33 -3.27 6.20
CA PHE A 71 12.85 -3.05 4.85
C PHE A 71 11.50 -3.74 4.63
N TYR A 72 10.65 -3.10 3.85
CA TYR A 72 9.32 -3.64 3.56
C TYR A 72 8.94 -3.42 2.10
N ASN A 73 8.06 -4.27 1.58
CA ASN A 73 7.62 -4.17 0.20
C ASN A 73 6.10 -4.24 0.12
N ILE A 74 5.46 -3.10 -0.07
CA ILE A 74 4.01 -3.04 -0.18
C ILE A 74 3.56 -3.06 -1.63
N THR A 75 2.40 -3.68 -1.89
CA THR A 75 1.87 -3.76 -3.24
C THR A 75 0.36 -3.56 -3.24
N VAL A 76 -0.07 -2.39 -3.70
CA VAL A 76 -1.50 -2.07 -3.75
C VAL A 76 -2.09 -2.44 -5.11
N CYS A 77 -2.98 -3.41 -5.11
CA CYS A 77 -3.63 -3.86 -6.34
C CYS A 77 -5.15 -3.69 -6.26
N PRO A 78 -5.68 -2.77 -7.07
CA PRO A 78 -7.12 -2.49 -7.11
C PRO A 78 -7.92 -3.64 -7.71
N VAL A 79 -9.09 -3.91 -7.13
CA VAL A 79 -9.95 -4.99 -7.62
C VAL A 79 -11.42 -4.59 -7.55
N LEU A 80 -12.00 -4.30 -8.72
CA LEU A 80 -13.40 -3.91 -8.79
C LEU A 80 -14.32 -5.13 -8.75
N GLY A 81 -14.04 -6.09 -9.64
CA GLY A 81 -14.86 -7.30 -9.68
C GLY A 81 -14.08 -8.49 -10.24
N ASP A 82 -13.65 -8.38 -11.48
CA ASP A 82 -12.90 -9.46 -12.11
C ASP A 82 -11.65 -8.91 -12.82
N ILE A 83 -11.27 -7.70 -12.45
CA ILE A 83 -10.09 -7.07 -13.05
C ILE A 83 -9.05 -6.74 -11.98
N GLU A 84 -7.77 -6.79 -12.37
CA GLU A 84 -6.69 -6.50 -11.45
C GLU A 84 -5.78 -5.40 -12.01
N GLY A 85 -6.09 -4.16 -11.68
CA GLY A 85 -5.30 -3.03 -12.17
C GLY A 85 -3.82 -3.22 -11.88
N THR A 86 -3.02 -2.23 -12.26
CA THR A 86 -1.58 -2.28 -12.07
C THR A 86 -1.22 -2.08 -10.60
N PRO A 87 -0.49 -3.04 -10.02
CA PRO A 87 -0.07 -2.99 -8.62
C PRO A 87 0.98 -1.91 -8.38
N GLY A 88 0.66 -0.97 -7.48
CA GLY A 88 1.59 0.11 -7.17
C GLY A 88 2.60 -0.29 -6.13
N PHE A 89 3.88 -0.30 -6.51
CA PHE A 89 4.95 -0.67 -5.59
C PHE A 89 5.61 0.57 -5.00
N LEU A 90 5.98 0.49 -3.73
CA LEU A 90 6.63 1.61 -3.05
C LEU A 90 7.51 1.11 -1.90
N GLN A 91 8.80 1.37 -2.02
CA GLN A 91 9.76 0.95 -0.99
C GLN A 91 9.69 1.87 0.23
N VAL A 92 9.56 1.27 1.40
CA VAL A 92 9.48 2.03 2.64
C VAL A 92 10.51 1.53 3.66
N HIS A 93 11.02 2.45 4.47
CA HIS A 93 12.01 2.10 5.50
C HIS A 93 11.62 2.69 6.85
N THR A 94 11.10 1.84 7.72
CA THR A 94 10.69 2.28 9.06
C THR A 94 11.85 2.94 9.80
N PRO A 95 11.53 4.01 10.55
CA PRO A 95 12.54 4.75 11.32
C PRO A 95 13.06 3.95 12.51
N PRO A 96 14.13 4.45 13.14
CA PRO A 96 14.75 3.79 14.29
C PRO A 96 13.87 3.86 15.54
N VAL A 97 13.68 2.73 16.19
CA VAL A 97 12.88 2.66 17.40
C VAL A 97 13.60 3.28 18.59
N PRO A 98 12.92 4.20 19.29
CA PRO A 98 13.48 4.88 20.46
C PRO A 98 13.64 3.94 21.65
N SER A 99 14.83 3.91 22.23
CA SER A 99 15.12 3.06 23.37
C SER A 99 15.88 3.82 24.45
N GLY A 100 15.49 3.63 25.70
CA GLY A 100 16.15 4.31 26.80
C GLY A 100 15.26 4.41 28.03
N PRO A 101 15.64 5.30 28.96
CA PRO A 101 14.89 5.51 30.20
C PRO A 101 13.55 6.19 29.96
N SER A 102 12.81 6.42 31.03
CA SER A 102 11.50 7.06 30.94
C SER A 102 11.52 8.20 29.92
N SER A 103 12.51 9.07 30.05
CA SER A 103 12.64 10.20 29.13
C SER A 103 12.23 9.81 27.71
N GLY A 104 12.75 8.68 27.25
CA GLY A 104 12.42 8.20 25.92
C GLY A 104 12.99 9.10 24.83
N GLY A 1 -0.56 6.00 -33.46
CA GLY A 1 -1.65 5.09 -33.18
C GLY A 1 -3.01 5.75 -33.38
N SER A 2 -3.51 6.39 -32.32
CA SER A 2 -4.80 7.07 -32.38
C SER A 2 -5.88 6.12 -32.89
N SER A 3 -5.84 4.88 -32.42
CA SER A 3 -6.82 3.87 -32.84
C SER A 3 -7.07 2.87 -31.72
N GLY A 4 -8.32 2.75 -31.31
CA GLY A 4 -8.67 1.82 -30.26
C GLY A 4 -8.11 2.23 -28.91
N SER A 5 -8.78 3.17 -28.25
CA SER A 5 -8.34 3.66 -26.95
C SER A 5 -8.90 2.79 -25.83
N SER A 6 -8.04 1.98 -25.24
CA SER A 6 -8.44 1.10 -24.15
C SER A 6 -8.04 1.66 -22.80
N GLY A 7 -8.66 1.16 -21.74
CA GLY A 7 -8.37 1.64 -20.40
C GLY A 7 -8.26 0.51 -19.39
N ALA A 8 -7.44 0.72 -18.37
CA ALA A 8 -7.25 -0.29 -17.33
C ALA A 8 -6.94 0.35 -15.98
N ILE A 9 -7.66 -0.05 -14.95
CA ILE A 9 -7.45 0.49 -13.61
C ILE A 9 -5.99 0.42 -13.21
N GLN A 10 -5.37 1.58 -13.03
CA GLN A 10 -3.97 1.65 -12.64
C GLN A 10 -3.78 2.55 -11.43
N VAL A 11 -2.92 2.13 -10.50
CA VAL A 11 -2.65 2.90 -9.30
C VAL A 11 -1.36 3.71 -9.44
N PHE A 12 -1.46 5.01 -9.17
CA PHE A 12 -0.31 5.90 -9.26
C PHE A 12 -0.27 6.86 -8.09
N ASP A 13 0.88 7.50 -7.89
CA ASP A 13 1.05 8.46 -6.80
C ASP A 13 1.12 7.74 -5.46
N VAL A 14 1.69 6.54 -5.46
CA VAL A 14 1.82 5.75 -4.25
C VAL A 14 2.85 6.36 -3.30
N THR A 15 2.39 6.83 -2.15
CA THR A 15 3.26 7.44 -1.16
C THR A 15 2.75 7.21 0.26
N ALA A 16 3.62 7.40 1.24
CA ALA A 16 3.26 7.21 2.63
C ALA A 16 3.03 8.55 3.33
N VAL A 17 1.77 8.83 3.67
CA VAL A 17 1.41 10.08 4.33
C VAL A 17 2.04 10.16 5.72
N ASN A 18 2.28 8.99 6.33
CA ASN A 18 2.87 8.93 7.65
C ASN A 18 3.48 7.56 7.91
N ILE A 19 4.72 7.55 8.40
CA ILE A 19 5.42 6.30 8.69
C ILE A 19 5.89 6.26 10.13
N SER A 20 5.41 5.28 10.89
CA SER A 20 5.79 5.14 12.29
C SER A 20 6.65 3.89 12.50
N ALA A 21 6.95 3.60 13.75
CA ALA A 21 7.76 2.43 14.09
C ALA A 21 6.97 1.14 13.93
N THR A 22 5.85 1.05 14.65
CA THR A 22 5.00 -0.13 14.60
C THR A 22 3.71 0.17 13.84
N SER A 23 3.79 1.08 12.87
CA SER A 23 2.62 1.45 12.07
C SER A 23 3.03 2.37 10.94
N LEU A 24 2.26 2.33 9.85
CA LEU A 24 2.54 3.17 8.69
C LEU A 24 1.30 3.32 7.81
N THR A 25 0.97 4.55 7.45
CA THR A 25 -0.19 4.82 6.62
C THR A 25 0.19 4.92 5.15
N LEU A 26 -0.48 4.12 4.32
CA LEU A 26 -0.20 4.12 2.88
C LEU A 26 -1.30 4.83 2.11
N ILE A 27 -0.94 5.46 1.00
CA ILE A 27 -1.89 6.19 0.18
C ILE A 27 -1.55 6.06 -1.31
N TRP A 28 -2.55 6.22 -2.16
CA TRP A 28 -2.35 6.13 -3.59
C TRP A 28 -3.50 6.79 -4.35
N LYS A 29 -3.21 7.25 -5.57
CA LYS A 29 -4.23 7.91 -6.39
C LYS A 29 -4.69 6.99 -7.52
N VAL A 30 -6.01 6.87 -7.67
CA VAL A 30 -6.58 6.03 -8.71
C VAL A 30 -6.94 6.84 -9.94
N SER A 31 -7.05 6.16 -11.08
CA SER A 31 -7.38 6.83 -12.34
C SER A 31 -8.78 6.44 -12.80
N ASP A 32 -9.70 7.40 -12.74
CA ASP A 32 -11.07 7.16 -13.15
C ASP A 32 -11.76 6.16 -12.22
N ASN A 33 -11.75 6.47 -10.92
CA ASN A 33 -12.36 5.62 -9.92
C ASN A 33 -13.77 6.11 -9.58
N GLU A 34 -14.35 6.90 -10.48
CA GLU A 34 -15.69 7.43 -10.27
C GLU A 34 -16.68 6.30 -9.95
N SER A 35 -16.28 5.07 -10.24
CA SER A 35 -17.12 3.91 -9.98
C SER A 35 -16.55 3.05 -8.87
N SER A 36 -16.00 3.71 -7.84
CA SER A 36 -15.42 3.00 -6.71
C SER A 36 -16.50 2.51 -5.75
N SER A 37 -17.54 1.90 -6.31
CA SER A 37 -18.65 1.39 -5.50
C SER A 37 -18.19 0.23 -4.63
N ASN A 38 -17.50 -0.73 -5.24
CA ASN A 38 -17.00 -1.90 -4.51
C ASN A 38 -15.50 -2.08 -4.73
N TYR A 39 -14.81 -0.98 -5.01
CA TYR A 39 -13.38 -1.02 -5.24
C TYR A 39 -12.63 -1.49 -3.99
N THR A 40 -11.65 -2.36 -4.19
CA THR A 40 -10.86 -2.89 -3.09
C THR A 40 -9.37 -2.75 -3.36
N TYR A 41 -8.57 -2.84 -2.30
CA TYR A 41 -7.12 -2.73 -2.43
C TYR A 41 -6.41 -3.76 -1.58
N LYS A 42 -5.66 -4.65 -2.22
CA LYS A 42 -4.93 -5.69 -1.53
C LYS A 42 -3.48 -5.27 -1.27
N ILE A 43 -3.22 -4.82 -0.04
CA ILE A 43 -1.88 -4.39 0.34
C ILE A 43 -1.06 -5.55 0.88
N HIS A 44 -0.25 -6.16 0.02
CA HIS A 44 0.60 -7.28 0.42
C HIS A 44 1.91 -6.78 1.03
N VAL A 45 2.13 -7.12 2.29
CA VAL A 45 3.34 -6.72 2.99
C VAL A 45 4.43 -7.79 2.87
N ALA A 46 5.68 -7.35 2.75
CA ALA A 46 6.81 -8.27 2.64
C ALA A 46 7.92 -7.89 3.60
N GLY A 47 8.05 -8.64 4.68
CA GLY A 47 9.09 -8.36 5.66
C GLY A 47 10.03 -9.53 5.86
N GLU A 48 11.32 -9.23 6.00
CA GLU A 48 12.33 -10.27 6.19
C GLU A 48 11.80 -11.39 7.08
N THR A 49 10.97 -11.02 8.05
CA THR A 49 10.40 -11.99 8.98
C THR A 49 9.31 -12.81 8.30
N ASP A 50 8.40 -12.13 7.61
CA ASP A 50 7.31 -12.81 6.91
C ASP A 50 6.53 -11.83 6.05
N SER A 51 5.52 -12.34 5.34
CA SER A 51 4.70 -11.51 4.47
C SER A 51 3.21 -11.74 4.74
N SER A 52 2.42 -10.69 4.57
CA SER A 52 0.98 -10.79 4.80
C SER A 52 0.22 -10.04 3.72
N ASN A 53 -1.11 -10.17 3.73
CA ASN A 53 -1.97 -9.52 2.75
C ASN A 53 -3.05 -8.69 3.44
N LEU A 54 -3.30 -7.49 2.92
CA LEU A 54 -4.31 -6.61 3.48
C LEU A 54 -5.50 -6.47 2.54
N ASN A 55 -6.59 -5.89 3.03
CA ASN A 55 -7.79 -5.70 2.23
C ASN A 55 -8.60 -4.51 2.74
N VAL A 56 -8.97 -3.62 1.82
CA VAL A 56 -9.75 -2.44 2.19
C VAL A 56 -10.55 -1.93 1.00
N SER A 57 -11.32 -0.87 1.21
CA SER A 57 -12.14 -0.28 0.15
C SER A 57 -11.69 1.14 -0.15
N GLU A 58 -10.81 1.67 0.70
CA GLU A 58 -10.30 3.03 0.51
C GLU A 58 -8.90 3.01 -0.09
N PRO A 59 -8.52 4.11 -0.74
CA PRO A 59 -7.20 4.25 -1.37
C PRO A 59 -6.07 4.35 -0.35
N ARG A 60 -6.42 4.21 0.92
CA ARG A 60 -5.45 4.28 2.00
C ARG A 60 -5.58 3.09 2.95
N ALA A 61 -4.48 2.70 3.57
CA ALA A 61 -4.48 1.58 4.50
C ALA A 61 -3.24 1.60 5.39
N VAL A 62 -3.45 1.48 6.70
CA VAL A 62 -2.35 1.48 7.65
C VAL A 62 -1.94 0.06 8.02
N ILE A 63 -0.64 -0.15 8.19
CA ILE A 63 -0.12 -1.46 8.55
C ILE A 63 0.34 -1.49 10.00
N PRO A 64 -0.51 -2.03 10.88
CA PRO A 64 -0.22 -2.14 12.31
C PRO A 64 0.87 -3.16 12.60
N GLY A 65 1.20 -3.32 13.88
CA GLY A 65 2.22 -4.27 14.28
C GLY A 65 3.38 -4.31 13.29
N LEU A 66 4.06 -3.18 13.12
CA LEU A 66 5.19 -3.09 12.20
C LEU A 66 6.50 -3.03 12.97
N ARG A 67 7.61 -3.07 12.23
CA ARG A 67 8.94 -3.00 12.84
C ARG A 67 9.63 -1.69 12.50
N SER A 68 10.73 -1.42 13.19
CA SER A 68 11.49 -0.19 12.96
C SER A 68 12.83 -0.49 12.30
N SER A 69 13.35 0.47 11.55
CA SER A 69 14.62 0.31 10.85
C SER A 69 14.67 -1.02 10.12
N THR A 70 13.60 -1.33 9.38
CA THR A 70 13.52 -2.58 8.64
C THR A 70 12.93 -2.35 7.25
N PHE A 71 13.50 -3.02 6.26
CA PHE A 71 13.04 -2.89 4.88
C PHE A 71 11.67 -3.55 4.69
N TYR A 72 10.84 -2.95 3.87
CA TYR A 72 9.50 -3.47 3.60
C TYR A 72 9.12 -3.29 2.14
N ASN A 73 8.23 -4.14 1.64
CA ASN A 73 7.78 -4.07 0.26
C ASN A 73 6.26 -4.17 0.18
N ILE A 74 5.61 -3.04 -0.03
CA ILE A 74 4.15 -3.00 -0.13
C ILE A 74 3.70 -3.04 -1.59
N THR A 75 2.48 -3.53 -1.81
CA THR A 75 1.94 -3.61 -3.15
C THR A 75 0.42 -3.46 -3.14
N VAL A 76 -0.06 -2.33 -3.67
CA VAL A 76 -1.49 -2.06 -3.72
C VAL A 76 -2.08 -2.43 -5.07
N CYS A 77 -3.02 -3.37 -5.07
CA CYS A 77 -3.66 -3.81 -6.30
C CYS A 77 -5.17 -3.63 -6.23
N PRO A 78 -5.70 -2.71 -7.06
CA PRO A 78 -7.12 -2.42 -7.10
C PRO A 78 -7.94 -3.57 -7.69
N VAL A 79 -9.11 -3.82 -7.12
CA VAL A 79 -9.98 -4.88 -7.59
C VAL A 79 -11.44 -4.46 -7.56
N LEU A 80 -12.03 -4.30 -8.74
CA LEU A 80 -13.43 -3.90 -8.86
C LEU A 80 -14.36 -5.08 -8.63
N GLY A 81 -13.97 -6.25 -9.13
CA GLY A 81 -14.77 -7.44 -8.97
C GLY A 81 -14.12 -8.67 -9.55
N ASP A 82 -13.91 -8.67 -10.86
CA ASP A 82 -13.29 -9.80 -11.54
C ASP A 82 -12.10 -9.33 -12.38
N ILE A 83 -11.56 -8.16 -12.05
CA ILE A 83 -10.43 -7.61 -12.77
C ILE A 83 -9.30 -7.23 -11.81
N GLU A 84 -8.08 -7.17 -12.33
CA GLU A 84 -6.92 -6.82 -11.53
C GLU A 84 -6.08 -5.74 -12.21
N GLY A 85 -6.04 -4.57 -11.60
CA GLY A 85 -5.27 -3.47 -12.17
C GLY A 85 -3.79 -3.59 -11.87
N THR A 86 -3.03 -2.56 -12.26
CA THR A 86 -1.59 -2.56 -12.03
C THR A 86 -1.26 -2.30 -10.57
N PRO A 87 -0.52 -3.24 -9.95
CA PRO A 87 -0.12 -3.13 -8.55
C PRO A 87 0.90 -2.03 -8.32
N GLY A 88 0.58 -1.09 -7.43
CA GLY A 88 1.48 0.00 -7.14
C GLY A 88 2.51 -0.36 -6.08
N PHE A 89 3.77 -0.38 -6.48
CA PHE A 89 4.86 -0.73 -5.57
C PHE A 89 5.53 0.53 -5.02
N LEU A 90 5.97 0.48 -3.77
CA LEU A 90 6.62 1.60 -3.13
C LEU A 90 7.50 1.15 -1.97
N GLN A 91 8.81 1.41 -2.08
CA GLN A 91 9.75 1.02 -1.05
C GLN A 91 9.67 1.96 0.14
N VAL A 92 9.63 1.39 1.35
CA VAL A 92 9.55 2.18 2.56
C VAL A 92 10.54 1.67 3.62
N HIS A 93 11.09 2.60 4.40
CA HIS A 93 12.05 2.24 5.44
C HIS A 93 11.59 2.76 6.80
N THR A 94 10.98 1.90 7.59
CA THR A 94 10.49 2.27 8.91
C THR A 94 11.60 2.91 9.74
N PRO A 95 11.23 3.93 10.53
CA PRO A 95 12.18 4.66 11.39
C PRO A 95 12.67 3.80 12.55
N PRO A 96 13.80 4.20 13.15
CA PRO A 96 14.40 3.48 14.28
C PRO A 96 13.57 3.61 15.56
N VAL A 97 13.34 2.49 16.22
CA VAL A 97 12.56 2.48 17.45
C VAL A 97 13.40 2.96 18.64
N PRO A 98 12.80 3.82 19.47
CA PRO A 98 13.47 4.37 20.66
C PRO A 98 13.69 3.31 21.75
N SER A 99 13.40 2.06 21.41
CA SER A 99 13.55 0.96 22.35
C SER A 99 15.02 0.58 22.50
N GLY A 100 15.86 1.58 22.76
CA GLY A 100 17.28 1.33 22.92
C GLY A 100 18.08 2.61 23.10
N PRO A 101 18.90 2.65 24.16
CA PRO A 101 19.74 3.83 24.46
C PRO A 101 20.86 4.01 23.45
N SER A 102 21.68 5.03 23.68
CA SER A 102 22.80 5.32 22.78
C SER A 102 24.00 4.41 23.09
N SER A 103 24.29 4.25 24.38
CA SER A 103 25.40 3.41 24.82
C SER A 103 24.98 2.51 25.96
N GLY A 104 25.23 1.21 25.81
CA GLY A 104 24.89 0.25 26.83
C GLY A 104 24.59 -1.13 26.28
#